data_1X0P
#
_entry.id   1X0P
#
_cell.length_a   89.511
_cell.length_b   109.850
_cell.length_c   169.875
_cell.angle_alpha   90.00
_cell.angle_beta   90.00
_cell.angle_gamma   90.00
#
_symmetry.space_group_name_H-M   'P 21 21 21'
#
loop_
_entity.id
_entity.type
_entity.pdbx_description
1 polymer 'hypothetical protein Tll0078'
2 non-polymer 'FLAVIN-ADENINE DINUCLEOTIDE'
3 water water
#
_entity_poly.entity_id   1
_entity_poly.type   'polypeptide(L)'
_entity_poly.pdbx_seq_one_letter_code
;MGLHRLIYLSCATDGLSYPDLRDIMAKSEVNNLRDGITGMLCYGNGMFLQTLEGDRQKVSETYARILKDPRHHSAEIVEF
KAIEERTFINWSMRLVQLGEMDSDTIRRLRLKYSPAATFQPRSMTAEQCFRFLKELYDMSQGS
;
_entity_poly.pdbx_strand_id   A,B,C,D,E,F,G,H,I,J
#
loop_
_chem_comp.id
_chem_comp.type
_chem_comp.name
_chem_comp.formula
FAD non-polymer 'FLAVIN-ADENINE DINUCLEOTIDE' 'C27 H33 N9 O15 P2'
#
# COMPACT_ATOMS: atom_id res chain seq x y z
N GLY A 2 -0.33 27.32 -7.03
CA GLY A 2 -1.10 26.06 -7.24
C GLY A 2 -2.50 26.15 -6.67
N LEU A 3 -3.29 25.10 -6.89
CA LEU A 3 -4.66 25.04 -6.41
C LEU A 3 -4.72 24.52 -4.98
N HIS A 4 -5.46 25.21 -4.12
CA HIS A 4 -5.58 24.81 -2.73
C HIS A 4 -7.03 24.88 -2.25
N ARG A 5 -7.26 24.28 -1.09
CA ARG A 5 -8.57 24.34 -0.48
C ARG A 5 -8.46 24.74 0.98
N LEU A 6 -9.29 25.69 1.36
CA LEU A 6 -9.35 26.17 2.72
C LEU A 6 -10.69 25.77 3.30
N ILE A 7 -10.70 25.47 4.59
CA ILE A 7 -11.95 25.17 5.28
C ILE A 7 -11.75 25.80 6.65
N TYR A 8 -12.75 26.55 7.10
CA TYR A 8 -12.69 27.19 8.42
C TYR A 8 -14.10 27.30 8.97
N LEU A 9 -14.21 27.52 10.28
CA LEU A 9 -15.48 27.66 10.96
C LEU A 9 -15.44 28.98 11.77
N SER A 10 -16.60 29.48 12.17
CA SER A 10 -16.67 30.70 12.97
C SER A 10 -18.03 30.78 13.64
N CYS A 11 -18.17 31.69 14.60
CA CYS A 11 -19.44 31.90 15.31
C CYS A 11 -20.09 33.17 14.77
N ALA A 12 -21.36 33.09 14.36
CA ALA A 12 -22.04 34.28 13.85
C ALA A 12 -22.21 35.27 14.99
N THR A 13 -22.04 36.55 14.71
CA THR A 13 -22.19 37.58 15.73
C THR A 13 -23.66 37.72 16.11
N ASP A 14 -23.94 37.80 17.41
CA ASP A 14 -25.31 37.93 17.92
C ASP A 14 -26.11 38.98 17.14
N GLY A 15 -27.31 38.60 16.73
CA GLY A 15 -28.15 39.53 15.98
C GLY A 15 -28.07 39.38 14.48
N LEU A 16 -27.21 38.49 14.00
CA LEU A 16 -27.06 38.26 12.56
C LEU A 16 -28.43 38.19 11.93
N SER A 17 -28.68 39.03 10.92
CA SER A 17 -29.96 39.07 10.25
C SER A 17 -29.90 38.47 8.84
N TYR A 18 -31.07 38.28 8.23
CA TYR A 18 -31.11 37.73 6.88
C TYR A 18 -30.46 38.67 5.89
N PRO A 19 -30.67 39.99 6.03
CA PRO A 19 -30.05 40.92 5.10
C PRO A 19 -28.53 40.78 5.12
N ASP A 20 -27.98 40.53 6.30
CA ASP A 20 -26.53 40.35 6.40
C ASP A 20 -26.04 39.16 5.58
N LEU A 21 -26.78 38.05 5.63
CA LEU A 21 -26.38 36.87 4.86
C LEU A 21 -26.43 37.20 3.37
N ARG A 22 -27.43 37.97 2.96
CA ARG A 22 -27.56 38.34 1.54
C ARG A 22 -26.37 39.19 1.12
N ASP A 23 -25.95 40.09 2.00
CA ASP A 23 -24.83 40.98 1.75
C ASP A 23 -23.55 40.16 1.68
N ILE A 24 -23.36 39.29 2.67
CA ILE A 24 -22.18 38.44 2.67
C ILE A 24 -22.13 37.72 1.33
N MET A 25 -23.23 37.07 0.95
CA MET A 25 -23.27 36.34 -0.31
C MET A 25 -23.04 37.22 -1.53
N ALA A 26 -23.67 38.40 -1.56
CA ALA A 26 -23.51 39.29 -2.70
C ALA A 26 -22.04 39.63 -2.95
N LYS A 27 -21.33 40.06 -1.92
CA LYS A 27 -19.92 40.41 -2.08
C LYS A 27 -19.02 39.21 -2.37
N SER A 28 -19.29 38.09 -1.70
CA SER A 28 -18.49 36.87 -1.87
C SER A 28 -18.52 36.41 -3.31
N GLU A 29 -19.71 36.38 -3.90
CA GLU A 29 -19.88 35.95 -5.26
C GLU A 29 -19.09 36.84 -6.23
N VAL A 30 -19.17 38.14 -6.03
CA VAL A 30 -18.44 39.08 -6.88
C VAL A 30 -16.93 38.93 -6.71
N ASN A 31 -16.47 38.94 -5.46
CA ASN A 31 -15.05 38.83 -5.20
C ASN A 31 -14.49 37.48 -5.63
N ASN A 32 -15.17 36.40 -5.25
CA ASN A 32 -14.69 35.08 -5.60
C ASN A 32 -14.61 34.89 -7.12
N LEU A 33 -15.64 35.34 -7.84
CA LEU A 33 -15.66 35.22 -9.30
C LEU A 33 -14.40 35.91 -9.84
N ARG A 34 -14.13 37.08 -9.29
CA ARG A 34 -12.98 37.89 -9.67
C ARG A 34 -11.68 37.14 -9.35
N ASP A 35 -11.58 36.65 -8.13
CA ASP A 35 -10.37 35.97 -7.69
C ASP A 35 -10.18 34.53 -8.15
N GLY A 36 -11.14 34.00 -8.91
CA GLY A 36 -11.03 32.62 -9.36
C GLY A 36 -11.27 31.65 -8.21
N ILE A 37 -12.06 32.08 -7.24
CA ILE A 37 -12.35 31.26 -6.07
C ILE A 37 -13.78 30.69 -6.13
N THR A 38 -13.94 29.46 -5.66
CA THR A 38 -15.25 28.81 -5.60
C THR A 38 -15.39 28.23 -4.21
N GLY A 39 -16.61 27.91 -3.80
CA GLY A 39 -16.79 27.36 -2.47
C GLY A 39 -18.21 27.16 -2.01
N MET A 40 -18.33 26.84 -0.73
CA MET A 40 -19.62 26.58 -0.09
C MET A 40 -19.64 27.22 1.27
N LEU A 41 -20.80 27.73 1.66
CA LEU A 41 -20.95 28.35 2.95
C LEU A 41 -22.12 27.65 3.65
N CYS A 42 -21.88 27.24 4.88
CA CYS A 42 -22.89 26.57 5.65
C CYS A 42 -23.18 27.38 6.90
N TYR A 43 -24.45 27.55 7.21
CA TYR A 43 -24.83 28.30 8.39
C TYR A 43 -25.92 27.59 9.17
N GLY A 44 -25.65 27.34 10.45
CA GLY A 44 -26.63 26.67 11.28
C GLY A 44 -26.22 26.70 12.73
N ASN A 45 -27.20 26.75 13.58
CA ASN A 45 -26.98 26.76 15.03
C ASN A 45 -26.03 27.89 15.42
N GLY A 46 -26.14 29.01 14.72
CA GLY A 46 -25.29 30.16 15.02
C GLY A 46 -23.83 29.97 14.65
N MET A 47 -23.56 29.03 13.76
CA MET A 47 -22.19 28.75 13.35
C MET A 47 -22.03 28.75 11.84
N PHE A 48 -20.84 29.17 11.40
CA PHE A 48 -20.51 29.17 10.00
C PHE A 48 -19.45 28.10 9.72
N LEU A 49 -19.59 27.40 8.61
CA LEU A 49 -18.60 26.42 8.18
C LEU A 49 -18.48 26.72 6.69
N GLN A 50 -17.30 27.13 6.27
CA GLN A 50 -17.08 27.50 4.89
C GLN A 50 -15.84 26.90 4.27
N THR A 51 -15.88 26.69 2.96
CA THR A 51 -14.72 26.19 2.28
C THR A 51 -14.47 27.01 1.02
N LEU A 52 -13.20 27.30 0.77
CA LEU A 52 -12.80 28.08 -0.38
C LEU A 52 -11.72 27.34 -1.16
N GLU A 53 -11.88 27.28 -2.48
CA GLU A 53 -10.89 26.66 -3.32
C GLU A 53 -10.37 27.73 -4.28
N GLY A 54 -9.09 27.65 -4.59
CA GLY A 54 -8.49 28.62 -5.48
C GLY A 54 -6.99 28.75 -5.25
N ASP A 55 -6.43 29.82 -5.79
CA ASP A 55 -5.00 30.09 -5.67
C ASP A 55 -4.57 30.25 -4.21
N ARG A 56 -3.35 29.85 -3.89
CA ARG A 56 -2.85 29.96 -2.52
C ARG A 56 -2.92 31.41 -2.03
N GLN A 57 -2.41 32.32 -2.84
CA GLN A 57 -2.40 33.73 -2.45
C GLN A 57 -3.80 34.36 -2.31
N LYS A 58 -4.62 34.21 -3.33
CA LYS A 58 -5.98 34.76 -3.32
C LYS A 58 -6.82 34.22 -2.18
N VAL A 59 -6.78 32.91 -1.97
CA VAL A 59 -7.56 32.33 -0.89
C VAL A 59 -7.09 32.85 0.47
N SER A 60 -5.78 32.95 0.64
CA SER A 60 -5.23 33.47 1.89
C SER A 60 -5.71 34.90 2.12
N GLU A 61 -5.63 35.75 1.10
CA GLU A 61 -6.05 37.13 1.25
C GLU A 61 -7.55 37.21 1.55
N THR A 62 -8.34 36.37 0.89
CA THR A 62 -9.78 36.38 1.13
C THR A 62 -10.05 36.02 2.59
N TYR A 63 -9.31 35.05 3.12
CA TYR A 63 -9.50 34.66 4.52
C TYR A 63 -9.13 35.82 5.45
N ALA A 64 -8.03 36.49 5.16
CA ALA A 64 -7.57 37.61 5.98
C ALA A 64 -8.66 38.68 6.02
N ARG A 65 -9.32 38.86 4.88
CA ARG A 65 -10.39 39.85 4.75
C ARG A 65 -11.60 39.41 5.58
N ILE A 66 -11.91 38.13 5.50
CA ILE A 66 -13.02 37.54 6.24
C ILE A 66 -12.81 37.71 7.74
N LEU A 67 -11.57 37.57 8.20
CA LEU A 67 -11.29 37.71 9.62
C LEU A 67 -11.60 39.09 10.16
N LYS A 68 -11.62 40.09 9.29
CA LYS A 68 -11.90 41.47 9.71
C LYS A 68 -13.40 41.75 9.71
N ASP A 69 -14.20 40.79 9.27
CA ASP A 69 -15.64 40.97 9.23
C ASP A 69 -16.25 40.88 10.64
N PRO A 70 -16.90 41.95 11.09
CA PRO A 70 -17.51 41.98 12.43
C PRO A 70 -18.74 41.09 12.60
N ARG A 71 -19.31 40.63 11.49
CA ARG A 71 -20.50 39.79 11.53
C ARG A 71 -20.28 38.35 12.04
N HIS A 72 -19.04 38.03 12.38
CA HIS A 72 -18.73 36.73 12.95
C HIS A 72 -17.46 36.86 13.77
N HIS A 73 -17.16 35.86 14.58
CA HIS A 73 -15.97 35.92 15.42
C HIS A 73 -15.51 34.51 15.80
N SER A 74 -14.39 34.44 16.49
CA SER A 74 -13.82 33.16 16.94
C SER A 74 -13.62 32.18 15.78
N ALA A 75 -12.99 32.66 14.72
CA ALA A 75 -12.72 31.83 13.57
C ALA A 75 -11.68 30.79 13.92
N GLU A 76 -11.77 29.62 13.29
CA GLU A 76 -10.82 28.54 13.50
C GLU A 76 -10.62 27.88 12.15
N ILE A 77 -9.35 27.74 11.78
CA ILE A 77 -9.01 27.11 10.54
C ILE A 77 -9.18 25.61 10.77
N VAL A 78 -9.77 24.93 9.79
CA VAL A 78 -9.98 23.49 9.88
C VAL A 78 -8.90 22.80 9.06
N GLU A 79 -8.64 23.31 7.86
CA GLU A 79 -7.60 22.75 7.02
C GLU A 79 -7.21 23.68 5.90
N PHE A 80 -5.99 23.50 5.42
CA PHE A 80 -5.51 24.25 4.29
C PHE A 80 -4.48 23.37 3.62
N LYS A 81 -4.79 22.92 2.41
CA LYS A 81 -3.89 22.04 1.68
C LYS A 81 -4.04 22.17 0.17
N ALA A 82 -3.04 21.64 -0.54
CA ALA A 82 -3.05 21.66 -1.99
C ALA A 82 -4.00 20.54 -2.42
N ILE A 83 -4.65 20.72 -3.57
CA ILE A 83 -5.56 19.71 -4.12
C ILE A 83 -5.30 19.54 -5.61
N GLU A 84 -5.54 18.34 -6.12
CA GLU A 84 -5.33 18.04 -7.54
C GLU A 84 -6.48 18.59 -8.39
N GLU A 85 -7.66 18.66 -7.79
CA GLU A 85 -8.83 19.18 -8.50
C GLU A 85 -9.85 19.71 -7.51
N ARG A 86 -10.67 20.65 -7.97
CA ARG A 86 -11.69 21.23 -7.11
C ARG A 86 -12.86 20.28 -6.94
N THR A 87 -13.49 20.35 -5.77
CA THR A 87 -14.67 19.57 -5.47
C THR A 87 -15.87 20.52 -5.52
N PHE A 88 -15.70 21.73 -4.98
CA PHE A 88 -16.79 22.72 -4.95
C PHE A 88 -16.65 23.67 -6.13
N ILE A 89 -16.87 23.13 -7.31
CA ILE A 89 -16.72 23.86 -8.57
C ILE A 89 -17.87 24.73 -9.05
N ASN A 90 -19.10 24.27 -8.84
CA ASN A 90 -20.27 24.96 -9.34
C ASN A 90 -20.58 26.42 -9.03
N TRP A 91 -20.21 26.91 -7.85
CA TRP A 91 -20.54 28.28 -7.50
C TRP A 91 -19.39 29.13 -6.95
N SER A 92 -19.37 30.42 -7.31
CA SER A 92 -18.34 31.33 -6.80
C SER A 92 -18.54 31.21 -5.28
N MET A 93 -19.80 31.04 -4.88
CA MET A 93 -20.17 30.80 -3.51
C MET A 93 -21.64 30.43 -3.50
N ARG A 94 -21.99 29.53 -2.59
CA ARG A 94 -23.35 29.07 -2.44
C ARG A 94 -23.60 28.96 -0.95
N LEU A 95 -24.80 29.36 -0.54
CA LEU A 95 -25.17 29.34 0.85
C LEU A 95 -26.21 28.28 1.15
N VAL A 96 -25.95 27.49 2.17
CA VAL A 96 -26.92 26.50 2.59
C VAL A 96 -27.23 26.81 4.04
N GLN A 97 -28.51 27.00 4.32
CA GLN A 97 -28.96 27.26 5.68
C GLN A 97 -29.55 25.97 6.26
N LEU A 98 -28.85 25.39 7.23
CA LEU A 98 -29.28 24.14 7.87
C LEU A 98 -30.65 24.27 8.50
N GLY A 99 -30.93 25.42 9.08
CA GLY A 99 -32.22 25.63 9.72
C GLY A 99 -33.39 25.58 8.75
N GLU A 100 -33.11 25.63 7.45
CA GLU A 100 -34.18 25.59 6.46
C GLU A 100 -34.28 24.27 5.70
N MET A 101 -33.37 23.34 6.01
CA MET A 101 -33.37 22.03 5.36
C MET A 101 -34.40 21.10 5.97
N ASP A 102 -34.74 20.02 5.26
CA ASP A 102 -35.68 19.04 5.79
C ASP A 102 -35.06 18.53 7.10
N SER A 103 -35.85 18.49 8.17
CA SER A 103 -35.37 18.06 9.50
C SER A 103 -34.64 16.73 9.55
N ASP A 104 -35.31 15.69 9.07
CA ASP A 104 -34.73 14.35 9.08
C ASP A 104 -33.44 14.30 8.26
N THR A 105 -33.43 14.98 7.13
CA THR A 105 -32.27 14.99 6.27
C THR A 105 -31.03 15.58 6.93
N ILE A 106 -31.17 16.78 7.49
CA ILE A 106 -30.02 17.41 8.13
C ILE A 106 -29.63 16.68 9.41
N ARG A 107 -30.62 16.25 10.19
CA ARG A 107 -30.32 15.54 11.43
C ARG A 107 -29.40 14.34 11.13
N ARG A 108 -29.74 13.58 10.09
CA ARG A 108 -28.98 12.41 9.69
C ARG A 108 -27.58 12.75 9.19
N LEU A 109 -27.47 13.83 8.43
CA LEU A 109 -26.19 14.25 7.90
C LEU A 109 -25.27 14.76 9.03
N ARG A 110 -25.84 15.57 9.92
CA ARG A 110 -25.09 16.12 11.04
C ARG A 110 -24.60 15.00 11.98
N LEU A 111 -25.40 13.95 12.15
CA LEU A 111 -24.99 12.84 13.01
C LEU A 111 -23.89 12.05 12.29
N LYS A 112 -24.10 11.82 11.01
CA LYS A 112 -23.16 11.06 10.21
C LYS A 112 -21.70 11.52 10.30
N TYR A 113 -21.47 12.82 10.34
CA TYR A 113 -20.12 13.31 10.37
C TYR A 113 -19.68 14.04 11.64
N SER A 114 -20.37 13.79 12.75
CA SER A 114 -20.00 14.44 14.01
C SER A 114 -20.65 13.76 15.20
N PRO A 115 -20.05 13.93 16.39
CA PRO A 115 -20.60 13.33 17.61
C PRO A 115 -21.60 14.21 18.33
N ALA A 116 -21.88 15.37 17.78
CA ALA A 116 -22.79 16.33 18.41
C ALA A 116 -24.27 16.11 18.14
N ALA A 117 -25.09 16.50 19.11
CA ALA A 117 -26.54 16.38 18.99
C ALA A 117 -27.09 17.59 18.20
N THR A 118 -26.22 18.54 17.91
CA THR A 118 -26.59 19.73 17.12
C THR A 118 -25.37 20.06 16.27
N PHE A 119 -25.55 20.93 15.28
CA PHE A 119 -24.43 21.30 14.42
C PHE A 119 -23.33 22.03 15.20
N GLN A 120 -22.14 21.43 15.22
CA GLN A 120 -20.99 22.02 15.92
C GLN A 120 -19.69 21.66 15.22
N PRO A 121 -19.30 22.48 14.24
CA PRO A 121 -18.07 22.25 13.48
C PRO A 121 -16.79 22.14 14.29
N ARG A 122 -16.80 22.65 15.52
CA ARG A 122 -15.60 22.56 16.34
C ARG A 122 -15.38 21.13 16.84
N SER A 123 -16.39 20.28 16.76
CA SER A 123 -16.24 18.90 17.20
C SER A 123 -15.97 18.02 15.99
N MET A 124 -15.76 18.64 14.84
CA MET A 124 -15.52 17.89 13.61
C MET A 124 -14.11 17.98 13.08
N THR A 125 -13.66 16.89 12.47
CA THR A 125 -12.32 16.84 11.89
C THR A 125 -12.36 17.47 10.51
N ALA A 126 -11.18 17.66 9.92
CA ALA A 126 -11.08 18.25 8.59
C ALA A 126 -11.84 17.36 7.60
N GLU A 127 -11.63 16.05 7.70
CA GLU A 127 -12.27 15.10 6.79
C GLU A 127 -13.79 15.18 6.95
N GLN A 128 -14.26 15.26 8.18
CA GLN A 128 -15.69 15.34 8.46
C GLN A 128 -16.29 16.61 7.90
N CYS A 129 -15.57 17.73 8.05
CA CYS A 129 -16.08 19.00 7.51
C CYS A 129 -16.18 18.92 6.00
N PHE A 130 -15.15 18.38 5.35
CA PHE A 130 -15.14 18.24 3.90
C PHE A 130 -16.31 17.39 3.37
N ARG A 131 -16.48 16.18 3.92
CA ARG A 131 -17.56 15.30 3.49
C ARG A 131 -18.94 15.88 3.77
N PHE A 132 -19.05 16.58 4.90
CA PHE A 132 -20.32 17.21 5.26
C PHE A 132 -20.65 18.27 4.21
N LEU A 133 -19.71 19.17 3.97
CA LEU A 133 -19.94 20.24 2.99
C LEU A 133 -20.18 19.62 1.62
N LYS A 134 -19.46 18.55 1.34
CA LYS A 134 -19.56 17.84 0.08
C LYS A 134 -21.00 17.39 -0.17
N GLU A 135 -21.62 16.79 0.83
CA GLU A 135 -22.99 16.33 0.68
C GLU A 135 -23.96 17.51 0.50
N LEU A 136 -23.72 18.61 1.21
CA LEU A 136 -24.56 19.79 1.07
C LEU A 136 -24.41 20.33 -0.35
N TYR A 137 -23.17 20.32 -0.84
CA TYR A 137 -22.87 20.80 -2.18
C TYR A 137 -23.56 19.95 -3.25
N ASP A 138 -23.47 18.62 -3.08
CA ASP A 138 -24.09 17.71 -4.03
C ASP A 138 -25.60 17.71 -3.97
N MET A 139 -26.14 18.24 -2.87
CA MET A 139 -27.59 18.30 -2.70
C MET A 139 -28.13 19.36 -3.66
N SER A 140 -29.13 18.98 -4.45
CA SER A 140 -29.73 19.90 -5.40
C SER A 140 -30.38 21.10 -4.72
N GLN A 141 -30.22 22.26 -5.33
CA GLN A 141 -30.85 23.46 -4.77
C GLN A 141 -32.35 23.24 -4.89
N GLY A 142 -33.10 23.66 -3.88
CA GLY A 142 -34.54 23.49 -3.90
C GLY A 142 -35.03 22.22 -3.23
N SER A 143 -34.20 21.60 -2.40
CA SER A 143 -34.60 20.37 -1.70
C SER A 143 -35.44 20.75 -0.48
N GLY B 2 -8.14 -13.44 22.87
CA GLY B 2 -7.04 -12.79 22.12
C GLY B 2 -6.38 -11.70 22.95
N LEU B 3 -5.20 -11.27 22.51
CA LEU B 3 -4.48 -10.22 23.24
C LEU B 3 -5.02 -8.86 22.83
N HIS B 4 -5.33 -8.02 23.82
CA HIS B 4 -5.86 -6.68 23.56
C HIS B 4 -5.18 -5.63 24.46
N ARG B 5 -5.32 -4.36 24.07
CA ARG B 5 -4.79 -3.25 24.86
C ARG B 5 -5.87 -2.21 25.10
N LEU B 6 -6.03 -1.82 26.35
CA LEU B 6 -6.99 -0.82 26.75
C LEU B 6 -6.22 0.42 27.17
N ILE B 7 -6.70 1.59 26.79
CA ILE B 7 -6.11 2.83 27.22
C ILE B 7 -7.30 3.67 27.67
N TYR B 8 -7.19 4.31 28.82
CA TYR B 8 -8.27 5.14 29.32
C TYR B 8 -7.65 6.22 30.21
N LEU B 9 -8.42 7.28 30.47
CA LEU B 9 -7.95 8.37 31.31
C LEU B 9 -9.02 8.67 32.34
N SER B 10 -8.65 9.36 33.42
CA SER B 10 -9.61 9.69 34.47
C SER B 10 -9.08 10.88 35.27
N CYS B 11 -9.93 11.42 36.14
CA CYS B 11 -9.55 12.55 36.99
C CYS B 11 -9.39 12.07 38.41
N ALA B 12 -8.24 12.36 39.02
CA ALA B 12 -8.03 11.97 40.40
C ALA B 12 -9.03 12.73 41.25
N THR B 13 -9.57 12.09 42.27
CA THR B 13 -10.55 12.71 43.15
C THR B 13 -9.82 13.50 44.24
N ASP B 14 -10.35 14.69 44.56
CA ASP B 14 -9.74 15.52 45.59
C ASP B 14 -9.52 14.69 46.85
N GLY B 15 -8.31 14.78 47.41
CA GLY B 15 -8.00 14.02 48.61
C GLY B 15 -7.09 12.84 48.36
N LEU B 16 -6.69 12.66 47.10
CA LEU B 16 -5.80 11.57 46.73
C LEU B 16 -4.50 11.69 47.52
N SER B 17 -4.21 10.68 48.34
CA SER B 17 -3.01 10.71 49.17
C SER B 17 -1.94 9.76 48.67
N TYR B 18 -0.73 9.89 49.22
CA TYR B 18 0.37 9.03 48.84
C TYR B 18 0.01 7.59 49.13
N PRO B 19 -0.57 7.32 50.31
CA PRO B 19 -0.94 5.93 50.61
C PRO B 19 -2.03 5.40 49.67
N ASP B 20 -2.81 6.31 49.10
CA ASP B 20 -3.85 5.90 48.15
C ASP B 20 -3.14 5.35 46.93
N LEU B 21 -2.14 6.08 46.44
CA LEU B 21 -1.40 5.67 45.25
C LEU B 21 -0.72 4.33 45.48
N ARG B 22 -0.10 4.16 46.65
CA ARG B 22 0.58 2.92 47.00
C ARG B 22 -0.43 1.78 47.07
N ASP B 23 -1.58 2.04 47.66
CA ASP B 23 -2.62 1.02 47.79
C ASP B 23 -3.03 0.56 46.39
N ILE B 24 -3.33 1.52 45.51
CA ILE B 24 -3.73 1.23 44.14
C ILE B 24 -2.70 0.35 43.45
N MET B 25 -1.44 0.75 43.52
CA MET B 25 -0.37 -0.03 42.90
C MET B 25 -0.24 -1.43 43.52
N ALA B 26 -0.28 -1.50 44.84
CA ALA B 26 -0.17 -2.79 45.51
C ALA B 26 -1.25 -3.75 44.99
N LYS B 27 -2.49 -3.29 44.98
CA LYS B 27 -3.60 -4.12 44.49
C LYS B 27 -3.48 -4.43 43.00
N SER B 28 -3.13 -3.42 42.22
CA SER B 28 -2.98 -3.57 40.77
C SER B 28 -1.94 -4.63 40.38
N GLU B 29 -0.75 -4.51 40.97
CA GLU B 29 0.33 -5.45 40.68
C GLU B 29 -0.09 -6.88 40.95
N VAL B 30 -0.70 -7.10 42.11
CA VAL B 30 -1.16 -8.42 42.52
C VAL B 30 -2.23 -8.98 41.60
N ASN B 31 -3.28 -8.21 41.34
CA ASN B 31 -4.37 -8.66 40.48
C ASN B 31 -3.94 -8.87 39.04
N ASN B 32 -3.17 -7.93 38.51
CA ASN B 32 -2.71 -8.05 37.13
C ASN B 32 -1.82 -9.28 36.95
N LEU B 33 -0.87 -9.49 37.86
CA LEU B 33 0.01 -10.66 37.75
C LEU B 33 -0.87 -11.88 37.64
N ARG B 34 -1.87 -11.94 38.51
CA ARG B 34 -2.83 -13.04 38.54
C ARG B 34 -3.63 -13.17 37.24
N ASP B 35 -4.09 -12.04 36.69
CA ASP B 35 -4.90 -12.08 35.47
C ASP B 35 -4.13 -12.09 34.17
N GLY B 36 -2.80 -12.07 34.26
CA GLY B 36 -1.99 -12.06 33.07
C GLY B 36 -1.97 -10.71 32.40
N ILE B 37 -2.30 -9.68 33.17
CA ILE B 37 -2.34 -8.31 32.65
C ILE B 37 -1.07 -7.54 32.98
N THR B 38 -0.65 -6.65 32.09
CA THR B 38 0.53 -5.82 32.33
C THR B 38 0.15 -4.40 31.91
N GLY B 39 1.00 -3.43 32.25
CA GLY B 39 0.70 -2.07 31.88
C GLY B 39 1.43 -1.00 32.66
N MET B 40 0.97 0.24 32.50
CA MET B 40 1.55 1.38 33.17
C MET B 40 0.49 2.36 33.59
N LEU B 41 0.78 3.12 34.65
CA LEU B 41 -0.15 4.11 35.16
C LEU B 41 0.61 5.43 35.22
N CYS B 42 0.05 6.44 34.58
CA CYS B 42 0.67 7.75 34.56
C CYS B 42 -0.17 8.70 35.41
N TYR B 43 0.47 9.41 36.33
CA TYR B 43 -0.26 10.37 37.17
C TYR B 43 0.40 11.74 37.13
N GLY B 44 -0.37 12.75 36.71
CA GLY B 44 0.16 14.10 36.65
C GLY B 44 -0.94 15.13 36.48
N ASN B 45 -0.70 16.29 37.03
CA ASN B 45 -1.65 17.41 36.92
C ASN B 45 -3.06 16.93 37.29
N GLY B 46 -3.17 16.16 38.35
CA GLY B 46 -4.45 15.67 38.82
C GLY B 46 -5.16 14.76 37.84
N MET B 47 -4.42 14.25 36.86
CA MET B 47 -5.02 13.36 35.86
C MET B 47 -4.36 11.99 35.84
N PHE B 48 -5.15 10.97 35.50
CA PHE B 48 -4.67 9.60 35.40
C PHE B 48 -4.75 9.15 33.93
N LEU B 49 -3.70 8.50 33.46
CA LEU B 49 -3.66 7.93 32.10
C LEU B 49 -3.07 6.54 32.29
N GLN B 50 -3.84 5.52 31.96
CA GLN B 50 -3.37 4.15 32.15
C GLN B 50 -3.61 3.25 30.94
N THR B 51 -2.72 2.28 30.77
CA THR B 51 -2.85 1.32 29.68
C THR B 51 -2.73 -0.09 30.28
N LEU B 52 -3.60 -0.98 29.84
CA LEU B 52 -3.62 -2.38 30.30
C LEU B 52 -3.61 -3.31 29.10
N GLU B 53 -2.76 -4.33 29.14
CA GLU B 53 -2.66 -5.30 28.05
C GLU B 53 -2.97 -6.68 28.63
N GLY B 54 -3.73 -7.46 27.89
CA GLY B 54 -4.09 -8.80 28.36
C GLY B 54 -5.25 -9.37 27.57
N ASP B 55 -5.91 -10.33 28.19
CA ASP B 55 -7.05 -11.03 27.61
C ASP B 55 -8.24 -10.09 27.51
N ARG B 56 -9.11 -10.30 26.53
CA ARG B 56 -10.28 -9.43 26.36
C ARG B 56 -11.20 -9.42 27.58
N GLN B 57 -11.49 -10.61 28.12
CA GLN B 57 -12.37 -10.74 29.28
C GLN B 57 -11.75 -10.19 30.56
N LYS B 58 -10.47 -10.49 30.80
CA LYS B 58 -9.78 -10.03 32.00
C LYS B 58 -9.58 -8.50 32.00
N VAL B 59 -9.13 -7.96 30.88
CA VAL B 59 -8.93 -6.53 30.83
C VAL B 59 -10.24 -5.78 31.07
N SER B 60 -11.32 -6.25 30.45
CA SER B 60 -12.62 -5.60 30.64
C SER B 60 -13.06 -5.66 32.10
N GLU B 61 -12.88 -6.83 32.73
CA GLU B 61 -13.27 -7.00 34.14
C GLU B 61 -12.51 -6.02 35.03
N THR B 62 -11.22 -5.87 34.76
CA THR B 62 -10.40 -4.99 35.57
C THR B 62 -10.87 -3.54 35.40
N TYR B 63 -11.17 -3.14 34.17
CA TYR B 63 -11.65 -1.77 33.95
C TYR B 63 -12.97 -1.53 34.71
N ALA B 64 -13.86 -2.52 34.68
CA ALA B 64 -15.15 -2.43 35.37
C ALA B 64 -14.94 -2.24 36.86
N ARG B 65 -13.91 -2.90 37.37
CA ARG B 65 -13.56 -2.83 38.79
C ARG B 65 -12.99 -1.44 39.05
N ILE B 66 -12.12 -1.00 38.14
CA ILE B 66 -11.49 0.32 38.22
C ILE B 66 -12.53 1.44 38.30
N LEU B 67 -13.61 1.30 37.53
CA LEU B 67 -14.65 2.30 37.50
C LEU B 67 -15.39 2.44 38.82
N LYS B 68 -15.17 1.50 39.73
CA LYS B 68 -15.82 1.52 41.03
C LYS B 68 -14.97 2.21 42.10
N ASP B 69 -13.71 2.50 41.77
CA ASP B 69 -12.81 3.15 42.72
C ASP B 69 -13.13 4.63 42.88
N PRO B 70 -13.57 5.04 44.07
CA PRO B 70 -13.92 6.44 44.34
C PRO B 70 -12.72 7.38 44.35
N ARG B 71 -11.53 6.82 44.22
CA ARG B 71 -10.31 7.63 44.22
C ARG B 71 -10.15 8.44 42.93
N HIS B 72 -10.98 8.16 41.93
CA HIS B 72 -10.96 8.92 40.69
C HIS B 72 -12.36 8.97 40.09
N HIS B 73 -12.55 9.79 39.07
CA HIS B 73 -13.87 9.93 38.46
C HIS B 73 -13.77 10.43 37.03
N SER B 74 -14.91 10.51 36.35
CA SER B 74 -14.96 11.01 34.98
C SER B 74 -13.97 10.27 34.07
N ALA B 75 -14.04 8.95 34.13
CA ALA B 75 -13.18 8.11 33.32
C ALA B 75 -13.62 8.17 31.86
N GLU B 76 -12.67 8.08 30.95
CA GLU B 76 -12.99 8.12 29.53
C GLU B 76 -12.11 7.11 28.82
N ILE B 77 -12.74 6.23 28.05
CA ILE B 77 -12.01 5.23 27.30
C ILE B 77 -11.31 5.96 26.16
N VAL B 78 -10.05 5.61 25.96
CA VAL B 78 -9.26 6.20 24.89
C VAL B 78 -9.14 5.24 23.72
N GLU B 79 -8.94 3.96 24.04
CA GLU B 79 -8.81 2.96 23.00
C GLU B 79 -8.96 1.55 23.55
N PHE B 80 -9.36 0.64 22.68
CA PHE B 80 -9.48 -0.77 23.02
C PHE B 80 -9.44 -1.52 21.70
N LYS B 81 -8.35 -2.23 21.48
CA LYS B 81 -8.17 -2.99 20.25
C LYS B 81 -7.28 -4.19 20.46
N ALA B 82 -7.33 -5.11 19.50
CA ALA B 82 -6.52 -6.31 19.55
C ALA B 82 -5.10 -5.94 19.10
N ILE B 83 -4.11 -6.58 19.70
CA ILE B 83 -2.70 -6.35 19.36
C ILE B 83 -2.01 -7.68 19.10
N GLU B 84 -0.99 -7.65 18.25
CA GLU B 84 -0.21 -8.84 17.90
C GLU B 84 0.81 -9.15 18.99
N GLU B 85 1.35 -8.09 19.60
CA GLU B 85 2.35 -8.23 20.66
C GLU B 85 2.19 -7.12 21.69
N ARG B 86 2.61 -7.41 22.92
CA ARG B 86 2.53 -6.41 23.97
C ARG B 86 3.66 -5.42 23.81
N THR B 87 3.40 -4.19 24.25
CA THR B 87 4.41 -3.13 24.23
C THR B 87 4.86 -2.97 25.68
N PHE B 88 3.89 -2.98 26.59
CA PHE B 88 4.19 -2.80 28.01
C PHE B 88 4.37 -4.11 28.73
N ILE B 89 5.44 -4.80 28.39
CA ILE B 89 5.76 -6.11 28.95
C ILE B 89 6.31 -6.16 30.35
N ASN B 90 7.31 -5.33 30.62
CA ASN B 90 8.02 -5.30 31.90
C ASN B 90 7.27 -5.35 33.23
N TRP B 91 6.19 -4.60 33.39
CA TRP B 91 5.51 -4.56 34.68
C TRP B 91 4.03 -4.95 34.72
N SER B 92 3.64 -5.58 35.83
CA SER B 92 2.25 -5.98 36.02
C SER B 92 1.50 -4.65 36.03
N MET B 93 2.15 -3.63 36.58
CA MET B 93 1.63 -2.27 36.64
C MET B 93 2.72 -1.37 37.22
N ARG B 94 3.10 -0.36 36.45
CA ARG B 94 4.13 0.56 36.88
C ARG B 94 3.53 1.96 37.01
N LEU B 95 3.74 2.60 38.16
CA LEU B 95 3.23 3.95 38.38
C LEU B 95 4.30 4.98 38.05
N VAL B 96 3.97 5.92 37.17
CA VAL B 96 4.92 6.96 36.82
C VAL B 96 4.30 8.30 37.20
N GLN B 97 4.97 9.03 38.09
CA GLN B 97 4.49 10.34 38.52
C GLN B 97 5.26 11.42 37.78
N LEU B 98 4.57 12.15 36.92
CA LEU B 98 5.19 13.20 36.11
C LEU B 98 5.88 14.26 36.96
N GLY B 99 5.32 14.54 38.13
CA GLY B 99 5.89 15.54 39.00
C GLY B 99 7.27 15.19 39.53
N GLU B 100 7.66 13.92 39.41
CA GLU B 100 8.97 13.49 39.90
C GLU B 100 10.02 13.43 38.81
N MET B 101 9.56 13.47 37.55
CA MET B 101 10.46 13.43 36.40
C MET B 101 11.14 14.79 36.19
N ASP B 102 12.13 14.80 35.31
CA ASP B 102 12.85 16.03 34.98
C ASP B 102 11.83 16.96 34.31
N SER B 103 11.70 18.19 34.80
CA SER B 103 10.73 19.14 34.25
C SER B 103 10.85 19.29 32.73
N ASP B 104 12.07 19.50 32.24
CA ASP B 104 12.28 19.66 30.80
C ASP B 104 11.89 18.43 29.99
N THR B 105 12.30 17.25 30.47
CA THR B 105 12.01 16.00 29.77
C THR B 105 10.49 15.79 29.64
N ILE B 106 9.78 15.96 30.74
CA ILE B 106 8.35 15.78 30.71
C ILE B 106 7.60 16.85 29.92
N ARG B 107 7.96 18.12 30.08
CA ARG B 107 7.25 19.17 29.33
C ARG B 107 7.41 18.95 27.83
N ARG B 108 8.59 18.48 27.42
CA ARG B 108 8.87 18.22 26.02
C ARG B 108 8.07 17.02 25.51
N LEU B 109 7.93 15.99 26.36
CA LEU B 109 7.17 14.80 26.00
C LEU B 109 5.67 15.16 25.91
N ARG B 110 5.21 15.95 26.86
CA ARG B 110 3.81 16.36 26.89
C ARG B 110 3.46 17.21 25.66
N LEU B 111 4.40 18.04 25.23
CA LEU B 111 4.19 18.89 24.07
C LEU B 111 4.22 18.05 22.81
N LYS B 112 5.21 17.17 22.73
CA LYS B 112 5.36 16.31 21.57
C LYS B 112 4.07 15.60 21.16
N TYR B 113 3.31 15.10 22.13
CA TYR B 113 2.10 14.33 21.85
C TYR B 113 0.76 14.96 22.27
N SER B 114 0.75 16.28 22.42
CA SER B 114 -0.48 16.97 22.81
C SER B 114 -0.40 18.46 22.49
N PRO B 115 -1.55 19.11 22.39
CA PRO B 115 -1.62 20.55 22.10
C PRO B 115 -1.78 21.36 23.38
N ALA B 116 -1.81 20.69 24.52
CA ALA B 116 -2.00 21.34 25.82
C ALA B 116 -0.77 21.96 26.47
N ALA B 117 -1.00 22.98 27.29
CA ALA B 117 0.08 23.69 27.98
C ALA B 117 0.46 22.96 29.27
N THR B 118 -0.32 21.93 29.60
CA THR B 118 -0.12 21.10 30.78
C THR B 118 -0.61 19.70 30.41
N PHE B 119 -0.33 18.71 31.27
CA PHE B 119 -0.77 17.35 30.98
C PHE B 119 -2.31 17.27 30.96
N GLN B 120 -2.86 17.04 29.77
CA GLN B 120 -4.30 16.96 29.56
C GLN B 120 -4.63 15.83 28.60
N PRO B 121 -4.67 14.58 29.10
CA PRO B 121 -4.98 13.44 28.24
C PRO B 121 -6.27 13.56 27.43
N ARG B 122 -7.26 14.30 27.94
CA ARG B 122 -8.50 14.45 27.20
C ARG B 122 -8.28 15.20 25.88
N SER B 123 -7.10 15.82 25.72
CA SER B 123 -6.83 16.57 24.49
C SER B 123 -6.01 15.73 23.53
N MET B 124 -5.72 14.51 23.93
CA MET B 124 -4.91 13.62 23.13
C MET B 124 -5.66 12.43 22.50
N THR B 125 -5.26 12.08 21.28
CA THR B 125 -5.82 10.97 20.53
C THR B 125 -5.27 9.65 21.10
N ALA B 126 -5.80 8.54 20.62
CA ALA B 126 -5.37 7.22 21.06
C ALA B 126 -3.88 7.02 20.77
N GLU B 127 -3.47 7.33 19.55
CA GLU B 127 -2.08 7.15 19.15
C GLU B 127 -1.14 8.03 19.98
N GLN B 128 -1.58 9.22 20.35
CA GLN B 128 -0.72 10.12 21.13
C GLN B 128 -0.59 9.60 22.57
N CYS B 129 -1.67 9.08 23.14
CA CYS B 129 -1.61 8.48 24.46
C CYS B 129 -0.67 7.26 24.42
N PHE B 130 -0.84 6.40 23.42
CA PHE B 130 0.01 5.22 23.29
C PHE B 130 1.49 5.56 23.18
N ARG B 131 1.84 6.48 22.28
CA ARG B 131 3.23 6.85 22.10
C ARG B 131 3.79 7.56 23.32
N PHE B 132 2.94 8.33 24.01
CA PHE B 132 3.32 9.07 25.19
C PHE B 132 3.71 8.07 26.28
N LEU B 133 2.82 7.11 26.53
CA LEU B 133 3.07 6.08 27.54
C LEU B 133 4.27 5.21 27.19
N LYS B 134 4.42 4.93 25.89
CA LYS B 134 5.54 4.11 25.45
C LYS B 134 6.87 4.77 25.77
N GLU B 135 6.98 6.07 25.53
CA GLU B 135 8.22 6.75 25.84
C GLU B 135 8.48 6.74 27.34
N LEU B 136 7.43 6.90 28.15
CA LEU B 136 7.56 6.87 29.61
C LEU B 136 8.03 5.48 30.02
N TYR B 137 7.44 4.48 29.39
CA TYR B 137 7.78 3.09 29.67
C TYR B 137 9.26 2.85 29.37
N ASP B 138 9.71 3.29 28.20
CA ASP B 138 11.10 3.10 27.79
C ASP B 138 12.09 3.83 28.69
N MET B 139 11.64 4.89 29.35
CA MET B 139 12.49 5.65 30.26
C MET B 139 12.62 4.89 31.57
N SER B 140 11.52 4.27 32.00
CA SER B 140 11.50 3.50 33.23
C SER B 140 12.45 2.31 33.18
N GLY C 2 5.00 -27.49 -2.97
CA GLY C 2 6.15 -26.58 -2.70
C GLY C 2 6.53 -26.54 -1.23
N LEU C 3 7.19 -25.45 -0.82
CA LEU C 3 7.61 -25.28 0.58
C LEU C 3 6.49 -24.75 1.46
N HIS C 4 6.24 -25.44 2.57
CA HIS C 4 5.18 -25.06 3.50
C HIS C 4 5.63 -25.09 4.96
N ARG C 5 4.85 -24.49 5.83
CA ARG C 5 5.14 -24.53 7.25
C ARG C 5 3.88 -24.88 8.00
N LEU C 6 4.04 -25.77 8.96
CA LEU C 6 2.96 -26.22 9.81
C LEU C 6 3.29 -25.79 11.23
N ILE C 7 2.25 -25.42 11.96
CA ILE C 7 2.37 -25.06 13.37
C ILE C 7 1.14 -25.66 14.02
N TYR C 8 1.35 -26.33 15.15
CA TYR C 8 0.26 -26.96 15.89
C TYR C 8 0.65 -27.05 17.35
N LEU C 9 -0.34 -27.23 18.22
CA LEU C 9 -0.13 -27.34 19.66
C LEU C 9 -0.81 -28.61 20.17
N SER C 10 -0.42 -29.08 21.36
CA SER C 10 -1.03 -30.26 21.97
C SER C 10 -0.71 -30.31 23.46
N CYS C 11 -1.42 -31.16 24.18
CA CYS C 11 -1.20 -31.35 25.60
C CYS C 11 -0.40 -32.64 25.79
N ALA C 12 0.68 -32.56 26.56
CA ALA C 12 1.51 -33.73 26.83
C ALA C 12 0.72 -34.68 27.73
N THR C 13 0.85 -35.98 27.48
CA THR C 13 0.15 -36.97 28.29
C THR C 13 0.86 -37.03 29.63
N ASP C 14 0.08 -37.09 30.71
CA ASP C 14 0.64 -37.13 32.06
C ASP C 14 1.65 -38.27 32.22
N GLY C 15 2.73 -38.01 32.93
CA GLY C 15 3.74 -39.03 33.15
C GLY C 15 4.94 -38.87 32.23
N LEU C 16 4.84 -37.96 31.27
CA LEU C 16 5.92 -37.73 30.31
C LEU C 16 7.24 -37.48 31.03
N SER C 17 8.32 -38.09 30.53
CA SER C 17 9.64 -37.92 31.11
C SER C 17 10.64 -37.65 30.00
N TYR C 18 11.89 -37.36 30.36
CA TYR C 18 12.90 -37.07 29.34
C TYR C 18 13.08 -38.19 28.33
N PRO C 19 13.08 -39.45 28.79
CA PRO C 19 13.25 -40.56 27.83
C PRO C 19 12.30 -40.38 26.64
N ASP C 20 11.04 -40.07 26.93
CA ASP C 20 10.05 -39.86 25.87
C ASP C 20 10.52 -38.78 24.90
N LEU C 21 10.96 -37.64 25.45
CA LEU C 21 11.43 -36.53 24.62
C LEU C 21 12.64 -36.96 23.80
N ARG C 22 13.56 -37.67 24.45
CA ARG C 22 14.76 -38.12 23.76
C ARG C 22 14.38 -39.05 22.61
N ASP C 23 13.42 -39.92 22.86
CA ASP C 23 12.95 -40.87 21.84
C ASP C 23 12.31 -40.08 20.71
N ILE C 24 11.41 -39.18 21.06
CA ILE C 24 10.76 -38.35 20.08
C ILE C 24 11.80 -37.65 19.21
N MET C 25 12.77 -37.00 19.86
CA MET C 25 13.80 -36.28 19.14
C MET C 25 14.67 -37.18 18.25
N ALA C 26 15.10 -38.31 18.78
CA ALA C 26 15.95 -39.23 18.01
C ALA C 26 15.27 -39.68 16.71
N LYS C 27 14.00 -40.02 16.80
CA LYS C 27 13.27 -40.46 15.62
C LYS C 27 12.91 -39.27 14.70
N SER C 28 12.53 -38.15 15.30
CA SER C 28 12.18 -36.96 14.52
C SER C 28 13.33 -36.52 13.63
N GLU C 29 14.54 -36.56 14.17
CA GLU C 29 15.73 -36.15 13.44
C GLU C 29 15.97 -37.08 12.26
N VAL C 30 15.74 -38.37 12.46
CA VAL C 30 15.96 -39.33 11.39
C VAL C 30 14.92 -39.16 10.29
N ASN C 31 13.65 -39.21 10.67
CA ASN C 31 12.56 -39.06 9.71
C ASN C 31 12.58 -37.71 9.01
N ASN C 32 12.74 -36.63 9.78
CA ASN C 32 12.73 -35.29 9.20
C ASN C 32 13.89 -35.07 8.22
N LEU C 33 15.07 -35.55 8.58
CA LEU C 33 16.23 -35.40 7.72
C LEU C 33 15.95 -36.15 6.41
N ARG C 34 15.30 -37.30 6.54
CA ARG C 34 14.96 -38.12 5.38
C ARG C 34 13.90 -37.41 4.53
N ASP C 35 12.86 -36.90 5.19
CA ASP C 35 11.78 -36.24 4.46
C ASP C 35 12.03 -34.79 4.05
N GLY C 36 13.23 -34.29 4.34
CA GLY C 36 13.57 -32.93 4.00
C GLY C 36 12.84 -31.93 4.88
N ILE C 37 12.51 -32.35 6.10
CA ILE C 37 11.80 -31.51 7.03
C ILE C 37 12.69 -30.92 8.12
N THR C 38 12.40 -29.69 8.52
CA THR C 38 13.15 -29.04 9.60
C THR C 38 12.13 -28.45 10.54
N GLY C 39 12.59 -28.03 11.71
CA GLY C 39 11.64 -27.46 12.65
C GLY C 39 12.13 -27.40 14.08
N MET C 40 11.20 -27.17 14.97
CA MET C 40 11.53 -27.05 16.38
C MET C 40 10.33 -27.44 17.21
N LEU C 41 10.61 -28.08 18.33
CA LEU C 41 9.58 -28.51 19.26
C LEU C 41 9.76 -27.79 20.58
N CYS C 42 8.72 -27.08 21.00
CA CYS C 42 8.76 -26.35 22.26
C CYS C 42 7.91 -27.07 23.29
N TYR C 43 8.50 -27.33 24.46
CA TYR C 43 7.78 -28.01 25.52
C TYR C 43 7.82 -27.20 26.80
N GLY C 44 6.65 -26.91 27.35
CA GLY C 44 6.59 -26.13 28.57
C GLY C 44 5.20 -26.12 29.16
N ASN C 45 5.14 -26.11 30.47
CA ASN C 45 3.87 -26.05 31.21
C ASN C 45 2.93 -27.18 30.74
N GLY C 46 3.49 -28.36 30.47
CA GLY C 46 2.69 -29.51 30.06
C GLY C 46 2.07 -29.38 28.68
N MET C 47 2.54 -28.42 27.90
CA MET C 47 2.02 -28.19 26.57
C MET C 47 3.09 -28.32 25.50
N PHE C 48 2.66 -28.71 24.31
CA PHE C 48 3.56 -28.83 23.18
C PHE C 48 3.21 -27.77 22.12
N LEU C 49 4.23 -27.13 21.56
CA LEU C 49 4.05 -26.15 20.51
C LEU C 49 5.16 -26.48 19.51
N GLN C 50 4.76 -27.00 18.35
CA GLN C 50 5.75 -27.39 17.35
C GLN C 50 5.51 -26.80 15.97
N THR C 51 6.58 -26.71 15.20
CA THR C 51 6.47 -26.21 13.85
C THR C 51 7.33 -27.04 12.93
N LEU C 52 6.79 -27.36 11.75
CA LEU C 52 7.50 -28.16 10.77
C LEU C 52 7.49 -27.40 9.43
N GLU C 53 8.61 -27.44 8.75
CA GLU C 53 8.74 -26.81 7.45
C GLU C 53 9.18 -27.89 6.47
N GLY C 54 8.68 -27.79 5.25
CA GLY C 54 9.02 -28.77 4.23
C GLY C 54 7.92 -28.96 3.22
N ASP C 55 8.03 -30.06 2.49
CA ASP C 55 7.09 -30.46 1.45
C ASP C 55 5.65 -30.54 1.99
N ARG C 56 4.68 -30.12 1.16
CA ARG C 56 3.27 -30.16 1.60
C ARG C 56 2.85 -31.59 1.96
N GLN C 57 3.17 -32.54 1.09
CA GLN C 57 2.81 -33.93 1.32
C GLN C 57 3.52 -34.53 2.55
N LYS C 58 4.84 -34.42 2.58
CA LYS C 58 5.65 -34.95 3.69
C LYS C 58 5.30 -34.35 5.05
N VAL C 59 5.15 -33.03 5.10
CA VAL C 59 4.80 -32.38 6.35
C VAL C 59 3.44 -32.85 6.85
N SER C 60 2.50 -33.00 5.92
CA SER C 60 1.16 -33.46 6.28
C SER C 60 1.25 -34.91 6.78
N GLU C 61 2.05 -35.74 6.10
CA GLU C 61 2.19 -37.13 6.50
C GLU C 61 2.81 -37.23 7.88
N THR C 62 3.83 -36.41 8.15
CA THR C 62 4.45 -36.45 9.47
C THR C 62 3.42 -36.07 10.53
N TYR C 63 2.58 -35.08 10.24
CA TYR C 63 1.56 -34.67 11.19
C TYR C 63 0.58 -35.81 11.51
N ALA C 64 0.12 -36.51 10.47
CA ALA C 64 -0.82 -37.60 10.69
C ALA C 64 -0.18 -38.67 11.57
N ARG C 65 1.11 -38.90 11.40
CA ARG C 65 1.83 -39.88 12.20
C ARG C 65 1.89 -39.37 13.66
N ILE C 66 2.15 -38.07 13.82
CA ILE C 66 2.23 -37.47 15.15
C ILE C 66 0.90 -37.57 15.90
N LEU C 67 -0.21 -37.41 15.18
CA LEU C 67 -1.52 -37.50 15.82
C LEU C 67 -1.78 -38.89 16.40
N LYS C 68 -1.00 -39.88 15.97
CA LYS C 68 -1.19 -41.24 16.48
C LYS C 68 -0.34 -41.53 17.71
N ASP C 69 0.53 -40.60 18.06
CA ASP C 69 1.40 -40.77 19.21
C ASP C 69 0.64 -40.61 20.53
N PRO C 70 0.63 -41.66 21.38
CA PRO C 70 -0.07 -41.63 22.67
C PRO C 70 0.57 -40.70 23.71
N ARG C 71 1.76 -40.20 23.41
CA ARG C 71 2.45 -39.33 24.35
C ARG C 71 1.88 -37.92 24.48
N HIS C 72 0.92 -37.58 23.63
CA HIS C 72 0.25 -36.28 23.70
C HIS C 72 -1.17 -36.42 23.18
N HIS C 73 -2.00 -35.42 23.44
CA HIS C 73 -3.39 -35.46 23.01
C HIS C 73 -3.95 -34.05 22.84
N SER C 74 -5.20 -33.98 22.39
CA SER C 74 -5.87 -32.69 22.20
C SER C 74 -5.05 -31.78 21.31
N ALA C 75 -4.62 -32.29 20.16
CA ALA C 75 -3.82 -31.51 19.24
C ALA C 75 -4.71 -30.48 18.55
N GLU C 76 -4.12 -29.35 18.19
CA GLU C 76 -4.85 -28.29 17.51
C GLU C 76 -3.96 -27.67 16.46
N ILE C 77 -4.46 -27.62 15.23
CA ILE C 77 -3.68 -27.01 14.17
C ILE C 77 -3.71 -25.49 14.39
N VAL C 78 -2.54 -24.86 14.30
CA VAL C 78 -2.46 -23.41 14.49
C VAL C 78 -2.32 -22.72 13.14
N GLU C 79 -1.55 -23.34 12.24
CA GLU C 79 -1.36 -22.77 10.91
C GLU C 79 -0.70 -23.71 9.91
N PHE C 80 -1.04 -23.50 8.64
CA PHE C 80 -0.45 -24.26 7.56
C PHE C 80 -0.55 -23.38 6.32
N LYS C 81 0.60 -23.00 5.77
CA LYS C 81 0.62 -22.16 4.60
C LYS C 81 1.94 -22.27 3.86
N ALA C 82 1.93 -21.84 2.61
CA ALA C 82 3.14 -21.86 1.80
C ALA C 82 4.01 -20.73 2.32
N ILE C 83 5.32 -20.86 2.16
CA ILE C 83 6.27 -19.84 2.59
C ILE C 83 7.33 -19.70 1.51
N GLU C 84 7.92 -18.51 1.44
CA GLU C 84 8.96 -18.21 0.45
C GLU C 84 10.30 -18.83 0.88
N GLU C 85 10.56 -18.81 2.18
CA GLU C 85 11.80 -19.37 2.72
C GLU C 85 11.55 -19.87 4.14
N ARG C 86 12.39 -20.81 4.58
CA ARG C 86 12.25 -21.36 5.93
C ARG C 86 12.84 -20.43 6.96
N THR C 87 12.31 -20.50 8.17
CA THR C 87 12.80 -19.73 9.29
C THR C 87 13.54 -20.70 10.20
N PHE C 88 13.01 -21.91 10.36
CA PHE C 88 13.66 -22.90 11.21
C PHE C 88 14.49 -23.84 10.34
N ILE C 89 15.61 -23.30 9.86
CA ILE C 89 16.53 -23.97 8.96
C ILE C 89 17.51 -24.99 9.51
N ASN C 90 18.22 -24.58 10.56
CA ASN C 90 19.26 -25.37 11.17
C ASN C 90 19.05 -26.83 11.58
N TRP C 91 17.94 -27.15 12.23
CA TRP C 91 17.72 -28.51 12.71
C TRP C 91 16.56 -29.29 12.10
N SER C 92 16.78 -30.59 11.87
CA SER C 92 15.73 -31.45 11.33
C SER C 92 14.61 -31.37 12.36
N MET C 93 15.01 -31.19 13.62
CA MET C 93 14.10 -31.03 14.74
C MET C 93 14.93 -30.70 15.97
N ARG C 94 14.59 -29.58 16.62
CA ARG C 94 15.28 -29.11 17.80
C ARG C 94 14.30 -29.04 18.96
N LEU C 95 14.68 -29.60 20.11
CA LEU C 95 13.82 -29.57 21.27
C LEU C 95 14.20 -28.42 22.20
N VAL C 96 13.22 -27.61 22.56
CA VAL C 96 13.50 -26.50 23.47
C VAL C 96 12.54 -26.63 24.64
N GLN C 97 13.09 -26.81 25.82
CA GLN C 97 12.25 -26.90 27.03
C GLN C 97 12.29 -25.58 27.79
N LEU C 98 11.15 -24.90 27.85
CA LEU C 98 11.05 -23.59 28.49
C LEU C 98 11.58 -23.60 29.92
N GLY C 99 11.40 -24.71 30.61
CA GLY C 99 11.86 -24.82 31.99
C GLY C 99 13.37 -24.89 32.10
N GLU C 100 14.05 -25.06 30.97
CA GLU C 100 15.52 -25.15 30.98
C GLU C 100 16.17 -23.98 30.26
N MET C 101 15.37 -22.97 29.94
CA MET C 101 15.87 -21.76 29.27
C MET C 101 15.86 -20.63 30.28
N ASP C 102 16.56 -19.54 29.99
CA ASP C 102 16.60 -18.38 30.88
C ASP C 102 15.17 -18.04 31.26
N SER C 103 14.81 -18.28 32.52
CA SER C 103 13.45 -18.01 32.98
C SER C 103 13.01 -16.56 32.81
N ASP C 104 13.95 -15.62 32.93
CA ASP C 104 13.60 -14.21 32.78
C ASP C 104 13.23 -13.95 31.32
N THR C 105 14.04 -14.49 30.43
CA THR C 105 13.82 -14.33 28.99
C THR C 105 12.49 -14.95 28.57
N ILE C 106 12.23 -16.16 29.07
CA ILE C 106 11.00 -16.86 28.73
C ILE C 106 9.75 -16.12 29.23
N ARG C 107 9.78 -15.65 30.48
CA ARG C 107 8.63 -14.93 31.00
C ARG C 107 8.26 -13.71 30.14
N ARG C 108 9.26 -12.91 29.75
CA ARG C 108 8.97 -11.74 28.92
C ARG C 108 8.42 -12.15 27.56
N LEU C 109 8.99 -13.21 27.00
CA LEU C 109 8.59 -13.73 25.70
C LEU C 109 7.12 -14.18 25.73
N ARG C 110 6.76 -14.89 26.80
CA ARG C 110 5.40 -15.40 26.97
C ARG C 110 4.41 -14.24 27.02
N LEU C 111 4.73 -13.21 27.79
CA LEU C 111 3.86 -12.05 27.91
C LEU C 111 3.81 -11.30 26.59
N LYS C 112 4.96 -11.19 25.93
CA LYS C 112 5.04 -10.45 24.68
C LYS C 112 4.10 -10.98 23.61
N TYR C 113 4.02 -12.31 23.49
CA TYR C 113 3.16 -12.89 22.47
C TYR C 113 1.90 -13.60 22.94
N SER C 114 1.45 -13.31 24.16
CA SER C 114 0.23 -13.95 24.63
C SER C 114 -0.38 -13.19 25.79
N PRO C 115 -1.68 -13.42 26.04
CA PRO C 115 -2.41 -12.78 27.13
C PRO C 115 -2.50 -13.65 28.38
N ALA C 116 -1.80 -14.77 28.39
CA ALA C 116 -1.87 -15.68 29.52
C ALA C 116 -0.78 -15.46 30.57
N ALA C 117 -1.10 -15.85 31.80
CA ALA C 117 -0.19 -15.74 32.94
C ALA C 117 0.83 -16.88 32.91
N THR C 118 0.56 -17.90 32.09
CA THR C 118 1.47 -19.04 31.95
C THR C 118 1.51 -19.42 30.49
N PHE C 119 2.44 -20.31 30.11
CA PHE C 119 2.52 -20.71 28.72
C PHE C 119 1.25 -21.46 28.33
N GLN C 120 0.48 -20.89 27.42
CA GLN C 120 -0.80 -21.44 26.94
C GLN C 120 -0.95 -21.16 25.45
N PRO C 121 -0.35 -21.98 24.58
CA PRO C 121 -0.45 -21.76 23.13
C PRO C 121 -1.87 -21.67 22.57
N ARG C 122 -2.86 -22.18 23.28
CA ARG C 122 -4.23 -22.12 22.79
C ARG C 122 -4.79 -20.69 22.85
N SER C 123 -4.12 -19.80 23.56
CA SER C 123 -4.57 -18.41 23.66
C SER C 123 -3.80 -17.53 22.68
N MET C 124 -2.93 -18.16 21.91
CA MET C 124 -2.10 -17.44 20.96
C MET C 124 -2.54 -17.62 19.52
N THR C 125 -2.31 -16.59 18.70
CA THR C 125 -2.65 -16.62 17.28
C THR C 125 -1.48 -17.27 16.54
N ALA C 126 -1.67 -17.48 15.25
CA ALA C 126 -0.63 -18.08 14.40
C ALA C 126 0.65 -17.26 14.44
N GLU C 127 0.52 -15.97 14.15
CA GLU C 127 1.64 -15.03 14.14
C GLU C 127 2.34 -15.02 15.49
N GLN C 128 1.57 -15.06 16.56
CA GLN C 128 2.14 -15.06 17.89
C GLN C 128 2.97 -16.34 18.09
N CYS C 129 2.37 -17.50 17.81
CA CYS C 129 3.14 -18.75 17.95
C CYS C 129 4.39 -18.70 17.09
N PHE C 130 4.24 -18.17 15.88
CA PHE C 130 5.38 -18.09 14.98
C PHE C 130 6.53 -17.25 15.54
N ARG C 131 6.21 -16.01 15.94
CA ARG C 131 7.22 -15.11 16.49
C ARG C 131 7.81 -15.67 17.77
N PHE C 132 6.96 -16.29 18.58
CA PHE C 132 7.38 -16.88 19.85
C PHE C 132 8.43 -17.96 19.56
N LEU C 133 8.11 -18.87 18.64
CA LEU C 133 9.01 -19.95 18.28
C LEU C 133 10.29 -19.43 17.64
N LYS C 134 10.16 -18.41 16.79
CA LYS C 134 11.32 -17.85 16.13
C LYS C 134 12.34 -17.29 17.13
N GLU C 135 11.85 -16.64 18.20
CA GLU C 135 12.76 -16.08 19.21
C GLU C 135 13.47 -17.23 19.90
N LEU C 136 12.73 -18.29 20.23
CA LEU C 136 13.34 -19.45 20.87
C LEU C 136 14.42 -20.01 19.94
N TYR C 137 14.09 -20.10 18.66
CA TYR C 137 15.02 -20.60 17.66
C TYR C 137 16.30 -19.78 17.68
N ASP C 138 16.15 -18.45 17.67
CA ASP C 138 17.31 -17.56 17.67
C ASP C 138 18.16 -17.64 18.93
N MET C 139 17.58 -18.09 20.03
CA MET C 139 18.29 -18.22 21.29
C MET C 139 19.22 -19.44 21.31
N SER C 140 18.89 -20.44 20.49
CA SER C 140 19.66 -21.67 20.38
C SER C 140 20.82 -21.49 19.41
N GLY D 2 14.42 -3.46 -22.91
CA GLY D 2 14.91 -3.09 -21.57
C GLY D 2 15.68 -4.21 -20.90
N LEU D 3 15.87 -4.09 -19.58
CA LEU D 3 16.60 -5.09 -18.81
C LEU D 3 15.68 -6.19 -18.27
N HIS D 4 16.10 -7.45 -18.42
CA HIS D 4 15.31 -8.58 -17.96
C HIS D 4 16.17 -9.66 -17.30
N ARG D 5 15.51 -10.55 -16.58
CA ARG D 5 16.21 -11.65 -15.95
C ARG D 5 15.50 -12.95 -16.29
N LEU D 6 16.28 -13.92 -16.73
CA LEU D 6 15.76 -15.24 -17.06
C LEU D 6 16.34 -16.22 -16.04
N ILE D 7 15.50 -17.16 -15.61
CA ILE D 7 15.93 -18.22 -14.71
C ILE D 7 15.33 -19.50 -15.28
N TYR D 8 16.14 -20.55 -15.40
CA TYR D 8 15.66 -21.84 -15.92
C TYR D 8 16.48 -22.95 -15.27
N LEU D 9 15.96 -24.17 -15.33
CA LEU D 9 16.67 -25.32 -14.75
C LEU D 9 16.73 -26.43 -15.81
N SER D 10 17.70 -27.33 -15.68
CA SER D 10 17.84 -28.43 -16.63
C SER D 10 18.52 -29.63 -15.99
N CYS D 11 18.40 -30.78 -16.64
CA CYS D 11 19.02 -32.03 -16.17
C CYS D 11 20.31 -32.26 -16.96
N ALA D 12 21.44 -32.37 -16.27
CA ALA D 12 22.70 -32.62 -16.95
C ALA D 12 22.62 -34.00 -17.61
N THR D 13 23.25 -34.13 -18.76
CA THR D 13 23.27 -35.40 -19.48
C THR D 13 24.31 -36.31 -18.85
N ASP D 14 23.95 -37.59 -18.64
CA ASP D 14 24.90 -38.53 -18.04
C ASP D 14 26.25 -38.44 -18.73
N GLY D 15 27.32 -38.51 -17.95
CA GLY D 15 28.64 -38.44 -18.53
C GLY D 15 29.21 -37.03 -18.60
N LEU D 16 28.51 -36.08 -17.99
CA LEU D 16 28.97 -34.69 -17.98
C LEU D 16 30.32 -34.64 -17.27
N SER D 17 31.36 -34.30 -18.01
CA SER D 17 32.72 -34.23 -17.46
C SER D 17 33.16 -32.83 -17.07
N TYR D 18 34.27 -32.75 -16.33
CA TYR D 18 34.83 -31.47 -15.90
C TYR D 18 35.13 -30.60 -17.12
N PRO D 19 35.86 -31.16 -18.11
CA PRO D 19 36.17 -30.37 -19.31
C PRO D 19 34.94 -29.89 -20.09
N ASP D 20 33.80 -30.55 -19.90
CA ASP D 20 32.59 -30.10 -20.58
C ASP D 20 32.17 -28.79 -19.93
N LEU D 21 32.15 -28.76 -18.59
CA LEU D 21 31.79 -27.56 -17.87
C LEU D 21 32.73 -26.43 -18.27
N ARG D 22 34.02 -26.74 -18.29
CA ARG D 22 35.05 -25.77 -18.67
C ARG D 22 34.77 -25.20 -20.05
N ASP D 23 34.31 -26.05 -20.97
CA ASP D 23 34.01 -25.60 -22.33
C ASP D 23 32.76 -24.75 -22.36
N ILE D 24 31.79 -25.14 -21.55
CA ILE D 24 30.54 -24.40 -21.45
C ILE D 24 30.86 -23.01 -20.91
N MET D 25 31.66 -22.96 -19.86
CA MET D 25 32.03 -21.68 -19.25
C MET D 25 32.85 -20.81 -20.20
N ALA D 26 33.78 -21.42 -20.91
CA ALA D 26 34.62 -20.69 -21.85
C ALA D 26 33.74 -19.95 -22.86
N LYS D 27 32.84 -20.69 -23.51
CA LYS D 27 31.95 -20.10 -24.49
C LYS D 27 31.03 -19.06 -23.85
N SER D 28 30.45 -19.38 -22.71
CA SER D 28 29.55 -18.49 -22.00
C SER D 28 30.12 -17.10 -21.72
N GLU D 29 31.30 -17.07 -21.11
CA GLU D 29 31.97 -15.82 -20.75
C GLU D 29 32.18 -14.95 -21.99
N VAL D 30 32.62 -15.57 -23.07
CA VAL D 30 32.85 -14.84 -24.29
C VAL D 30 31.55 -14.34 -24.91
N ASN D 31 30.58 -15.24 -25.04
CA ASN D 31 29.31 -14.86 -25.65
C ASN D 31 28.52 -13.84 -24.82
N ASN D 32 28.42 -14.06 -23.52
CA ASN D 32 27.67 -13.15 -22.69
C ASN D 32 28.32 -11.75 -22.63
N LEU D 33 29.65 -11.72 -22.66
CA LEU D 33 30.37 -10.47 -22.64
C LEU D 33 30.01 -9.69 -23.89
N ARG D 34 30.00 -10.40 -25.01
CA ARG D 34 29.66 -9.81 -26.30
C ARG D 34 28.22 -9.32 -26.33
N ASP D 35 27.32 -10.08 -25.71
CA ASP D 35 25.90 -9.73 -25.72
C ASP D 35 25.46 -8.87 -24.54
N GLY D 36 26.39 -8.53 -23.66
CA GLY D 36 26.02 -7.73 -22.50
C GLY D 36 25.21 -8.54 -21.49
N ILE D 37 25.44 -9.85 -21.47
CA ILE D 37 24.72 -10.70 -20.53
C ILE D 37 25.60 -11.04 -19.33
N THR D 38 24.99 -11.19 -18.16
CA THR D 38 25.71 -11.56 -16.95
C THR D 38 24.85 -12.59 -16.25
N GLY D 39 25.45 -13.34 -15.33
CA GLY D 39 24.68 -14.33 -14.62
C GLY D 39 25.49 -15.34 -13.84
N MET D 40 24.86 -16.46 -13.52
CA MET D 40 25.51 -17.51 -12.76
C MET D 40 24.92 -18.87 -13.14
N LEU D 41 25.76 -19.89 -13.14
CA LEU D 41 25.35 -21.26 -13.47
C LEU D 41 25.60 -22.15 -12.25
N CYS D 42 24.53 -22.69 -11.70
CA CYS D 42 24.63 -23.54 -10.54
C CYS D 42 24.51 -25.00 -10.99
N TYR D 43 25.41 -25.84 -10.52
CA TYR D 43 25.41 -27.25 -10.87
C TYR D 43 25.55 -28.12 -9.65
N GLY D 44 24.58 -29.01 -9.45
CA GLY D 44 24.60 -29.88 -8.31
C GLY D 44 23.53 -30.95 -8.42
N ASN D 45 23.83 -32.12 -7.88
CA ASN D 45 22.88 -33.23 -7.92
C ASN D 45 22.41 -33.52 -9.34
N GLY D 46 23.31 -33.36 -10.29
CA GLY D 46 22.98 -33.62 -11.69
C GLY D 46 21.98 -32.65 -12.28
N MET D 47 21.68 -31.58 -11.55
CA MET D 47 20.73 -30.55 -12.00
C MET D 47 21.45 -29.24 -12.24
N PHE D 48 20.96 -28.47 -13.20
CA PHE D 48 21.50 -27.17 -13.54
C PHE D 48 20.48 -26.10 -13.17
N LEU D 49 20.94 -24.98 -12.65
CA LEU D 49 20.06 -23.86 -12.30
C LEU D 49 20.87 -22.64 -12.73
N GLN D 50 20.40 -21.98 -13.78
CA GLN D 50 21.10 -20.83 -14.31
C GLN D 50 20.22 -19.61 -14.42
N THR D 51 20.83 -18.43 -14.28
CA THR D 51 20.13 -17.16 -14.41
C THR D 51 20.92 -16.30 -15.39
N LEU D 52 20.18 -15.58 -16.23
CA LEU D 52 20.79 -14.70 -17.22
C LEU D 52 20.12 -13.34 -17.18
N GLU D 53 20.92 -12.29 -17.12
CA GLU D 53 20.39 -10.92 -17.09
C GLU D 53 20.90 -10.21 -18.33
N GLY D 54 20.05 -9.36 -18.89
CA GLY D 54 20.42 -8.62 -20.08
C GLY D 54 19.22 -8.20 -20.92
N ASP D 55 19.49 -7.93 -22.19
CA ASP D 55 18.47 -7.52 -23.15
C ASP D 55 17.44 -8.62 -23.39
N ARG D 56 16.19 -8.25 -23.67
CA ARG D 56 15.14 -9.24 -23.90
C ARG D 56 15.46 -10.12 -25.11
N GLN D 57 15.93 -9.50 -26.18
CA GLN D 57 16.29 -10.21 -27.39
C GLN D 57 17.50 -11.13 -27.17
N LYS D 58 18.59 -10.57 -26.64
CA LYS D 58 19.80 -11.34 -26.39
C LYS D 58 19.63 -12.51 -25.42
N VAL D 59 18.98 -12.26 -24.29
CA VAL D 59 18.78 -13.33 -23.33
C VAL D 59 17.95 -14.43 -23.96
N SER D 60 16.95 -14.05 -24.77
CA SER D 60 16.10 -15.04 -25.43
C SER D 60 16.89 -15.89 -26.41
N GLU D 61 17.69 -15.23 -27.23
CA GLU D 61 18.51 -15.92 -28.22
C GLU D 61 19.51 -16.87 -27.57
N THR D 62 20.05 -16.46 -26.43
CA THR D 62 21.02 -17.29 -25.72
C THR D 62 20.33 -18.55 -25.20
N TYR D 63 19.15 -18.40 -24.63
CA TYR D 63 18.41 -19.53 -24.12
C TYR D 63 18.12 -20.50 -25.26
N ALA D 64 17.63 -19.99 -26.37
CA ALA D 64 17.33 -20.83 -27.53
C ALA D 64 18.56 -21.63 -27.92
N ARG D 65 19.73 -20.98 -27.88
CA ARG D 65 20.99 -21.62 -28.23
C ARG D 65 21.34 -22.70 -27.20
N ILE D 66 21.11 -22.39 -25.94
CA ILE D 66 21.40 -23.33 -24.87
C ILE D 66 20.55 -24.60 -25.02
N LEU D 67 19.33 -24.45 -25.52
CA LEU D 67 18.42 -25.58 -25.71
C LEU D 67 18.91 -26.59 -26.74
N LYS D 68 19.85 -26.18 -27.59
CA LYS D 68 20.38 -27.06 -28.61
C LYS D 68 21.53 -27.90 -28.07
N ASP D 69 22.12 -27.45 -26.96
CA ASP D 69 23.25 -28.15 -26.35
C ASP D 69 22.84 -29.52 -25.82
N PRO D 70 23.47 -30.58 -26.34
CA PRO D 70 23.13 -31.94 -25.89
C PRO D 70 23.69 -32.28 -24.51
N ARG D 71 24.50 -31.39 -23.95
CA ARG D 71 25.08 -31.65 -22.63
C ARG D 71 24.07 -31.56 -21.49
N HIS D 72 22.83 -31.24 -21.83
CA HIS D 72 21.79 -31.21 -20.82
C HIS D 72 20.46 -31.39 -21.52
N HIS D 73 19.40 -31.62 -20.76
CA HIS D 73 18.09 -31.84 -21.37
C HIS D 73 16.98 -31.52 -20.36
N SER D 74 15.73 -31.68 -20.79
CA SER D 74 14.60 -31.41 -19.92
C SER D 74 14.66 -30.00 -19.32
N ALA D 75 14.95 -29.01 -20.16
CA ALA D 75 15.03 -27.64 -19.68
C ALA D 75 13.66 -27.15 -19.25
N GLU D 76 13.65 -26.34 -18.20
CA GLU D 76 12.40 -25.80 -17.70
C GLU D 76 12.60 -24.33 -17.34
N ILE D 77 11.75 -23.45 -17.87
CA ILE D 77 11.84 -22.03 -17.56
C ILE D 77 11.26 -21.80 -16.16
N VAL D 78 12.01 -21.08 -15.32
CA VAL D 78 11.56 -20.79 -13.97
C VAL D 78 10.89 -19.41 -13.97
N GLU D 79 11.49 -18.44 -14.63
CA GLU D 79 10.90 -17.13 -14.75
C GLU D 79 11.60 -16.26 -15.77
N PHE D 80 10.88 -15.25 -16.21
CA PHE D 80 11.41 -14.29 -17.17
C PHE D 80 10.60 -13.01 -16.96
N LYS D 81 11.27 -11.96 -16.50
CA LYS D 81 10.60 -10.70 -16.25
C LYS D 81 11.55 -9.52 -16.28
N ALA D 82 10.97 -8.34 -16.40
CA ALA D 82 11.76 -7.11 -16.44
C ALA D 82 12.30 -6.81 -15.05
N ILE D 83 13.48 -6.22 -14.98
CA ILE D 83 14.08 -5.85 -13.69
C ILE D 83 14.61 -4.41 -13.78
N GLU D 84 14.52 -3.70 -12.66
CA GLU D 84 15.00 -2.33 -12.56
C GLU D 84 16.52 -2.30 -12.60
N GLU D 85 17.15 -3.24 -11.90
CA GLU D 85 18.60 -3.32 -11.87
C GLU D 85 19.06 -4.79 -11.78
N ARG D 86 20.30 -5.06 -12.20
CA ARG D 86 20.84 -6.40 -12.15
C ARG D 86 21.28 -6.77 -10.74
N THR D 87 21.32 -8.06 -10.48
CA THR D 87 21.77 -8.58 -9.19
C THR D 87 23.11 -9.26 -9.43
N PHE D 88 23.17 -10.12 -10.45
CA PHE D 88 24.38 -10.85 -10.78
C PHE D 88 25.25 -10.07 -11.76
N ILE D 89 25.82 -8.99 -11.25
CA ILE D 89 26.65 -8.07 -12.01
C ILE D 89 28.10 -8.44 -12.31
N ASN D 90 28.82 -8.91 -11.30
CA ASN D 90 30.23 -9.21 -11.45
C ASN D 90 30.71 -10.30 -12.43
N TRP D 91 29.80 -11.15 -12.89
CA TRP D 91 30.21 -12.23 -13.78
C TRP D 91 29.47 -12.34 -15.11
N SER D 92 30.22 -12.42 -16.20
CA SER D 92 29.62 -12.62 -17.50
C SER D 92 28.87 -13.95 -17.33
N MET D 93 29.49 -14.88 -16.61
CA MET D 93 28.91 -16.17 -16.29
C MET D 93 29.82 -16.80 -15.25
N ARG D 94 29.27 -17.13 -14.10
CA ARG D 94 30.05 -17.75 -13.04
C ARG D 94 29.52 -19.17 -12.85
N LEU D 95 30.42 -20.11 -12.62
CA LEU D 95 30.06 -21.51 -12.38
C LEU D 95 30.14 -21.77 -10.89
N VAL D 96 29.08 -22.35 -10.33
CA VAL D 96 29.06 -22.68 -8.91
C VAL D 96 28.68 -24.14 -8.73
N GLN D 97 29.65 -24.94 -8.35
CA GLN D 97 29.37 -26.36 -8.06
C GLN D 97 29.13 -26.55 -6.57
N LEU D 98 27.92 -26.92 -6.23
CA LEU D 98 27.56 -27.08 -4.83
C LEU D 98 28.49 -28.02 -4.04
N GLY D 99 29.16 -28.94 -4.72
CA GLY D 99 30.07 -29.86 -4.05
C GLY D 99 31.39 -29.20 -3.67
N GLU D 100 31.62 -28.00 -4.20
CA GLU D 100 32.84 -27.25 -3.94
C GLU D 100 32.65 -26.35 -2.73
N MET D 101 31.43 -26.30 -2.21
CA MET D 101 31.11 -25.48 -1.06
C MET D 101 31.15 -26.30 0.22
N ASP D 102 31.24 -25.63 1.37
CA ASP D 102 31.24 -26.31 2.65
C ASP D 102 29.88 -26.98 2.79
N SER D 103 29.89 -28.28 3.08
CA SER D 103 28.67 -29.07 3.23
C SER D 103 27.54 -28.41 4.02
N ASP D 104 27.80 -28.05 5.27
CA ASP D 104 26.78 -27.44 6.13
C ASP D 104 26.25 -26.12 5.60
N THR D 105 27.12 -25.36 4.94
CA THR D 105 26.72 -24.08 4.39
C THR D 105 25.72 -24.27 3.26
N ILE D 106 26.05 -25.15 2.31
CA ILE D 106 25.16 -25.40 1.19
C ILE D 106 23.90 -26.09 1.70
N ARG D 107 24.06 -26.98 2.68
CA ARG D 107 22.92 -27.69 3.24
C ARG D 107 21.86 -26.69 3.71
N ARG D 108 22.30 -25.76 4.56
CA ARG D 108 21.41 -24.75 5.10
C ARG D 108 20.76 -23.89 4.01
N LEU D 109 21.55 -23.43 3.04
CA LEU D 109 21.03 -22.60 1.96
C LEU D 109 19.99 -23.32 1.13
N ARG D 110 20.28 -24.58 0.79
CA ARG D 110 19.37 -25.38 -0.01
C ARG D 110 18.05 -25.63 0.74
N LEU D 111 18.14 -25.90 2.04
CA LEU D 111 16.92 -26.10 2.82
C LEU D 111 16.14 -24.78 2.94
N LYS D 112 16.86 -23.68 3.14
CA LYS D 112 16.22 -22.38 3.30
C LYS D 112 15.26 -22.02 2.16
N TYR D 113 15.59 -22.40 0.93
CA TYR D 113 14.74 -22.05 -0.21
C TYR D 113 14.11 -23.23 -0.95
N SER D 114 13.94 -24.35 -0.28
CA SER D 114 13.33 -25.52 -0.91
C SER D 114 12.91 -26.58 0.11
N PRO D 115 11.92 -27.41 -0.24
CA PRO D 115 11.45 -28.45 0.68
C PRO D 115 12.18 -29.76 0.43
N ALA D 116 13.19 -29.71 -0.42
CA ALA D 116 13.96 -30.90 -0.78
C ALA D 116 15.10 -31.20 0.17
N ALA D 117 15.44 -32.49 0.27
CA ALA D 117 16.53 -32.96 1.13
C ALA D 117 17.85 -32.92 0.35
N THR D 118 17.74 -32.62 -0.94
CA THR D 118 18.88 -32.51 -1.83
C THR D 118 18.56 -31.38 -2.81
N PHE D 119 19.53 -30.96 -3.61
CA PHE D 119 19.27 -29.90 -4.56
C PHE D 119 18.28 -30.36 -5.64
N GLN D 120 17.11 -29.76 -5.65
CA GLN D 120 16.07 -30.07 -6.64
C GLN D 120 15.34 -28.80 -7.05
N PRO D 121 15.89 -28.06 -8.03
CA PRO D 121 15.27 -26.81 -8.49
C PRO D 121 13.82 -26.96 -8.94
N ARG D 122 13.46 -28.11 -9.49
CA ARG D 122 12.08 -28.29 -9.93
C ARG D 122 11.08 -28.18 -8.78
N SER D 123 11.55 -28.29 -7.54
CA SER D 123 10.65 -28.17 -6.39
C SER D 123 10.66 -26.75 -5.84
N MET D 124 11.36 -25.85 -6.52
CA MET D 124 11.47 -24.47 -6.05
C MET D 124 10.67 -23.46 -6.89
N THR D 125 10.17 -22.42 -6.23
CA THR D 125 9.42 -21.39 -6.92
C THR D 125 10.39 -20.41 -7.57
N ALA D 126 9.87 -19.49 -8.37
CA ALA D 126 10.71 -18.51 -9.05
C ALA D 126 11.50 -17.68 -8.02
N GLU D 127 10.80 -17.20 -7.00
CA GLU D 127 11.41 -16.39 -5.95
C GLU D 127 12.46 -17.18 -5.15
N GLN D 128 12.15 -18.45 -4.89
CA GLN D 128 13.08 -19.29 -4.16
C GLN D 128 14.37 -19.45 -4.97
N CYS D 129 14.25 -19.71 -6.27
CA CYS D 129 15.44 -19.84 -7.10
C CYS D 129 16.22 -18.53 -7.12
N PHE D 130 15.51 -17.41 -7.26
CA PHE D 130 16.17 -16.12 -7.26
C PHE D 130 16.95 -15.87 -5.96
N ARG D 131 16.26 -15.97 -4.83
CA ARG D 131 16.89 -15.73 -3.53
C ARG D 131 18.05 -16.68 -3.26
N PHE D 132 17.91 -17.92 -3.70
CA PHE D 132 18.92 -18.95 -3.55
C PHE D 132 20.16 -18.52 -4.32
N LEU D 133 19.98 -18.20 -5.60
CA LEU D 133 21.10 -17.78 -6.43
C LEU D 133 21.69 -16.47 -5.93
N LYS D 134 20.85 -15.60 -5.37
CA LYS D 134 21.37 -14.32 -4.88
C LYS D 134 22.30 -14.53 -3.69
N GLU D 135 21.96 -15.44 -2.77
CA GLU D 135 22.81 -15.70 -1.62
C GLU D 135 24.14 -16.31 -2.06
N LEU D 136 24.08 -17.20 -3.05
CA LEU D 136 25.28 -17.84 -3.55
C LEU D 136 26.18 -16.75 -4.14
N TYR D 137 25.55 -15.79 -4.81
CA TYR D 137 26.28 -14.70 -5.42
C TYR D 137 26.88 -13.77 -4.37
N ASP D 138 26.07 -13.36 -3.40
CA ASP D 138 26.54 -12.46 -2.34
C ASP D 138 27.58 -13.12 -1.44
N MET D 139 27.51 -14.44 -1.31
CA MET D 139 28.46 -15.16 -0.47
C MET D 139 29.88 -14.87 -0.94
N SER D 140 30.05 -14.74 -2.24
CA SER D 140 31.36 -14.47 -2.83
C SER D 140 31.56 -12.96 -2.98
N GLY E 2 7.10 25.22 -9.67
CA GLY E 2 7.62 24.30 -8.61
C GLY E 2 8.96 23.70 -8.98
N LEU E 3 9.46 22.81 -8.14
CA LEU E 3 10.75 22.16 -8.39
C LEU E 3 10.57 20.93 -9.26
N HIS E 4 11.34 20.86 -10.35
CA HIS E 4 11.28 19.73 -11.26
C HIS E 4 12.69 19.23 -11.60
N ARG E 5 12.73 18.02 -12.16
CA ARG E 5 13.98 17.41 -12.59
C ARG E 5 13.83 16.97 -14.04
N LEU E 6 14.83 17.28 -14.85
CA LEU E 6 14.85 16.88 -16.24
C LEU E 6 16.03 15.95 -16.45
N ILE E 7 15.84 14.91 -17.24
CA ILE E 7 16.89 14.00 -17.59
C ILE E 7 16.73 13.75 -19.08
N TYR E 8 17.82 13.89 -19.82
CA TYR E 8 17.78 13.66 -21.25
C TYR E 8 19.13 13.08 -21.66
N LEU E 9 19.19 12.55 -22.87
CA LEU E 9 20.42 11.96 -23.39
C LEU E 9 20.64 12.49 -24.80
N SER E 10 21.88 12.44 -25.27
CA SER E 10 22.20 12.88 -26.62
C SER E 10 23.50 12.26 -27.12
N CYS E 11 23.74 12.38 -28.43
CA CYS E 11 24.95 11.85 -29.04
C CYS E 11 25.94 12.99 -29.25
N ALA E 12 27.14 12.84 -28.70
CA ALA E 12 28.16 13.85 -28.86
C ALA E 12 28.57 13.91 -30.32
N THR E 13 28.81 15.11 -30.82
CA THR E 13 29.21 15.31 -32.21
C THR E 13 30.64 14.78 -32.36
N ASP E 14 30.92 14.10 -33.47
CA ASP E 14 32.25 13.55 -33.72
C ASP E 14 33.31 14.63 -33.77
N GLY E 15 34.35 14.48 -32.97
CA GLY E 15 35.41 15.48 -32.94
C GLY E 15 35.26 16.42 -31.78
N LEU E 16 34.48 16.00 -30.77
CA LEU E 16 34.25 16.81 -29.57
C LEU E 16 35.58 16.96 -28.84
N SER E 17 36.13 18.17 -28.86
CA SER E 17 37.40 18.46 -28.23
C SER E 17 37.26 18.91 -26.78
N TYR E 18 38.39 19.00 -26.10
CA TYR E 18 38.40 19.44 -24.71
C TYR E 18 37.93 20.88 -24.58
N PRO E 19 38.31 21.74 -25.54
CA PRO E 19 37.88 23.14 -25.45
C PRO E 19 36.36 23.21 -25.49
N ASP E 20 35.76 22.44 -26.40
CA ASP E 20 34.31 22.38 -26.53
C ASP E 20 33.69 21.98 -25.19
N LEU E 21 34.31 21.00 -24.53
CA LEU E 21 33.83 20.53 -23.23
C LEU E 21 33.96 21.64 -22.20
N ARG E 22 35.13 22.29 -22.18
CA ARG E 22 35.38 23.38 -21.24
C ARG E 22 34.36 24.49 -21.45
N ASP E 23 34.16 24.89 -22.71
CA ASP E 23 33.22 25.94 -23.03
C ASP E 23 31.81 25.57 -22.57
N ILE E 24 31.39 24.34 -22.86
CA ILE E 24 30.06 23.89 -22.46
C ILE E 24 29.90 24.00 -20.94
N MET E 25 30.87 23.49 -20.20
CA MET E 25 30.79 23.56 -18.75
C MET E 25 30.88 25.01 -18.26
N ALA E 26 31.73 25.80 -18.91
CA ALA E 26 31.91 27.19 -18.54
C ALA E 26 30.57 27.93 -18.56
N LYS E 27 29.90 27.85 -19.70
CA LYS E 27 28.60 28.51 -19.87
C LYS E 27 27.52 27.89 -18.99
N SER E 28 27.60 26.58 -18.81
CA SER E 28 26.61 25.87 -18.00
C SER E 28 26.60 26.34 -16.56
N GLU E 29 27.78 26.43 -15.97
CA GLU E 29 27.89 26.87 -14.60
C GLU E 29 27.32 28.28 -14.39
N VAL E 30 27.69 29.20 -15.27
CA VAL E 30 27.21 30.57 -15.16
C VAL E 30 25.70 30.67 -15.26
N ASN E 31 25.15 30.13 -16.34
CA ASN E 31 23.71 30.18 -16.57
C ASN E 31 22.92 29.45 -15.49
N ASN E 32 23.30 28.21 -15.18
CA ASN E 32 22.59 27.43 -14.16
C ASN E 32 22.57 28.16 -12.82
N LEU E 33 23.68 28.80 -12.47
CA LEU E 33 23.78 29.55 -11.23
C LEU E 33 22.72 30.67 -11.24
N ARG E 34 22.69 31.38 -12.36
CA ARG E 34 21.74 32.47 -12.58
C ARG E 34 20.30 31.96 -12.50
N ASP E 35 20.03 30.83 -13.15
CA ASP E 35 18.68 30.28 -13.19
C ASP E 35 18.29 29.44 -11.98
N GLY E 36 19.21 29.24 -11.05
CA GLY E 36 18.90 28.43 -9.89
C GLY E 36 18.82 26.95 -10.24
N ILE E 37 19.51 26.57 -11.31
CA ILE E 37 19.51 25.19 -11.75
C ILE E 37 20.79 24.48 -11.33
N THR E 38 20.67 23.21 -10.94
CA THR E 38 21.81 22.38 -10.55
C THR E 38 21.70 21.05 -11.31
N GLY E 39 22.81 20.33 -11.40
CA GLY E 39 22.75 19.06 -12.11
C GLY E 39 24.12 18.45 -12.36
N MET E 40 24.15 17.49 -13.27
CA MET E 40 25.40 16.81 -13.59
C MET E 40 25.33 16.32 -15.03
N LEU E 41 26.46 16.36 -15.71
CA LEU E 41 26.54 15.95 -17.10
C LEU E 41 27.45 14.73 -17.22
N CYS E 42 26.90 13.61 -17.70
CA CYS E 42 27.69 12.41 -17.87
C CYS E 42 28.12 12.28 -19.34
N TYR E 43 29.41 12.05 -19.56
CA TYR E 43 29.95 11.89 -20.90
C TYR E 43 30.74 10.60 -21.00
N GLY E 44 30.31 9.70 -21.88
CA GLY E 44 31.00 8.44 -22.02
C GLY E 44 30.54 7.71 -23.26
N ASN E 45 31.46 6.97 -23.85
CA ASN E 45 31.18 6.20 -25.05
C ASN E 45 30.52 7.08 -26.10
N GLY E 46 30.97 8.34 -26.16
CA GLY E 46 30.45 9.29 -27.12
C GLY E 46 28.98 9.66 -26.91
N MET E 47 28.51 9.52 -25.68
CA MET E 47 27.13 9.81 -25.36
C MET E 47 27.02 10.79 -24.19
N PHE E 48 25.93 11.54 -24.17
CA PHE E 48 25.67 12.50 -23.11
C PHE E 48 24.44 12.07 -22.31
N LEU E 49 24.52 12.15 -20.99
CA LEU E 49 23.39 11.81 -20.12
C LEU E 49 23.44 12.88 -19.05
N GLN E 50 22.51 13.83 -19.14
CA GLN E 50 22.50 14.94 -18.19
C GLN E 50 21.20 15.08 -17.41
N THR E 51 21.30 15.58 -16.19
CA THR E 51 20.12 15.82 -15.40
C THR E 51 20.16 17.28 -14.93
N LEU E 52 19.00 17.93 -14.94
CA LEU E 52 18.89 19.32 -14.52
C LEU E 52 17.73 19.46 -13.54
N GLU E 53 18.02 20.09 -12.40
CA GLU E 53 16.98 20.30 -11.40
C GLU E 53 16.73 21.78 -11.20
N GLY E 54 15.47 22.14 -11.03
CA GLY E 54 15.13 23.54 -10.83
C GLY E 54 13.71 23.86 -11.23
N ASP E 55 13.50 25.14 -11.43
CA ASP E 55 12.20 25.69 -11.82
C ASP E 55 11.73 25.12 -13.16
N ARG E 56 10.42 24.87 -13.28
CA ARG E 56 9.88 24.31 -14.52
C ARG E 56 10.15 25.13 -15.77
N GLN E 57 9.93 26.43 -15.69
CA GLN E 57 10.15 27.27 -16.89
C GLN E 57 11.65 27.38 -17.17
N LYS E 58 12.48 27.58 -16.16
CA LYS E 58 13.91 27.71 -16.35
C LYS E 58 14.55 26.44 -16.91
N VAL E 59 14.20 25.30 -16.33
CA VAL E 59 14.76 24.05 -16.82
C VAL E 59 14.35 23.86 -18.27
N SER E 60 13.08 24.15 -18.57
CA SER E 60 12.60 23.99 -19.94
C SER E 60 13.37 24.86 -20.92
N GLU E 61 13.55 26.13 -20.58
CA GLU E 61 14.26 27.03 -21.49
C GLU E 61 15.71 26.58 -21.68
N THR E 62 16.34 26.15 -20.60
CA THR E 62 17.72 25.69 -20.71
C THR E 62 17.82 24.52 -21.69
N TYR E 63 16.85 23.60 -21.61
CA TYR E 63 16.83 22.46 -22.53
C TYR E 63 16.69 22.97 -23.97
N ALA E 64 15.85 23.98 -24.16
CA ALA E 64 15.63 24.53 -25.49
C ALA E 64 16.95 25.06 -26.07
N ARG E 65 17.74 25.75 -25.24
CA ARG E 65 19.02 26.28 -25.72
C ARG E 65 19.97 25.13 -26.04
N ILE E 66 19.99 24.13 -25.16
CA ILE E 66 20.84 22.97 -25.34
C ILE E 66 20.58 22.30 -26.70
N LEU E 67 19.31 22.20 -27.08
CA LEU E 67 18.96 21.58 -28.35
C LEU E 67 19.48 22.38 -29.54
N LYS E 68 19.97 23.59 -29.29
CA LYS E 68 20.49 24.43 -30.36
C LYS E 68 22.00 24.28 -30.51
N ASP E 69 22.60 23.63 -29.53
CA ASP E 69 24.04 23.43 -29.57
C ASP E 69 24.43 22.36 -30.58
N PRO E 70 25.16 22.75 -31.63
CA PRO E 70 25.56 21.78 -32.65
C PRO E 70 26.60 20.78 -32.15
N ARG E 71 27.08 20.95 -30.92
CA ARG E 71 28.09 20.03 -30.39
C ARG E 71 27.55 18.66 -29.99
N HIS E 72 26.28 18.42 -30.28
CA HIS E 72 25.67 17.12 -30.02
C HIS E 72 24.40 17.04 -30.84
N HIS E 73 23.79 15.86 -30.89
CA HIS E 73 22.59 15.68 -31.68
C HIS E 73 21.81 14.46 -31.22
N SER E 74 20.72 14.17 -31.92
CA SER E 74 19.88 13.02 -31.62
C SER E 74 19.53 12.98 -30.13
N ALA E 75 19.12 14.14 -29.61
CA ALA E 75 18.75 14.27 -28.21
C ALA E 75 17.44 13.54 -27.98
N GLU E 76 17.29 12.99 -26.79
CA GLU E 76 16.09 12.25 -26.40
C GLU E 76 15.73 12.56 -24.96
N ILE E 77 14.47 12.90 -24.72
CA ILE E 77 14.02 13.18 -23.36
C ILE E 77 13.83 11.85 -22.64
N VAL E 78 14.36 11.74 -21.42
CA VAL E 78 14.26 10.55 -20.59
C VAL E 78 13.14 10.74 -19.57
N GLU E 79 13.14 11.89 -18.89
CA GLU E 79 12.06 12.17 -17.95
C GLU E 79 11.99 13.64 -17.56
N PHE E 80 10.82 14.03 -17.10
CA PHE E 80 10.58 15.38 -16.62
C PHE E 80 9.41 15.26 -15.66
N LYS E 81 9.65 15.62 -14.41
CA LYS E 81 8.62 15.51 -13.39
C LYS E 81 8.92 16.40 -12.20
N ALA E 82 7.90 16.60 -11.39
CA ALA E 82 8.04 17.41 -10.20
C ALA E 82 8.75 16.58 -9.13
N ILE E 83 9.63 17.21 -8.37
CA ILE E 83 10.34 16.53 -7.31
C ILE E 83 10.12 17.29 -6.01
N GLU E 84 10.14 16.57 -4.89
CA GLU E 84 9.95 17.15 -3.57
C GLU E 84 11.27 17.78 -3.11
N GLU E 85 12.38 17.15 -3.46
CA GLU E 85 13.68 17.69 -3.08
C GLU E 85 14.71 17.34 -4.15
N ARG E 86 15.79 18.12 -4.21
CA ARG E 86 16.82 17.85 -5.21
C ARG E 86 17.76 16.75 -4.75
N THR E 87 18.35 16.07 -5.72
CA THR E 87 19.32 15.01 -5.45
C THR E 87 20.70 15.53 -5.85
N PHE E 88 20.76 16.20 -6.99
CA PHE E 88 22.02 16.73 -7.52
C PHE E 88 22.12 18.19 -7.13
N ILE E 89 22.34 18.40 -5.83
CA ILE E 89 22.41 19.72 -5.24
C ILE E 89 23.74 20.45 -5.28
N ASN E 90 24.81 19.73 -4.99
CA ASN E 90 26.14 20.30 -4.92
C ASN E 90 26.65 21.19 -6.04
N TRP E 91 26.35 20.86 -7.29
CA TRP E 91 26.88 21.68 -8.39
C TRP E 91 25.86 22.29 -9.33
N SER E 92 26.15 23.52 -9.75
CA SER E 92 25.27 24.20 -10.69
C SER E 92 25.33 23.34 -11.96
N MET E 93 26.46 22.66 -12.13
CA MET E 93 26.68 21.74 -13.25
C MET E 93 28.07 21.15 -13.16
N ARG E 94 28.15 19.84 -13.07
CA ARG E 94 29.43 19.15 -12.97
C ARG E 94 29.57 18.14 -14.10
N LEU E 95 30.76 18.08 -14.69
CA LEU E 95 31.04 17.14 -15.76
C LEU E 95 31.71 15.89 -15.20
N VAL E 96 31.17 14.73 -15.55
CA VAL E 96 31.73 13.46 -15.10
C VAL E 96 32.05 12.64 -16.33
N GLN E 97 33.34 12.40 -16.56
CA GLN E 97 33.76 11.61 -17.71
C GLN E 97 34.01 10.18 -17.28
N LEU E 98 33.20 9.26 -17.79
CA LEU E 98 33.33 7.86 -17.44
C LEU E 98 34.74 7.33 -17.70
N GLY E 99 35.31 7.72 -18.84
CA GLY E 99 36.64 7.28 -19.21
C GLY E 99 37.77 7.72 -18.29
N GLU E 100 37.43 8.57 -17.33
CA GLU E 100 38.41 9.07 -16.37
C GLU E 100 38.26 8.37 -15.04
N MET E 101 37.24 7.53 -14.92
CA MET E 101 37.00 6.84 -13.65
C MET E 101 37.49 5.40 -13.65
N ASP E 102 37.22 4.68 -12.56
CA ASP E 102 37.65 3.28 -12.46
C ASP E 102 36.91 2.46 -13.51
N SER E 103 37.68 1.93 -14.46
CA SER E 103 37.16 1.13 -15.56
C SER E 103 36.21 0.03 -15.12
N ASP E 104 36.56 -0.70 -14.07
CA ASP E 104 35.71 -1.79 -13.59
C ASP E 104 34.52 -1.25 -12.82
N THR E 105 34.72 -0.16 -12.08
CA THR E 105 33.62 0.43 -11.33
C THR E 105 32.49 0.88 -12.27
N ILE E 106 32.84 1.55 -13.36
CA ILE E 106 31.84 2.01 -14.30
C ILE E 106 31.20 0.84 -15.05
N ARG E 107 32.00 -0.17 -15.39
CA ARG E 107 31.49 -1.34 -16.10
C ARG E 107 30.36 -1.97 -15.27
N ARG E 108 30.61 -2.14 -13.99
CA ARG E 108 29.61 -2.74 -13.11
C ARG E 108 28.40 -1.83 -12.89
N LEU E 109 28.64 -0.53 -12.80
CA LEU E 109 27.55 0.43 -12.61
C LEU E 109 26.70 0.47 -13.87
N ARG E 110 27.36 0.41 -15.02
CA ARG E 110 26.66 0.46 -16.30
C ARG E 110 25.83 -0.81 -16.50
N LEU E 111 26.38 -1.95 -16.10
CA LEU E 111 25.66 -3.22 -16.21
C LEU E 111 24.50 -3.22 -15.22
N LYS E 112 24.77 -2.74 -14.00
CA LYS E 112 23.76 -2.72 -12.97
C LYS E 112 22.46 -2.04 -13.36
N TYR E 113 22.56 -1.01 -14.19
CA TYR E 113 21.38 -0.27 -14.60
C TYR E 113 21.04 -0.28 -16.08
N SER E 114 21.58 -1.27 -16.81
CA SER E 114 21.31 -1.37 -18.24
C SER E 114 21.64 -2.74 -18.82
N PRO E 115 20.99 -3.09 -19.93
CA PRO E 115 21.22 -4.37 -20.60
C PRO E 115 22.28 -4.25 -21.68
N ALA E 116 23.00 -3.13 -21.69
CA ALA E 116 24.00 -2.93 -22.72
C ALA E 116 25.43 -3.31 -22.34
N ALA E 117 26.21 -3.67 -23.35
CA ALA E 117 27.59 -4.09 -23.21
C ALA E 117 28.53 -2.89 -23.13
N THR E 118 28.00 -1.71 -23.45
CA THR E 118 28.73 -0.45 -23.38
C THR E 118 27.74 0.60 -22.87
N PHE E 119 28.24 1.80 -22.54
CA PHE E 119 27.36 2.85 -22.06
C PHE E 119 26.40 3.25 -23.18
N GLN E 120 25.11 3.01 -22.96
CA GLN E 120 24.08 3.33 -23.94
C GLN E 120 22.82 3.76 -23.20
N PRO E 121 22.73 5.06 -22.85
CA PRO E 121 21.55 5.57 -22.14
C PRO E 121 20.23 5.30 -22.86
N ARG E 122 20.26 5.18 -24.19
CA ARG E 122 19.04 4.92 -24.92
C ARG E 122 18.38 3.59 -24.54
N SER E 123 19.16 2.66 -24.00
CA SER E 123 18.60 1.37 -23.62
C SER E 123 18.18 1.37 -22.16
N MET E 124 18.20 2.54 -21.54
CA MET E 124 17.87 2.64 -20.14
C MET E 124 16.56 3.36 -19.87
N THR E 125 15.90 3.00 -18.77
CA THR E 125 14.64 3.63 -18.39
C THR E 125 14.96 4.88 -17.58
N ALA E 126 13.93 5.62 -17.21
CA ALA E 126 14.11 6.83 -16.43
C ALA E 126 14.73 6.52 -15.05
N GLU E 127 14.16 5.51 -14.39
CA GLU E 127 14.63 5.10 -13.06
C GLU E 127 16.10 4.65 -13.12
N GLN E 128 16.46 3.97 -14.19
CA GLN E 128 17.81 3.50 -14.36
C GLN E 128 18.75 4.67 -14.56
N CYS E 129 18.38 5.61 -15.42
CA CYS E 129 19.22 6.78 -15.64
C CYS E 129 19.39 7.56 -14.34
N PHE E 130 18.31 7.71 -13.58
CA PHE E 130 18.37 8.43 -12.32
C PHE E 130 19.36 7.78 -11.35
N ARG E 131 19.12 6.52 -11.00
CA ARG E 131 20.01 5.82 -10.07
C ARG E 131 21.45 5.77 -10.56
N PHE E 132 21.63 5.64 -11.87
CA PHE E 132 22.98 5.61 -12.44
C PHE E 132 23.66 6.93 -12.11
N LEU E 133 22.99 8.02 -12.47
CA LEU E 133 23.53 9.36 -12.23
C LEU E 133 23.79 9.62 -10.76
N LYS E 134 22.81 9.29 -9.92
CA LYS E 134 22.96 9.49 -8.48
C LYS E 134 24.19 8.76 -7.95
N GLU E 135 24.45 7.55 -8.44
CA GLU E 135 25.62 6.82 -7.98
C GLU E 135 26.90 7.50 -8.45
N LEU E 136 26.89 8.04 -9.67
CA LEU E 136 28.04 8.74 -10.18
C LEU E 136 28.25 10.00 -9.37
N TYR E 137 27.14 10.66 -9.04
CA TYR E 137 27.14 11.88 -8.26
C TYR E 137 27.78 11.61 -6.90
N ASP E 138 27.32 10.56 -6.26
CA ASP E 138 27.84 10.18 -4.94
C ASP E 138 29.31 9.81 -4.95
N MET E 139 29.83 9.39 -6.10
CA MET E 139 31.24 9.01 -6.22
C MET E 139 32.12 10.22 -6.55
N SER E 140 31.65 10.99 -7.52
CA SER E 140 32.37 12.18 -7.97
C SER E 140 32.32 13.32 -6.98
N GLN E 141 32.10 12.99 -5.71
CA GLN E 141 32.03 14.02 -4.68
C GLN E 141 33.39 14.62 -4.38
N GLY E 142 34.29 14.53 -5.35
CA GLY E 142 35.63 15.09 -5.19
C GLY E 142 36.47 14.97 -6.45
N GLY F 2 -7.74 19.02 18.61
CA GLY F 2 -6.55 18.13 18.45
C GLY F 2 -5.28 18.89 18.16
N LEU F 3 -4.19 18.16 17.92
CA LEU F 3 -2.91 18.77 17.62
C LEU F 3 -2.81 19.12 16.13
N HIS F 4 -2.40 20.36 15.83
CA HIS F 4 -2.28 20.80 14.45
C HIS F 4 -0.98 21.59 14.19
N ARG F 5 -0.63 21.71 12.92
CA ARG F 5 0.53 22.49 12.52
C ARG F 5 0.15 23.44 11.41
N LEU F 6 0.56 24.70 11.58
CA LEU F 6 0.31 25.74 10.61
C LEU F 6 1.64 26.19 10.07
N ILE F 7 1.66 26.47 8.77
CA ILE F 7 2.83 27.00 8.11
C ILE F 7 2.32 28.11 7.20
N TYR F 8 2.99 29.25 7.23
CA TYR F 8 2.61 30.39 6.40
C TYR F 8 3.87 31.21 6.14
N LEU F 9 3.83 32.04 5.11
CA LEU F 9 4.96 32.89 4.74
C LEU F 9 4.44 34.32 4.64
N SER F 10 5.36 35.29 4.62
CA SER F 10 4.99 36.69 4.50
C SER F 10 6.22 37.49 4.15
N CYS F 11 6.02 38.75 3.79
CA CYS F 11 7.12 39.64 3.42
C CYS F 11 7.34 40.62 4.57
N ALA F 12 8.59 40.76 5.01
CA ALA F 12 8.88 41.69 6.09
C ALA F 12 8.65 43.12 5.58
N THR F 13 8.08 43.97 6.42
CA THR F 13 7.82 45.35 6.05
C THR F 13 9.15 46.10 5.95
N ASP F 14 9.39 46.77 4.82
CA ASP F 14 10.62 47.53 4.63
C ASP F 14 10.88 48.44 5.84
N GLY F 15 12.08 48.37 6.39
CA GLY F 15 12.42 49.19 7.54
C GLY F 15 12.55 48.39 8.82
N LEU F 16 12.11 47.14 8.77
CA LEU F 16 12.19 46.25 9.93
C LEU F 16 13.62 46.20 10.42
N SER F 17 13.82 46.29 11.74
CA SER F 17 15.16 46.28 12.30
C SER F 17 15.36 45.15 13.31
N TYR F 18 16.61 44.97 13.74
CA TYR F 18 16.95 43.95 14.70
C TYR F 18 16.03 44.02 15.91
N PRO F 19 15.97 45.19 16.58
CA PRO F 19 15.08 45.28 17.74
C PRO F 19 13.65 44.90 17.42
N ASP F 20 13.24 45.10 16.16
CA ASP F 20 11.88 44.73 15.78
C ASP F 20 11.73 43.24 15.88
N LEU F 21 12.70 42.52 15.32
CA LEU F 21 12.68 41.07 15.34
C LEU F 21 12.70 40.54 16.77
N ARG F 22 13.56 41.11 17.60
CA ARG F 22 13.66 40.66 19.00
C ARG F 22 12.35 40.83 19.75
N ASP F 23 11.64 41.92 19.47
CA ASP F 23 10.36 42.19 20.09
C ASP F 23 9.34 41.13 19.67
N ILE F 24 9.40 40.72 18.42
CA ILE F 24 8.47 39.71 17.94
C ILE F 24 8.73 38.41 18.69
N MET F 25 9.99 37.96 18.71
CA MET F 25 10.31 36.73 19.41
C MET F 25 9.91 36.72 20.89
N ALA F 26 10.29 37.75 21.63
CA ALA F 26 9.97 37.85 23.05
C ALA F 26 8.48 37.80 23.35
N LYS F 27 7.69 38.56 22.59
CA LYS F 27 6.26 38.57 22.79
C LYS F 27 5.67 37.23 22.38
N SER F 28 6.16 36.68 21.27
CA SER F 28 5.68 35.38 20.77
C SER F 28 5.91 34.25 21.75
N GLU F 29 7.09 34.21 22.36
CA GLU F 29 7.42 33.16 23.31
C GLU F 29 6.44 33.19 24.48
N VAL F 30 6.18 34.39 24.98
CA VAL F 30 5.26 34.58 26.09
C VAL F 30 3.88 34.05 25.77
N ASN F 31 3.29 34.55 24.67
CA ASN F 31 1.96 34.14 24.26
C ASN F 31 1.89 32.65 23.92
N ASN F 32 2.85 32.18 23.13
CA ASN F 32 2.87 30.78 22.73
C ASN F 32 2.99 29.86 23.94
N LEU F 33 3.84 30.22 24.89
CA LEU F 33 4.03 29.42 26.10
C LEU F 33 2.66 29.31 26.79
N ARG F 34 1.98 30.46 26.88
CA ARG F 34 0.65 30.55 27.49
C ARG F 34 -0.40 29.69 26.79
N ASP F 35 -0.34 29.63 25.46
CA ASP F 35 -1.32 28.90 24.67
C ASP F 35 -0.94 27.47 24.28
N GLY F 36 0.18 26.98 24.79
CA GLY F 36 0.64 25.63 24.48
C GLY F 36 1.14 25.49 23.06
N ILE F 37 1.52 26.61 22.46
CA ILE F 37 2.02 26.62 21.09
C ILE F 37 3.55 26.61 21.00
N THR F 38 4.09 25.91 20.01
CA THR F 38 5.53 25.87 19.81
C THR F 38 5.77 26.14 18.34
N GLY F 39 7.01 26.45 17.98
CA GLY F 39 7.30 26.72 16.59
C GLY F 39 8.61 27.42 16.37
N MET F 40 8.80 27.89 15.15
CA MET F 40 10.03 28.58 14.75
C MET F 40 9.70 29.62 13.69
N LEU F 41 10.49 30.69 13.67
CA LEU F 41 10.31 31.76 12.71
C LEU F 41 11.59 31.90 11.92
N CYS F 42 11.54 31.61 10.63
CA CYS F 42 12.70 31.75 9.78
C CYS F 42 12.63 33.10 9.08
N TYR F 43 13.73 33.84 9.11
CA TYR F 43 13.80 35.14 8.45
C TYR F 43 15.01 35.20 7.54
N GLY F 44 14.77 35.57 6.30
CA GLY F 44 15.86 35.67 5.35
C GLY F 44 15.41 36.26 4.03
N ASN F 45 16.29 37.03 3.41
CA ASN F 45 16.00 37.65 2.12
C ASN F 45 14.68 38.42 2.15
N GLY F 46 14.45 39.14 3.25
CA GLY F 46 13.24 39.94 3.41
C GLY F 46 11.93 39.18 3.50
N MET F 47 12.01 37.87 3.74
CA MET F 47 10.83 37.03 3.82
C MET F 47 10.69 36.32 5.16
N PHE F 48 9.46 36.02 5.54
CA PHE F 48 9.18 35.30 6.78
C PHE F 48 8.56 33.95 6.43
N LEU F 49 9.01 32.89 7.11
CA LEU F 49 8.45 31.55 6.94
C LEU F 49 8.34 31.04 8.37
N GLN F 50 7.12 30.89 8.86
CA GLN F 50 6.89 30.45 10.23
C GLN F 50 6.02 29.22 10.38
N THR F 51 6.30 28.44 11.41
CA THR F 51 5.47 27.28 11.68
C THR F 51 5.06 27.36 13.13
N LEU F 52 3.80 27.02 13.36
CA LEU F 52 3.24 27.01 14.70
C LEU F 52 2.55 25.67 14.87
N GLU F 53 2.74 25.06 16.03
CA GLU F 53 2.10 23.79 16.33
C GLU F 53 1.34 23.96 17.63
N GLY F 54 0.19 23.31 17.69
CA GLY F 54 -0.64 23.37 18.88
C GLY F 54 -2.10 23.12 18.58
N ASP F 55 -2.94 23.59 19.49
CA ASP F 55 -4.40 23.47 19.42
C ASP F 55 -5.01 24.16 18.18
N ARG F 56 -6.10 23.63 17.63
CA ARG F 56 -6.72 24.21 16.44
C ARG F 56 -7.23 25.64 16.67
N GLN F 57 -7.90 25.85 17.80
CA GLN F 57 -8.44 27.15 18.13
C GLN F 57 -7.33 28.16 18.43
N LYS F 58 -6.41 27.77 19.30
CA LYS F 58 -5.30 28.65 19.68
C LYS F 58 -4.42 29.06 18.50
N VAL F 59 -3.93 28.10 17.74
CA VAL F 59 -3.07 28.44 16.61
C VAL F 59 -3.80 29.37 15.63
N SER F 60 -5.09 29.13 15.40
CA SER F 60 -5.88 29.96 14.49
C SER F 60 -5.97 31.40 15.02
N GLU F 61 -6.25 31.55 16.30
CA GLU F 61 -6.35 32.88 16.91
C GLU F 61 -5.00 33.58 16.87
N THR F 62 -3.91 32.83 17.07
CA THR F 62 -2.58 33.42 17.03
C THR F 62 -2.33 33.96 15.62
N TYR F 63 -2.70 33.20 14.61
CA TYR F 63 -2.52 33.63 13.22
C TYR F 63 -3.33 34.90 12.94
N ALA F 64 -4.54 34.99 13.49
CA ALA F 64 -5.41 36.15 13.30
C ALA F 64 -4.68 37.39 13.81
N ARG F 65 -4.09 37.27 14.98
CA ARG F 65 -3.34 38.35 15.60
C ARG F 65 -2.14 38.71 14.74
N ILE F 66 -1.42 37.69 14.28
CA ILE F 66 -0.25 37.87 13.44
C ILE F 66 -0.57 38.67 12.19
N LEU F 67 -1.75 38.44 11.63
CA LEU F 67 -2.16 39.17 10.42
C LEU F 67 -2.33 40.68 10.66
N LYS F 68 -2.56 41.07 11.91
CA LYS F 68 -2.74 42.48 12.25
C LYS F 68 -1.42 43.21 12.42
N ASP F 69 -0.32 42.46 12.50
CA ASP F 69 1.00 43.06 12.71
C ASP F 69 1.52 43.79 11.47
N PRO F 70 1.65 45.12 11.53
CA PRO F 70 2.14 45.89 10.39
C PRO F 70 3.60 45.64 10.02
N ARG F 71 4.32 44.90 10.86
CA ARG F 71 5.73 44.61 10.59
C ARG F 71 5.94 43.66 9.41
N HIS F 72 4.86 43.13 8.85
CA HIS F 72 4.97 42.28 7.66
C HIS F 72 3.69 42.42 6.85
N HIS F 73 3.69 41.85 5.65
CA HIS F 73 2.51 41.94 4.80
C HIS F 73 2.53 40.83 3.74
N SER F 74 1.47 40.77 2.95
CA SER F 74 1.34 39.78 1.89
C SER F 74 1.53 38.37 2.43
N ALA F 75 0.90 38.10 3.58
CA ALA F 75 0.97 36.79 4.22
C ALA F 75 0.19 35.76 3.38
N GLU F 76 0.72 34.53 3.34
CA GLU F 76 0.07 33.45 2.61
C GLU F 76 0.14 32.19 3.46
N ILE F 77 -0.98 31.50 3.59
CA ILE F 77 -1.01 30.26 4.35
C ILE F 77 -0.37 29.22 3.45
N VAL F 78 0.51 28.40 4.01
CA VAL F 78 1.18 27.37 3.22
C VAL F 78 0.50 26.04 3.52
N GLU F 79 0.18 25.81 4.79
CA GLU F 79 -0.47 24.57 5.18
C GLU F 79 -1.08 24.64 6.57
N PHE F 80 -2.12 23.85 6.78
CA PHE F 80 -2.76 23.74 8.07
C PHE F 80 -3.35 22.34 8.10
N LYS F 81 -2.83 21.50 8.99
CA LYS F 81 -3.33 20.13 9.07
C LYS F 81 -3.09 19.55 10.46
N ALA F 82 -3.79 18.45 10.74
CA ALA F 82 -3.64 17.75 12.01
C ALA F 82 -2.33 16.97 11.95
N ILE F 83 -1.73 16.73 13.12
CA ILE F 83 -0.48 15.97 13.20
C ILE F 83 -0.54 15.05 14.41
N GLU F 84 0.15 13.92 14.30
CA GLU F 84 0.21 12.91 15.35
C GLU F 84 1.13 13.40 16.48
N GLU F 85 2.25 14.01 16.08
CA GLU F 85 3.21 14.53 17.05
C GLU F 85 3.90 15.77 16.50
N ARG F 86 4.36 16.63 17.40
CA ARG F 86 5.04 17.86 16.99
C ARG F 86 6.45 17.56 16.53
N THR F 87 6.99 18.46 15.72
CA THR F 87 8.37 18.35 15.24
C THR F 87 9.17 19.46 15.96
N PHE F 88 8.58 20.64 16.04
CA PHE F 88 9.22 21.81 16.67
C PHE F 88 8.83 21.91 18.13
N ILE F 89 9.30 20.95 18.90
CA ILE F 89 9.02 20.77 20.31
C ILE F 89 9.72 21.72 21.28
N ASN F 90 11.03 21.86 21.09
CA ASN F 90 11.84 22.65 22.00
C ASN F 90 11.61 24.15 22.18
N TRP F 91 11.06 24.84 21.18
CA TRP F 91 10.89 26.29 21.32
C TRP F 91 9.47 26.83 21.27
N SER F 92 9.14 27.73 22.20
CA SER F 92 7.81 28.34 22.20
C SER F 92 7.72 29.11 20.89
N MET F 93 8.81 29.75 20.51
CA MET F 93 8.87 30.51 19.28
C MET F 93 10.25 31.11 19.18
N ARG F 94 11.16 30.42 18.50
CA ARG F 94 12.50 30.95 18.37
C ARG F 94 12.75 31.48 16.98
N LEU F 95 13.45 32.61 16.90
CA LEU F 95 13.78 33.22 15.63
C LEU F 95 15.05 32.63 15.06
N VAL F 96 15.03 32.34 13.76
CA VAL F 96 16.20 31.80 13.10
C VAL F 96 16.49 32.69 11.90
N GLN F 97 17.60 33.41 11.94
CA GLN F 97 17.98 34.28 10.83
C GLN F 97 18.97 33.57 9.92
N LEU F 98 18.56 33.38 8.67
CA LEU F 98 19.41 32.69 7.71
C LEU F 98 20.73 33.40 7.51
N GLY F 99 20.69 34.73 7.49
CA GLY F 99 21.90 35.51 7.29
C GLY F 99 22.96 35.30 8.36
N GLU F 100 22.57 34.73 9.50
CA GLU F 100 23.50 34.49 10.59
C GLU F 100 24.16 33.12 10.52
N MET F 101 23.62 32.26 9.67
CA MET F 101 24.14 30.90 9.54
C MET F 101 25.19 30.77 8.45
N ASP F 102 25.86 29.62 8.41
CA ASP F 102 26.89 29.39 7.40
C ASP F 102 26.31 29.48 6.00
N SER F 103 26.72 30.51 5.27
CA SER F 103 26.24 30.77 3.92
C SER F 103 26.18 29.54 3.02
N ASP F 104 27.21 28.72 3.07
CA ASP F 104 27.25 27.53 2.24
C ASP F 104 26.23 26.47 2.69
N THR F 105 25.97 26.44 3.99
CA THR F 105 25.01 25.47 4.52
C THR F 105 23.58 25.86 4.12
N ILE F 106 23.29 27.15 4.19
CA ILE F 106 21.97 27.68 3.84
C ILE F 106 21.70 27.48 2.36
N ARG F 107 22.69 27.81 1.54
CA ARG F 107 22.58 27.69 0.09
C ARG F 107 22.21 26.27 -0.31
N ARG F 108 22.90 25.28 0.25
CA ARG F 108 22.60 23.90 -0.10
C ARG F 108 21.23 23.47 0.43
N LEU F 109 20.86 23.98 1.60
CA LEU F 109 19.57 23.65 2.17
C LEU F 109 18.45 24.28 1.34
N ARG F 110 18.64 25.55 0.97
CA ARG F 110 17.65 26.28 0.18
C ARG F 110 17.47 25.67 -1.21
N LEU F 111 18.57 25.20 -1.81
CA LEU F 111 18.47 24.58 -3.13
C LEU F 111 17.80 23.22 -3.00
N LYS F 112 18.11 22.50 -1.92
CA LYS F 112 17.52 21.18 -1.71
C LYS F 112 16.00 21.15 -1.72
N TYR F 113 15.38 22.17 -1.12
CA TYR F 113 13.93 22.23 -1.05
C TYR F 113 13.23 23.32 -1.85
N SER F 114 13.94 23.91 -2.82
CA SER F 114 13.33 24.95 -3.64
C SER F 114 14.04 25.10 -4.98
N PRO F 115 13.35 25.67 -5.98
CA PRO F 115 13.95 25.85 -7.30
C PRO F 115 14.55 27.24 -7.47
N ALA F 116 14.55 28.02 -6.39
CA ALA F 116 15.04 29.39 -6.43
C ALA F 116 16.52 29.57 -6.18
N ALA F 117 17.06 30.66 -6.73
CA ALA F 117 18.46 30.98 -6.59
C ALA F 117 18.71 31.69 -5.25
N THR F 118 17.63 32.07 -4.58
CA THR F 118 17.71 32.74 -3.27
C THR F 118 16.54 32.23 -2.43
N PHE F 119 16.47 32.61 -1.16
CA PHE F 119 15.37 32.15 -0.34
C PHE F 119 14.04 32.75 -0.78
N GLN F 120 13.18 31.92 -1.36
CA GLN F 120 11.87 32.37 -1.83
C GLN F 120 10.81 31.35 -1.41
N PRO F 121 10.25 31.51 -0.21
CA PRO F 121 9.23 30.57 0.27
C PRO F 121 8.00 30.41 -0.60
N ARG F 122 7.68 31.44 -1.39
CA ARG F 122 6.50 31.36 -2.25
C ARG F 122 6.69 30.36 -3.38
N SER F 123 7.92 29.97 -3.67
CA SER F 123 8.16 29.02 -4.75
C SER F 123 8.22 27.58 -4.22
N MET F 124 7.95 27.42 -2.93
CA MET F 124 8.01 26.13 -2.28
C MET F 124 6.64 25.55 -1.91
N THR F 125 6.54 24.22 -1.95
CA THR F 125 5.31 23.52 -1.59
C THR F 125 5.29 23.41 -0.08
N ALA F 126 4.19 22.89 0.46
CA ALA F 126 4.04 22.70 1.89
C ALA F 126 5.09 21.71 2.41
N GLU F 127 5.28 20.63 1.67
CA GLU F 127 6.23 19.61 2.10
C GLU F 127 7.65 20.17 2.12
N GLN F 128 7.99 20.95 1.11
CA GLN F 128 9.32 21.56 1.06
C GLN F 128 9.51 22.52 2.23
N CYS F 129 8.50 23.34 2.52
CA CYS F 129 8.60 24.27 3.62
C CYS F 129 8.79 23.55 4.94
N PHE F 130 8.03 22.47 5.14
CA PHE F 130 8.14 21.70 6.37
C PHE F 130 9.53 21.09 6.53
N ARG F 131 10.01 20.41 5.49
CA ARG F 131 11.32 19.78 5.53
C ARG F 131 12.43 20.80 5.66
N PHE F 132 12.24 21.94 5.00
CA PHE F 132 13.23 23.01 5.08
C PHE F 132 13.32 23.46 6.53
N LEU F 133 12.17 23.79 7.11
CA LEU F 133 12.15 24.25 8.49
C LEU F 133 12.66 23.21 9.48
N LYS F 134 12.34 21.94 9.24
CA LYS F 134 12.78 20.87 10.14
C LYS F 134 14.30 20.73 10.17
N GLU F 135 14.92 20.79 9.00
CA GLU F 135 16.37 20.68 8.94
C GLU F 135 16.98 21.87 9.62
N LEU F 136 16.41 23.04 9.37
CA LEU F 136 16.90 24.27 9.98
C LEU F 136 16.83 24.11 11.49
N TYR F 137 15.72 23.55 11.95
CA TYR F 137 15.48 23.31 13.37
C TYR F 137 16.45 22.27 13.95
N ASP F 138 16.70 21.20 13.20
CA ASP F 138 17.59 20.15 13.66
C ASP F 138 19.04 20.62 13.79
N MET F 139 19.49 21.46 12.85
CA MET F 139 20.85 21.98 12.88
C MET F 139 20.96 23.23 13.73
N SER F 140 19.93 23.55 14.49
CA SER F 140 19.93 24.73 15.36
C SER F 140 19.68 24.33 16.80
N GLN F 141 19.94 23.06 17.12
CA GLN F 141 19.75 22.58 18.47
C GLN F 141 21.03 22.76 19.26
N GLY F 142 22.03 23.38 18.62
CA GLY F 142 23.29 23.62 19.27
C GLY F 142 24.00 22.38 19.77
N SER F 143 24.77 22.55 20.84
CA SER F 143 25.51 21.45 21.43
C SER F 143 25.32 21.40 22.94
N GLY G 2 -13.88 13.97 19.71
CA GLY G 2 -14.06 13.40 18.34
C GLY G 2 -15.09 12.28 18.30
N LEU G 3 -15.35 11.79 17.09
CA LEU G 3 -16.32 10.72 16.88
C LEU G 3 -15.67 9.35 17.10
N HIS G 4 -16.28 8.55 17.98
CA HIS G 4 -15.79 7.22 18.32
C HIS G 4 -16.90 6.18 18.26
N ARG G 5 -16.51 4.92 18.23
CA ARG G 5 -17.47 3.82 18.24
C ARG G 5 -17.04 2.77 19.26
N LEU G 6 -17.97 2.40 20.12
CA LEU G 6 -17.72 1.39 21.13
C LEU G 6 -18.53 0.16 20.78
N ILE G 7 -17.93 -1.01 20.98
CA ILE G 7 -18.65 -2.26 20.78
C ILE G 7 -18.37 -3.08 22.04
N TYR G 8 -19.41 -3.68 22.61
CA TYR G 8 -19.23 -4.50 23.80
C TYR G 8 -20.30 -5.59 23.81
N LEU G 9 -20.04 -6.61 24.62
CA LEU G 9 -20.95 -7.74 24.77
C LEU G 9 -21.18 -7.98 26.26
N SER G 10 -22.25 -8.69 26.61
CA SER G 10 -22.58 -9.00 27.99
C SER G 10 -23.56 -10.17 28.06
N CYS G 11 -23.76 -10.71 29.25
CA CYS G 11 -24.69 -11.83 29.45
C CYS G 11 -25.96 -11.32 30.12
N ALA G 12 -27.11 -11.62 29.52
CA ALA G 12 -28.38 -11.19 30.10
C ALA G 12 -28.63 -11.94 31.39
N THR G 13 -29.02 -11.21 32.44
CA THR G 13 -29.30 -11.83 33.72
C THR G 13 -30.46 -12.82 33.55
N ASP G 14 -30.38 -13.96 34.23
CA ASP G 14 -31.43 -14.96 34.15
C ASP G 14 -32.79 -14.32 34.41
N GLY G 15 -33.78 -14.68 33.58
CA GLY G 15 -35.10 -14.12 33.76
C GLY G 15 -35.41 -12.92 32.87
N LEU G 16 -34.41 -12.41 32.17
CA LEU G 16 -34.62 -11.25 31.30
C LEU G 16 -35.76 -11.55 30.33
N SER G 17 -36.79 -10.70 30.34
CA SER G 17 -37.95 -10.91 29.46
C SER G 17 -38.27 -9.67 28.63
N TYR G 18 -39.21 -9.81 27.71
CA TYR G 18 -39.64 -8.73 26.82
C TYR G 18 -39.80 -7.37 27.52
N PRO G 19 -40.56 -7.34 28.63
CA PRO G 19 -40.75 -6.05 29.33
C PRO G 19 -39.44 -5.37 29.72
N ASP G 20 -38.42 -6.16 30.04
CA ASP G 20 -37.12 -5.61 30.43
C ASP G 20 -36.49 -4.88 29.26
N LEU G 21 -36.54 -5.51 28.09
CA LEU G 21 -35.98 -4.93 26.88
C LEU G 21 -36.65 -3.61 26.51
N ARG G 22 -37.97 -3.55 26.69
CA ARG G 22 -38.69 -2.33 26.36
C ARG G 22 -38.22 -1.16 27.22
N ASP G 23 -38.14 -1.40 28.52
CA ASP G 23 -37.69 -0.37 29.45
C ASP G 23 -36.27 0.09 29.10
N ILE G 24 -35.44 -0.87 28.71
CA ILE G 24 -34.07 -0.56 28.34
C ILE G 24 -34.07 0.38 27.13
N MET G 25 -34.88 0.03 26.14
CA MET G 25 -34.98 0.83 24.94
C MET G 25 -35.52 2.23 25.23
N ALA G 26 -36.58 2.28 26.04
CA ALA G 26 -37.19 3.56 26.38
C ALA G 26 -36.14 4.52 26.92
N LYS G 27 -35.37 4.09 27.92
CA LYS G 27 -34.35 4.94 28.51
C LYS G 27 -33.19 5.20 27.54
N SER G 28 -32.81 4.19 26.78
CA SER G 28 -31.72 4.35 25.81
C SER G 28 -32.01 5.42 24.77
N GLU G 29 -33.19 5.36 24.16
CA GLU G 29 -33.55 6.34 23.13
C GLU G 29 -33.52 7.75 23.68
N VAL G 30 -34.06 7.96 24.87
CA VAL G 30 -34.08 9.27 25.50
C VAL G 30 -32.69 9.79 25.85
N ASN G 31 -31.88 8.93 26.46
CA ASN G 31 -30.54 9.32 26.87
C ASN G 31 -29.57 9.51 25.72
N ASN G 32 -29.64 8.61 24.73
CA ASN G 32 -28.75 8.69 23.59
C ASN G 32 -29.07 9.90 22.72
N LEU G 33 -30.36 10.18 22.51
CA LEU G 33 -30.75 11.34 21.73
C LEU G 33 -30.15 12.57 22.41
N ARG G 34 -30.27 12.62 23.73
CA ARG G 34 -29.74 13.71 24.52
C ARG G 34 -28.23 13.84 24.39
N ASP G 35 -27.54 12.71 24.38
CA ASP G 35 -26.08 12.73 24.31
C ASP G 35 -25.48 12.65 22.91
N GLY G 36 -26.32 12.72 21.88
CA GLY G 36 -25.82 12.64 20.52
C GLY G 36 -25.29 11.25 20.19
N ILE G 37 -25.76 10.25 20.94
CA ILE G 37 -25.34 8.88 20.72
C ILE G 37 -26.33 8.10 19.87
N THR G 38 -25.79 7.26 18.99
CA THR G 38 -26.61 6.40 18.13
C THR G 38 -26.02 4.98 18.21
N GLY G 39 -26.75 3.99 17.71
CA GLY G 39 -26.22 2.64 17.74
C GLY G 39 -27.28 1.57 17.58
N MET G 40 -26.91 0.35 17.97
CA MET G 40 -27.84 -0.77 17.86
C MET G 40 -27.56 -1.82 18.92
N LEU G 41 -28.64 -2.43 19.40
CA LEU G 41 -28.56 -3.45 20.43
C LEU G 41 -29.08 -4.77 19.89
N CYS G 42 -28.27 -5.80 19.97
CA CYS G 42 -28.65 -7.11 19.50
C CYS G 42 -28.82 -8.06 20.69
N TYR G 43 -29.95 -8.76 20.73
CA TYR G 43 -30.23 -9.70 21.81
C TYR G 43 -30.58 -11.07 21.26
N GLY G 44 -29.81 -12.08 21.69
CA GLY G 44 -30.05 -13.43 21.23
C GLY G 44 -29.30 -14.46 22.06
N ASN G 45 -29.86 -15.67 22.10
CA ASN G 45 -29.26 -16.78 22.84
C ASN G 45 -28.75 -16.32 24.22
N GLY G 46 -29.55 -15.48 24.89
CA GLY G 46 -29.20 -14.99 26.21
C GLY G 46 -27.98 -14.06 26.25
N MET G 47 -27.58 -13.58 25.09
CA MET G 47 -26.42 -12.69 25.02
C MET G 47 -26.77 -11.31 24.46
N PHE G 48 -25.98 -10.31 24.85
CA PHE G 48 -26.14 -8.94 24.40
C PHE G 48 -24.93 -8.47 23.60
N LEU G 49 -25.19 -7.84 22.46
CA LEU G 49 -24.12 -7.30 21.62
C LEU G 49 -24.60 -5.91 21.20
N GLN G 50 -23.91 -4.89 21.70
CA GLN G 50 -24.31 -3.51 21.41
C GLN G 50 -23.16 -2.65 20.94
N THR G 51 -23.49 -1.67 20.10
CA THR G 51 -22.49 -0.72 19.61
C THR G 51 -23.04 0.68 19.84
N LEU G 52 -22.16 1.60 20.22
CA LEU G 52 -22.55 2.98 20.47
C LEU G 52 -21.58 3.89 19.75
N GLU G 53 -22.13 4.89 19.05
CA GLU G 53 -21.31 5.84 18.34
C GLU G 53 -21.60 7.22 18.93
N GLY G 54 -20.57 8.05 18.99
CA GLY G 54 -20.73 9.37 19.54
C GLY G 54 -19.42 9.93 20.03
N ASP G 55 -19.54 10.83 21.00
CA ASP G 55 -18.41 11.51 21.60
C ASP G 55 -17.60 10.58 22.53
N ARG G 56 -16.30 10.80 22.60
CA ARG G 56 -15.47 9.96 23.46
C ARG G 56 -15.96 9.93 24.88
N GLN G 57 -16.17 11.12 25.45
CA GLN G 57 -16.63 11.24 26.81
C GLN G 57 -18.03 10.72 27.06
N LYS G 58 -18.97 11.09 26.21
CA LYS G 58 -20.35 10.65 26.36
C LYS G 58 -20.51 9.14 26.21
N VAL G 59 -19.85 8.57 25.21
CA VAL G 59 -19.93 7.12 25.00
C VAL G 59 -19.35 6.39 26.22
N SER G 60 -18.23 6.90 26.72
CA SER G 60 -17.59 6.28 27.88
C SER G 60 -18.49 6.36 29.12
N GLU G 61 -19.13 7.50 29.35
CA GLU G 61 -19.99 7.65 30.51
C GLU G 61 -21.22 6.75 30.40
N THR G 62 -21.73 6.58 29.19
CA THR G 62 -22.89 5.74 29.00
C THR G 62 -22.52 4.28 29.29
N TYR G 63 -21.32 3.88 28.90
CA TYR G 63 -20.87 2.51 29.14
C TYR G 63 -20.75 2.29 30.64
N ALA G 64 -20.24 3.29 31.36
CA ALA G 64 -20.10 3.16 32.81
C ALA G 64 -21.48 2.97 33.46
N ARG G 65 -22.51 3.63 32.92
CA ARG G 65 -23.86 3.49 33.48
C ARG G 65 -24.41 2.11 33.16
N ILE G 66 -24.18 1.66 31.93
CA ILE G 66 -24.66 0.35 31.51
C ILE G 66 -24.05 -0.74 32.38
N LEU G 67 -22.81 -0.57 32.80
CA LEU G 67 -22.15 -1.57 33.65
C LEU G 67 -22.80 -1.72 35.01
N LYS G 68 -23.55 -0.71 35.45
CA LYS G 68 -24.20 -0.76 36.75
C LYS G 68 -25.60 -1.38 36.69
N ASP G 69 -26.08 -1.61 35.48
CA ASP G 69 -27.41 -2.18 35.28
C ASP G 69 -27.39 -3.67 35.65
N PRO G 70 -28.26 -4.08 36.58
CA PRO G 70 -28.36 -5.47 37.03
C PRO G 70 -29.00 -6.42 36.02
N ARG G 71 -29.55 -5.89 34.95
CA ARG G 71 -30.18 -6.74 33.95
C ARG G 71 -29.21 -7.52 33.06
N HIS G 72 -27.92 -7.36 33.30
CA HIS G 72 -26.93 -8.11 32.55
C HIS G 72 -25.65 -8.16 33.37
N HIS G 73 -24.67 -8.93 32.91
CA HIS G 73 -23.42 -9.06 33.65
C HIS G 73 -22.32 -9.61 32.73
N SER G 74 -21.11 -9.76 33.28
CA SER G 74 -19.99 -10.28 32.51
C SER G 74 -19.75 -9.48 31.24
N ALA G 75 -19.78 -8.16 31.35
CA ALA G 75 -19.58 -7.32 30.18
C ALA G 75 -18.14 -7.42 29.69
N GLU G 76 -17.98 -7.43 28.38
CA GLU G 76 -16.66 -7.47 27.79
C GLU G 76 -16.57 -6.45 26.68
N ILE G 77 -15.55 -5.62 26.73
CA ILE G 77 -15.36 -4.62 25.69
C ILE G 77 -14.82 -5.35 24.47
N VAL G 78 -15.39 -5.04 23.31
CA VAL G 78 -14.96 -5.66 22.06
C VAL G 78 -14.06 -4.70 21.28
N GLU G 79 -14.46 -3.43 21.25
CA GLU G 79 -13.69 -2.44 20.54
C GLU G 79 -14.07 -1.01 20.91
N PHE G 80 -13.10 -0.12 20.83
CA PHE G 80 -13.31 1.30 21.08
C PHE G 80 -12.25 2.03 20.26
N LYS G 81 -12.69 2.75 19.23
CA LYS G 81 -11.79 3.47 18.37
C LYS G 81 -12.47 4.67 17.73
N ALA G 82 -11.66 5.57 17.17
CA ALA G 82 -12.17 6.74 16.50
C ALA G 82 -12.66 6.30 15.11
N ILE G 83 -13.69 6.99 14.61
CA ILE G 83 -14.24 6.70 13.27
C ILE G 83 -14.44 8.02 12.51
N GLU G 84 -14.34 7.96 11.19
CA GLU G 84 -14.51 9.14 10.33
C GLU G 84 -15.98 9.49 10.17
N GLU G 85 -16.83 8.47 10.09
CA GLU G 85 -18.27 8.66 9.95
C GLU G 85 -19.02 7.54 10.64
N ARG G 86 -20.26 7.83 11.03
CA ARG G 86 -21.10 6.85 11.70
C ARG G 86 -21.70 5.86 10.73
N THR G 87 -21.89 4.64 11.19
CA THR G 87 -22.51 3.58 10.41
C THR G 87 -23.95 3.43 10.89
N PHE G 88 -24.15 3.45 12.21
CA PHE G 88 -25.47 3.29 12.79
C PHE G 88 -26.16 4.62 13.07
N ILE G 89 -26.38 5.37 12.00
CA ILE G 89 -26.98 6.69 12.04
C ILE G 89 -28.46 6.74 12.38
N ASN G 90 -29.26 6.00 11.63
CA ASN G 90 -30.71 6.00 11.77
C ASN G 90 -31.37 6.02 13.14
N TRP G 91 -30.76 5.42 14.16
CA TRP G 91 -31.41 5.39 15.46
C TRP G 91 -30.55 5.77 16.65
N SER G 92 -31.17 6.42 17.63
CA SER G 92 -30.48 6.77 18.86
C SER G 92 -30.11 5.43 19.50
N MET G 93 -30.96 4.44 19.26
CA MET G 93 -30.77 3.05 19.72
C MET G 93 -31.89 2.20 19.13
N ARG G 94 -31.49 1.13 18.45
CA ARG G 94 -32.42 0.20 17.81
C ARG G 94 -32.18 -1.18 18.41
N LEU G 95 -33.26 -1.86 18.78
CA LEU G 95 -33.14 -3.19 19.37
C LEU G 95 -33.46 -4.24 18.32
N VAL G 96 -32.64 -5.28 18.25
CA VAL G 96 -32.87 -6.38 17.32
C VAL G 96 -32.86 -7.70 18.10
N GLN G 97 -34.00 -8.38 18.08
CA GLN G 97 -34.15 -9.66 18.76
C GLN G 97 -33.98 -10.77 17.74
N LEU G 98 -32.85 -11.48 17.84
CA LEU G 98 -32.55 -12.57 16.92
C LEU G 98 -33.67 -13.61 16.91
N GLY G 99 -34.29 -13.82 18.06
CA GLY G 99 -35.38 -14.77 18.14
C GLY G 99 -36.58 -14.45 17.28
N GLU G 100 -36.77 -13.17 16.95
CA GLU G 100 -37.90 -12.75 16.12
C GLU G 100 -37.56 -12.67 14.65
N MET G 101 -36.29 -12.91 14.33
CA MET G 101 -35.82 -12.87 12.95
C MET G 101 -36.05 -14.20 12.24
N ASP G 102 -35.89 -14.18 10.92
CA ASP G 102 -36.05 -15.40 10.13
C ASP G 102 -34.96 -16.38 10.54
N SER G 103 -35.35 -17.53 11.07
CA SER G 103 -34.41 -18.55 11.53
C SER G 103 -33.22 -18.78 10.59
N ASP G 104 -33.49 -18.87 9.29
CA ASP G 104 -32.43 -19.11 8.32
C ASP G 104 -31.62 -17.85 8.00
N THR G 105 -32.25 -16.70 8.17
CA THR G 105 -31.56 -15.44 7.90
C THR G 105 -30.51 -15.22 8.98
N ILE G 106 -30.87 -15.48 10.23
CA ILE G 106 -29.96 -15.30 11.35
C ILE G 106 -28.91 -16.41 11.41
N ARG G 107 -29.31 -17.62 11.06
CA ARG G 107 -28.38 -18.75 11.08
C ARG G 107 -27.25 -18.42 10.13
N ARG G 108 -27.61 -18.01 8.92
CA ARG G 108 -26.63 -17.66 7.89
C ARG G 108 -25.72 -16.52 8.35
N LEU G 109 -26.31 -15.50 8.96
CA LEU G 109 -25.54 -14.36 9.43
C LEU G 109 -24.64 -14.73 10.61
N ARG G 110 -25.19 -15.48 11.56
CA ARG G 110 -24.43 -15.89 12.73
C ARG G 110 -23.25 -16.78 12.35
N LEU G 111 -23.43 -17.62 11.34
CA LEU G 111 -22.35 -18.49 10.89
C LEU G 111 -21.35 -17.67 10.10
N LYS G 112 -21.84 -16.76 9.27
CA LYS G 112 -20.96 -15.93 8.46
C LYS G 112 -19.85 -15.24 9.26
N TYR G 113 -20.21 -14.70 10.42
CA TYR G 113 -19.23 -13.99 11.24
C TYR G 113 -18.83 -14.64 12.56
N SER G 114 -19.03 -15.95 12.67
CA SER G 114 -18.63 -16.63 13.91
C SER G 114 -18.46 -18.14 13.72
N PRO G 115 -17.64 -18.76 14.56
CA PRO G 115 -17.39 -20.20 14.47
C PRO G 115 -18.32 -20.99 15.38
N ALA G 116 -19.26 -20.29 16.02
CA ALA G 116 -20.19 -20.93 16.95
C ALA G 116 -21.44 -21.50 16.31
N ALA G 117 -22.04 -22.47 16.99
CA ALA G 117 -23.26 -23.13 16.52
C ALA G 117 -24.48 -22.30 16.93
N THR G 118 -24.26 -21.32 17.80
CA THR G 118 -25.33 -20.43 18.24
C THR G 118 -24.74 -19.03 18.42
N PHE G 119 -25.58 -18.06 18.77
CA PHE G 119 -25.08 -16.70 18.95
C PHE G 119 -24.16 -16.60 20.18
N GLN G 120 -22.87 -16.43 19.94
CA GLN G 120 -21.89 -16.32 21.03
C GLN G 120 -20.88 -15.22 20.68
N PRO G 121 -21.23 -13.97 21.01
CA PRO G 121 -20.35 -12.85 20.71
C PRO G 121 -18.93 -13.02 21.25
N ARG G 122 -18.77 -13.64 22.41
CA ARG G 122 -17.44 -13.84 22.99
C ARG G 122 -16.49 -14.60 22.04
N SER G 123 -17.04 -15.30 21.06
CA SER G 123 -16.20 -16.07 20.13
C SER G 123 -15.96 -15.29 18.84
N MET G 124 -16.36 -14.03 18.84
CA MET G 124 -16.23 -13.17 17.66
C MET G 124 -15.24 -12.02 17.85
N THR G 125 -14.60 -11.62 16.76
CA THR G 125 -13.63 -10.51 16.77
C THR G 125 -14.37 -9.16 16.63
N ALA G 126 -13.63 -8.07 16.73
CA ALA G 126 -14.22 -6.73 16.59
C ALA G 126 -14.81 -6.54 15.19
N GLU G 127 -14.06 -6.96 14.17
CA GLU G 127 -14.52 -6.82 12.79
C GLU G 127 -15.77 -7.67 12.56
N GLN G 128 -15.78 -8.88 13.11
CA GLN G 128 -16.93 -9.77 12.95
C GLN G 128 -18.14 -9.18 13.66
N CYS G 129 -17.95 -8.64 14.86
CA CYS G 129 -19.07 -8.03 15.58
C CYS G 129 -19.61 -6.82 14.79
N PHE G 130 -18.71 -5.99 14.29
CA PHE G 130 -19.10 -4.81 13.52
C PHE G 130 -19.87 -5.20 12.27
N ARG G 131 -19.33 -6.13 11.49
CA ARG G 131 -19.99 -6.54 10.26
C ARG G 131 -21.32 -7.22 10.54
N PHE G 132 -21.37 -8.01 11.61
CA PHE G 132 -22.61 -8.68 11.99
C PHE G 132 -23.66 -7.61 12.31
N LEU G 133 -23.29 -6.67 13.17
CA LEU G 133 -24.22 -5.60 13.55
C LEU G 133 -24.67 -4.78 12.35
N LYS G 134 -23.75 -4.45 11.46
CA LYS G 134 -24.09 -3.64 10.29
C LYS G 134 -25.11 -4.35 9.40
N GLU G 135 -24.94 -5.65 9.18
CA GLU G 135 -25.89 -6.38 8.35
C GLU G 135 -27.27 -6.37 8.98
N LEU G 136 -27.34 -6.43 10.31
CA LEU G 136 -28.62 -6.38 11.00
C LEU G 136 -29.20 -4.97 10.86
N TYR G 137 -28.32 -3.99 10.93
CA TYR G 137 -28.73 -2.59 10.82
C TYR G 137 -29.30 -2.31 9.44
N ASP G 138 -28.65 -2.81 8.40
CA ASP G 138 -29.11 -2.59 7.03
C ASP G 138 -30.43 -3.27 6.71
N MET G 139 -30.87 -4.17 7.58
CA MET G 139 -32.14 -4.86 7.35
C MET G 139 -33.12 -4.58 8.49
N SER G 140 -33.01 -3.39 9.08
CA SER G 140 -33.89 -3.00 10.18
C SER G 140 -34.97 -2.02 9.71
N GLY H 2 -11.11 -18.60 17.70
CA GLY H 2 -11.54 -17.76 16.55
C GLY H 2 -12.00 -18.59 15.37
N LEU H 3 -12.45 -17.91 14.32
CA LEU H 3 -12.92 -18.61 13.13
C LEU H 3 -11.73 -18.94 12.22
N HIS H 4 -11.70 -20.18 11.72
CA HIS H 4 -10.62 -20.64 10.84
C HIS H 4 -11.15 -21.42 9.66
N ARG H 5 -10.30 -21.63 8.66
CA ARG H 5 -10.68 -22.43 7.51
C ARG H 5 -9.60 -23.46 7.20
N LEU H 6 -9.99 -24.71 7.05
CA LEU H 6 -9.06 -25.77 6.72
C LEU H 6 -9.41 -26.29 5.33
N ILE H 7 -8.39 -26.53 4.52
CA ILE H 7 -8.58 -27.10 3.19
C ILE H 7 -7.56 -28.23 3.09
N TYR H 8 -8.00 -29.41 2.66
CA TYR H 8 -7.11 -30.56 2.50
C TYR H 8 -7.58 -31.41 1.31
N LEU H 9 -6.71 -32.29 0.84
CA LEU H 9 -7.01 -33.17 -0.29
C LEU H 9 -6.63 -34.59 0.13
N SER H 10 -7.16 -35.59 -0.55
CA SER H 10 -6.82 -36.98 -0.24
C SER H 10 -7.15 -37.85 -1.43
N CYS H 11 -6.67 -39.10 -1.39
CA CYS H 11 -6.94 -40.06 -2.45
C CYS H 11 -8.02 -41.00 -1.95
N ALA H 12 -9.13 -41.07 -2.68
CA ALA H 12 -10.21 -41.96 -2.28
C ALA H 12 -9.71 -43.40 -2.38
N THR H 13 -10.03 -44.20 -1.37
CA THR H 13 -9.61 -45.60 -1.37
C THR H 13 -10.24 -46.32 -2.57
N ASP H 14 -9.41 -47.08 -3.28
CA ASP H 14 -9.86 -47.84 -4.45
C ASP H 14 -11.09 -48.67 -4.11
N GLY H 15 -12.13 -48.55 -4.94
CA GLY H 15 -13.35 -49.30 -4.69
C GLY H 15 -14.43 -48.49 -4.01
N LEU H 16 -14.17 -47.20 -3.81
CA LEU H 16 -15.15 -46.33 -3.17
C LEU H 16 -16.51 -46.51 -3.85
N SER H 17 -17.54 -46.80 -3.05
CA SER H 17 -18.88 -47.01 -3.59
C SER H 17 -19.77 -45.81 -3.28
N TYR H 18 -20.92 -45.75 -3.93
CA TYR H 18 -21.86 -44.65 -3.72
C TYR H 18 -22.35 -44.64 -2.27
N PRO H 19 -22.70 -45.82 -1.72
CA PRO H 19 -23.17 -45.85 -0.34
C PRO H 19 -22.11 -45.36 0.65
N ASP H 20 -20.84 -45.45 0.26
CA ASP H 20 -19.76 -44.97 1.13
C ASP H 20 -19.85 -43.46 1.18
N LEU H 21 -20.05 -42.84 0.02
CA LEU H 21 -20.18 -41.40 -0.06
C LEU H 21 -21.33 -40.94 0.83
N ARG H 22 -22.45 -41.65 0.73
CA ARG H 22 -23.63 -41.32 1.53
C ARG H 22 -23.38 -41.46 3.03
N ASP H 23 -22.61 -42.47 3.41
CA ASP H 23 -22.34 -42.64 4.83
C ASP H 23 -21.48 -41.46 5.30
N ILE H 24 -20.50 -41.08 4.47
CA ILE H 24 -19.62 -39.96 4.77
C ILE H 24 -20.44 -38.68 4.97
N MET H 25 -21.32 -38.37 4.02
CA MET H 25 -22.16 -37.18 4.12
C MET H 25 -23.10 -37.22 5.32
N ALA H 26 -23.71 -38.37 5.56
CA ALA H 26 -24.63 -38.51 6.68
C ALA H 26 -23.94 -38.18 7.99
N LYS H 27 -22.70 -38.66 8.14
CA LYS H 27 -21.92 -38.42 9.35
C LYS H 27 -21.46 -36.96 9.44
N SER H 28 -21.01 -36.43 8.31
CA SER H 28 -20.51 -35.07 8.25
C SER H 28 -21.57 -34.08 8.69
N GLU H 29 -22.73 -34.16 8.05
CA GLU H 29 -23.85 -33.27 8.36
C GLU H 29 -24.14 -33.20 9.83
N VAL H 30 -24.25 -34.36 10.46
CA VAL H 30 -24.53 -34.44 11.89
C VAL H 30 -23.45 -33.81 12.74
N ASN H 31 -22.23 -34.34 12.64
CA ASN H 31 -21.13 -33.84 13.43
C ASN H 31 -20.82 -32.36 13.16
N ASN H 32 -20.85 -31.95 11.90
CA ASN H 32 -20.54 -30.56 11.56
C ASN H 32 -21.58 -29.59 12.12
N LEU H 33 -22.84 -29.98 12.07
CA LEU H 33 -23.90 -29.14 12.61
C LEU H 33 -23.64 -28.98 14.10
N ARG H 34 -23.32 -30.08 14.75
CA ARG H 34 -23.05 -30.10 16.18
C ARG H 34 -21.85 -29.23 16.56
N ASP H 35 -20.81 -29.27 15.74
CA ASP H 35 -19.60 -28.52 16.03
C ASP H 35 -19.50 -27.13 15.41
N GLY H 36 -20.62 -26.63 14.86
CA GLY H 36 -20.61 -25.31 14.26
C GLY H 36 -19.72 -25.26 13.04
N ILE H 37 -19.48 -26.40 12.42
CA ILE H 37 -18.63 -26.45 11.23
C ILE H 37 -19.41 -26.51 9.92
N THR H 38 -18.92 -25.81 8.91
CA THR H 38 -19.55 -25.80 7.59
C THR H 38 -18.45 -26.04 6.56
N GLY H 39 -18.85 -26.29 5.32
CA GLY H 39 -17.84 -26.50 4.30
C GLY H 39 -18.37 -27.20 3.07
N MET H 40 -17.46 -27.80 2.31
CA MET H 40 -17.85 -28.51 1.10
C MET H 40 -16.87 -29.61 0.76
N LEU H 41 -17.39 -30.76 0.33
CA LEU H 41 -16.56 -31.91 -0.05
C LEU H 41 -16.65 -32.15 -1.54
N CYS H 42 -15.51 -32.06 -2.22
CA CYS H 42 -15.45 -32.29 -3.64
C CYS H 42 -14.85 -33.67 -3.93
N TYR H 43 -15.49 -34.43 -4.82
CA TYR H 43 -15.00 -35.75 -5.18
C TYR H 43 -14.99 -35.93 -6.70
N GLY H 44 -13.82 -36.26 -7.23
CA GLY H 44 -13.69 -36.42 -8.67
C GLY H 44 -12.33 -36.99 -9.03
N ASN H 45 -12.29 -37.73 -10.14
CA ASN H 45 -11.04 -38.32 -10.60
C ASN H 45 -10.36 -39.10 -9.47
N GLY H 46 -11.17 -39.76 -8.64
CA GLY H 46 -10.63 -40.56 -7.54
C GLY H 46 -10.02 -39.76 -6.40
N MET H 47 -10.15 -38.44 -6.44
CA MET H 47 -9.58 -37.57 -5.42
C MET H 47 -10.63 -36.85 -4.57
N PHE H 48 -10.21 -36.44 -3.38
CA PHE H 48 -11.09 -35.71 -2.47
C PHE H 48 -10.47 -34.34 -2.21
N LEU H 49 -11.32 -33.30 -2.17
CA LEU H 49 -10.88 -31.93 -1.89
C LEU H 49 -11.96 -31.35 -0.99
N GLN H 50 -11.62 -31.14 0.28
CA GLN H 50 -12.59 -30.62 1.22
C GLN H 50 -12.12 -29.38 1.97
N THR H 51 -13.08 -28.55 2.37
CA THR H 51 -12.78 -27.37 3.15
C THR H 51 -13.72 -27.40 4.35
N LEU H 52 -13.19 -27.02 5.51
CA LEU H 52 -14.00 -26.97 6.71
C LEU H 52 -13.78 -25.60 7.37
N GLU H 53 -14.86 -24.98 7.81
CA GLU H 53 -14.75 -23.69 8.47
C GLU H 53 -15.39 -23.85 9.84
N GLY H 54 -14.77 -23.23 10.83
CA GLY H 54 -15.29 -23.33 12.17
C GLY H 54 -14.21 -22.97 13.15
N ASP H 55 -14.40 -23.38 14.40
CA ASP H 55 -13.45 -23.11 15.48
C ASP H 55 -12.11 -23.82 15.22
N ARG H 56 -11.03 -23.25 15.74
CA ARG H 56 -9.71 -23.85 15.54
C ARG H 56 -9.65 -25.25 16.14
N GLN H 57 -10.15 -25.40 17.37
CA GLN H 57 -10.15 -26.69 18.03
C GLN H 57 -11.06 -27.72 17.34
N LYS H 58 -12.31 -27.34 17.11
CA LYS H 58 -13.27 -28.23 16.46
C LYS H 58 -12.81 -28.71 15.09
N VAL H 59 -12.47 -27.77 14.21
CA VAL H 59 -11.99 -28.15 12.90
C VAL H 59 -10.76 -29.07 13.01
N SER H 60 -9.89 -28.79 13.96
CA SER H 60 -8.70 -29.62 14.13
C SER H 60 -9.09 -31.06 14.46
N GLU H 61 -9.95 -31.21 15.47
CA GLU H 61 -10.40 -32.51 15.92
C GLU H 61 -11.13 -33.27 14.81
N THR H 62 -11.93 -32.55 14.03
CA THR H 62 -12.66 -33.17 12.94
C THR H 62 -11.66 -33.75 11.93
N TYR H 63 -10.59 -33.01 11.65
CA TYR H 63 -9.57 -33.48 10.71
C TYR H 63 -8.88 -34.73 11.25
N ALA H 64 -8.57 -34.72 12.55
CA ALA H 64 -7.91 -35.87 13.19
C ALA H 64 -8.79 -37.10 13.03
N ARG H 65 -10.09 -36.90 13.13
CA ARG H 65 -11.05 -37.98 12.99
C ARG H 65 -11.06 -38.45 11.54
N ILE H 66 -11.13 -37.50 10.62
CA ILE H 66 -11.13 -37.77 9.18
C ILE H 66 -9.90 -38.59 8.77
N LEU H 67 -8.76 -38.28 9.38
CA LEU H 67 -7.52 -38.98 9.09
C LEU H 67 -7.58 -40.47 9.42
N LYS H 68 -8.48 -40.84 10.33
CA LYS H 68 -8.63 -42.24 10.71
C LYS H 68 -9.59 -43.01 9.81
N ASP H 69 -10.22 -42.32 8.87
CA ASP H 69 -11.18 -42.98 7.97
C ASP H 69 -10.47 -43.76 6.87
N PRO H 70 -10.69 -45.08 6.81
CA PRO H 70 -10.06 -45.93 5.79
C PRO H 70 -10.58 -45.72 4.37
N ARG H 71 -11.68 -44.97 4.23
CA ARG H 71 -12.24 -44.73 2.90
C ARG H 71 -11.37 -43.85 2.02
N HIS H 72 -10.28 -43.32 2.58
CA HIS H 72 -9.34 -42.51 1.82
C HIS H 72 -7.96 -42.60 2.47
N HIS H 73 -6.95 -42.08 1.80
CA HIS H 73 -5.59 -42.11 2.32
C HIS H 73 -4.74 -41.03 1.65
N SER H 74 -3.46 -40.99 2.01
CA SER H 74 -2.52 -40.02 1.47
C SER H 74 -3.07 -38.61 1.54
N ALA H 75 -3.57 -38.24 2.72
CA ALA H 75 -4.14 -36.92 2.96
C ALA H 75 -3.07 -35.83 2.95
N GLU H 76 -3.41 -34.69 2.35
CA GLU H 76 -2.49 -33.57 2.30
C GLU H 76 -3.19 -32.30 2.71
N ILE H 77 -2.63 -31.59 3.69
CA ILE H 77 -3.22 -30.34 4.13
C ILE H 77 -2.89 -29.31 3.07
N VAL H 78 -3.88 -28.51 2.67
CA VAL H 78 -3.69 -27.46 1.67
C VAL H 78 -3.46 -26.13 2.41
N GLU H 79 -4.32 -25.83 3.39
CA GLU H 79 -4.15 -24.64 4.19
C GLU H 79 -5.00 -24.65 5.44
N PHE H 80 -4.57 -23.87 6.41
CA PHE H 80 -5.28 -23.72 7.65
C PHE H 80 -4.94 -22.31 8.10
N LYS H 81 -5.93 -21.43 8.10
CA LYS H 81 -5.69 -20.05 8.50
C LYS H 81 -6.93 -19.43 9.10
N ALA H 82 -6.72 -18.33 9.81
CA ALA H 82 -7.84 -17.61 10.42
C ALA H 82 -8.54 -16.84 9.30
N ILE H 83 -9.84 -16.68 9.43
CA ILE H 83 -10.62 -15.93 8.43
C ILE H 83 -11.58 -14.99 9.15
N GLU H 84 -11.88 -13.85 8.52
CA GLU H 84 -12.79 -12.86 9.10
C GLU H 84 -14.22 -13.31 8.97
N GLU H 85 -14.56 -13.94 7.85
CA GLU H 85 -15.91 -14.41 7.62
C GLU H 85 -15.89 -15.72 6.83
N ARG H 86 -16.98 -16.48 6.94
CA ARG H 86 -17.09 -17.75 6.22
C ARG H 86 -17.47 -17.52 4.77
N THR H 87 -17.07 -18.47 3.92
CA THR H 87 -17.38 -18.45 2.50
C THR H 87 -18.36 -19.59 2.21
N PHE H 88 -18.17 -20.73 2.87
CA PHE H 88 -19.03 -21.89 2.68
C PHE H 88 -19.97 -22.00 3.88
N ILE H 89 -20.99 -21.16 3.88
CA ILE H 89 -21.97 -21.05 4.95
C ILE H 89 -23.17 -22.00 4.82
N ASN H 90 -23.85 -21.92 3.78
CA ASN H 90 -25.15 -22.51 3.44
C ASN H 90 -25.16 -24.00 3.77
N TRP H 91 -24.03 -24.71 3.85
CA TRP H 91 -24.04 -26.14 4.15
C TRP H 91 -23.09 -26.63 5.25
N SER H 92 -23.62 -27.35 6.23
CA SER H 92 -22.78 -27.89 7.30
C SER H 92 -21.71 -28.75 6.58
N MET H 93 -22.10 -29.28 5.43
CA MET H 93 -21.23 -30.07 4.58
C MET H 93 -22.00 -30.45 3.33
N ARG H 94 -21.50 -30.01 2.19
CA ARG H 94 -22.14 -30.30 0.92
C ARG H 94 -21.19 -31.13 0.08
N LEU H 95 -21.75 -32.10 -0.64
CA LEU H 95 -20.97 -32.98 -1.51
C LEU H 95 -21.18 -32.58 -2.97
N VAL H 96 -20.09 -32.46 -3.71
CA VAL H 96 -20.18 -32.13 -5.13
C VAL H 96 -19.39 -33.14 -5.94
N GLN H 97 -20.09 -33.90 -6.79
CA GLN H 97 -19.43 -34.89 -7.62
C GLN H 97 -19.17 -34.30 -8.99
N LEU H 98 -17.89 -34.09 -9.29
CA LEU H 98 -17.50 -33.52 -10.58
C LEU H 98 -18.03 -34.35 -11.75
N GLY H 99 -18.25 -35.64 -11.52
CA GLY H 99 -18.73 -36.51 -12.58
C GLY H 99 -20.18 -36.28 -12.98
N GLU H 100 -20.97 -35.70 -12.09
CA GLU H 100 -22.39 -35.43 -12.36
C GLU H 100 -22.64 -34.03 -12.89
N MET H 101 -21.57 -33.28 -13.16
CA MET H 101 -21.71 -31.90 -13.65
C MET H 101 -21.53 -31.84 -15.15
N ASP H 102 -21.91 -30.70 -15.74
CA ASP H 102 -21.76 -30.49 -17.17
C ASP H 102 -20.29 -30.71 -17.50
N SER H 103 -20.00 -31.77 -18.25
CA SER H 103 -18.64 -32.11 -18.62
C SER H 103 -17.84 -30.91 -19.15
N ASP H 104 -18.52 -29.99 -19.81
CA ASP H 104 -17.84 -28.83 -20.37
C ASP H 104 -17.62 -27.73 -19.33
N THR H 105 -18.56 -27.61 -18.40
CA THR H 105 -18.49 -26.61 -17.34
C THR H 105 -17.29 -26.89 -16.43
N ILE H 106 -17.25 -28.08 -15.84
CA ILE H 106 -16.17 -28.46 -14.96
C ILE H 106 -14.85 -28.47 -15.72
N ARG H 107 -14.92 -28.67 -17.02
CA ARG H 107 -13.72 -28.69 -17.86
C ARG H 107 -13.04 -27.33 -17.82
N ARG H 108 -13.84 -26.28 -17.91
CA ARG H 108 -13.30 -24.91 -17.91
C ARG H 108 -12.96 -24.46 -16.49
N LEU H 109 -13.72 -24.94 -15.52
CA LEU H 109 -13.48 -24.57 -14.13
C LEU H 109 -12.15 -25.18 -13.66
N ARG H 110 -11.99 -26.46 -13.93
CA ARG H 110 -10.78 -27.18 -13.55
C ARG H 110 -9.53 -26.55 -14.19
N LEU H 111 -9.64 -26.18 -15.46
CA LEU H 111 -8.53 -25.57 -16.18
C LEU H 111 -8.22 -24.18 -15.63
N LYS H 112 -9.28 -23.47 -15.25
CA LYS H 112 -9.15 -22.12 -14.74
C LYS H 112 -8.24 -22.02 -13.51
N TYR H 113 -8.33 -23.00 -12.63
CA TYR H 113 -7.52 -22.98 -11.40
C TYR H 113 -6.49 -24.10 -11.25
N SER H 114 -6.05 -24.65 -12.37
CA SER H 114 -5.05 -25.71 -12.34
C SER H 114 -4.42 -25.90 -13.70
N PRO H 115 -3.16 -26.37 -13.72
CA PRO H 115 -2.43 -26.60 -14.97
C PRO H 115 -2.69 -28.00 -15.52
N ALA H 116 -3.42 -28.80 -14.76
CA ALA H 116 -3.71 -30.18 -15.15
C ALA H 116 -4.87 -30.29 -16.14
N ALA H 117 -4.82 -31.35 -16.95
CA ALA H 117 -5.86 -31.60 -17.95
C ALA H 117 -7.02 -32.37 -17.31
N THR H 118 -6.88 -32.68 -16.03
CA THR H 118 -7.91 -33.38 -15.27
C THR H 118 -7.86 -32.87 -13.83
N PHE H 119 -8.87 -33.20 -13.03
CA PHE H 119 -8.89 -32.75 -11.64
C PHE H 119 -7.73 -33.34 -10.86
N GLN H 120 -6.76 -32.51 -10.52
CA GLN H 120 -5.57 -32.91 -9.76
C GLN H 120 -5.27 -31.90 -8.67
N PRO H 121 -5.96 -31.98 -7.52
CA PRO H 121 -5.75 -31.02 -6.42
C PRO H 121 -4.31 -30.91 -5.94
N ARG H 122 -3.52 -31.98 -6.09
CA ARG H 122 -2.13 -31.91 -5.65
C ARG H 122 -1.31 -30.91 -6.46
N SER H 123 -1.79 -30.56 -7.64
CA SER H 123 -1.07 -29.60 -8.48
C SER H 123 -1.61 -28.18 -8.36
N MET H 124 -2.52 -27.99 -7.41
CA MET H 124 -3.15 -26.69 -7.18
C MET H 124 -2.66 -26.02 -5.89
N THR H 125 -2.59 -24.69 -5.91
CA THR H 125 -2.17 -23.93 -4.74
C THR H 125 -3.36 -23.78 -3.80
N ALA H 126 -3.10 -23.25 -2.61
CA ALA H 126 -4.18 -23.06 -1.64
C ALA H 126 -5.23 -22.11 -2.19
N GLU H 127 -4.79 -21.03 -2.84
CA GLU H 127 -5.73 -20.05 -3.38
C GLU H 127 -6.54 -20.66 -4.54
N GLN H 128 -5.89 -21.50 -5.34
CA GLN H 128 -6.58 -22.15 -6.44
C GLN H 128 -7.65 -23.11 -5.93
N CYS H 129 -7.34 -23.84 -4.85
CA CYS H 129 -8.33 -24.76 -4.30
C CYS H 129 -9.52 -23.99 -3.73
N PHE H 130 -9.23 -22.86 -3.07
CA PHE H 130 -10.29 -22.04 -2.48
C PHE H 130 -11.25 -21.49 -3.55
N ARG H 131 -10.69 -20.89 -4.60
CA ARG H 131 -11.48 -20.31 -5.67
C ARG H 131 -12.26 -21.38 -6.42
N PHE H 132 -11.61 -22.52 -6.65
CA PHE H 132 -12.25 -23.63 -7.33
C PHE H 132 -13.49 -24.01 -6.53
N LEU H 133 -13.28 -24.30 -5.24
CA LEU H 133 -14.36 -24.68 -4.35
C LEU H 133 -15.43 -23.61 -4.25
N LYS H 134 -15.02 -22.35 -4.23
CA LYS H 134 -15.97 -21.24 -4.13
C LYS H 134 -16.92 -21.23 -5.34
N GLU H 135 -16.36 -21.31 -6.54
CA GLU H 135 -17.19 -21.32 -7.74
C GLU H 135 -18.08 -22.55 -7.76
N LEU H 136 -17.56 -23.65 -7.24
CA LEU H 136 -18.32 -24.91 -7.20
C LEU H 136 -19.49 -24.67 -6.25
N TYR H 137 -19.19 -23.97 -5.16
CA TYR H 137 -20.15 -23.63 -4.12
C TYR H 137 -21.29 -22.78 -4.68
N ASP H 138 -20.93 -21.88 -5.60
CA ASP H 138 -21.91 -20.97 -6.20
C ASP H 138 -22.81 -21.59 -7.27
N MET H 139 -22.55 -22.84 -7.64
CA MET H 139 -23.36 -23.52 -8.65
C MET H 139 -24.44 -24.36 -7.98
N GLY I 2 3.54 -25.49 -10.71
CA GLY I 2 2.06 -25.30 -10.81
C GLY I 2 1.65 -24.56 -12.07
N LEU I 3 0.66 -23.67 -11.95
CA LEU I 3 0.16 -22.91 -13.10
C LEU I 3 1.02 -21.68 -13.46
N HIS I 4 1.44 -21.62 -14.72
CA HIS I 4 2.26 -20.51 -15.21
C HIS I 4 1.75 -19.98 -16.55
N ARG I 5 2.16 -18.77 -16.90
CA ARG I 5 1.80 -18.17 -18.18
C ARG I 5 3.07 -17.72 -18.91
N LEU I 6 3.15 -18.09 -20.18
CA LEU I 6 4.25 -17.71 -21.05
C LEU I 6 3.75 -16.78 -22.14
N ILE I 7 4.58 -15.82 -22.51
CA ILE I 7 4.27 -14.90 -23.58
C ILE I 7 5.57 -14.72 -24.32
N TYR I 8 5.52 -14.84 -25.64
CA TYR I 8 6.70 -14.67 -26.46
C TYR I 8 6.25 -14.06 -27.78
N LEU I 9 7.21 -13.65 -28.60
CA LEU I 9 6.90 -13.04 -29.88
C LEU I 9 7.90 -13.58 -30.89
N SER I 10 7.57 -13.49 -32.17
CA SER I 10 8.47 -13.99 -33.22
C SER I 10 8.08 -13.42 -34.57
N CYS I 11 8.97 -13.57 -35.54
CA CYS I 11 8.72 -13.08 -36.89
C CYS I 11 8.33 -14.26 -37.76
N ALA I 12 7.21 -14.13 -38.47
CA ALA I 12 6.75 -15.19 -39.34
C ALA I 12 7.69 -15.25 -40.54
N THR I 13 8.00 -16.47 -40.98
CA THR I 13 8.89 -16.66 -42.12
C THR I 13 8.22 -16.10 -43.37
N ASP I 14 8.97 -15.41 -44.21
CA ASP I 14 8.41 -14.84 -45.43
C ASP I 14 7.78 -15.97 -46.27
N GLY I 15 6.58 -15.72 -46.78
CA GLY I 15 5.90 -16.71 -47.60
C GLY I 15 4.84 -17.46 -46.83
N LEU I 16 4.81 -17.26 -45.52
CA LEU I 16 3.83 -17.93 -44.67
C LEU I 16 2.41 -17.68 -45.16
N SER I 17 1.69 -18.76 -45.44
CA SER I 17 0.31 -18.62 -45.92
C SER I 17 -0.68 -19.03 -44.86
N TYR I 18 -1.96 -18.73 -45.12
CA TYR I 18 -3.03 -19.06 -44.20
C TYR I 18 -3.10 -20.57 -43.93
N PRO I 19 -2.98 -21.40 -44.97
CA PRO I 19 -3.04 -22.85 -44.75
C PRO I 19 -1.98 -23.30 -43.76
N ASP I 20 -0.77 -22.74 -43.88
CA ASP I 20 0.32 -23.09 -42.98
C ASP I 20 -0.08 -22.71 -41.55
N LEU I 21 -0.88 -21.65 -41.44
CA LEU I 21 -1.35 -21.18 -40.13
C LEU I 21 -2.47 -22.08 -39.64
N ARG I 22 -3.24 -22.62 -40.59
CA ARG I 22 -4.34 -23.52 -40.27
C ARG I 22 -3.80 -24.84 -39.75
N ASP I 23 -2.63 -25.23 -40.26
CA ASP I 23 -1.98 -26.47 -39.84
C ASP I 23 -1.41 -26.30 -38.44
N ILE I 24 -0.93 -25.09 -38.15
CA ILE I 24 -0.36 -24.80 -36.84
C ILE I 24 -1.44 -24.91 -35.78
N MET I 25 -2.51 -24.15 -35.96
CA MET I 25 -3.64 -24.16 -35.03
C MET I 25 -4.18 -25.58 -34.83
N ALA I 26 -4.12 -26.38 -35.88
CA ALA I 26 -4.61 -27.75 -35.82
C ALA I 26 -3.77 -28.58 -34.87
N LYS I 27 -2.46 -28.60 -35.11
CA LYS I 27 -1.53 -29.36 -34.27
C LYS I 27 -1.45 -28.76 -32.88
N SER I 28 -1.68 -27.45 -32.78
CA SER I 28 -1.61 -26.76 -31.49
C SER I 28 -2.79 -27.11 -30.59
N GLU I 29 -3.99 -27.14 -31.17
CA GLU I 29 -5.18 -27.46 -30.40
C GLU I 29 -5.12 -28.89 -29.86
N VAL I 30 -4.55 -29.79 -30.64
CA VAL I 30 -4.45 -31.18 -30.20
C VAL I 30 -3.46 -31.32 -29.04
N ASN I 31 -2.23 -30.85 -29.24
CA ASN I 31 -1.19 -30.94 -28.22
C ASN I 31 -1.53 -30.15 -26.96
N ASN I 32 -2.03 -28.93 -27.13
CA ASN I 32 -2.37 -28.11 -25.98
C ASN I 32 -3.49 -28.74 -25.15
N LEU I 33 -4.37 -29.49 -25.80
CA LEU I 33 -5.47 -30.16 -25.10
C LEU I 33 -4.93 -31.33 -24.29
N ARG I 34 -3.90 -31.97 -24.84
CA ARG I 34 -3.26 -33.11 -24.20
C ARG I 34 -2.40 -32.68 -23.01
N ASP I 35 -1.68 -31.59 -23.20
CA ASP I 35 -0.79 -31.06 -22.17
C ASP I 35 -1.47 -30.11 -21.19
N GLY I 36 -2.78 -29.93 -21.33
CA GLY I 36 -3.50 -29.04 -20.44
C GLY I 36 -3.08 -27.58 -20.62
N ILE I 37 -2.74 -27.22 -21.87
CA ILE I 37 -2.30 -25.86 -22.20
C ILE I 37 -3.37 -25.06 -22.93
N THR I 38 -3.53 -23.79 -22.56
CA THR I 38 -4.49 -22.91 -23.19
C THR I 38 -3.79 -21.62 -23.60
N GLY I 39 -4.53 -20.73 -24.26
CA GLY I 39 -3.95 -19.48 -24.68
C GLY I 39 -4.48 -19.02 -26.02
N MET I 40 -3.69 -18.21 -26.72
CA MET I 40 -4.10 -17.72 -28.03
C MET I 40 -2.90 -17.22 -28.81
N LEU I 41 -3.02 -17.20 -30.13
CA LEU I 41 -1.95 -16.76 -31.02
C LEU I 41 -2.43 -15.58 -31.86
N CYS I 42 -1.72 -14.45 -31.77
CA CYS I 42 -2.07 -13.27 -32.53
C CYS I 42 -1.09 -13.13 -33.69
N TYR I 43 -1.62 -12.88 -34.89
CA TYR I 43 -0.79 -12.72 -36.07
C TYR I 43 -1.12 -11.41 -36.79
N GLY I 44 -0.08 -10.66 -37.15
CA GLY I 44 -0.29 -9.40 -37.83
C GLY I 44 1.02 -8.73 -38.20
N ASN I 45 0.99 -8.05 -39.33
CA ASN I 45 2.15 -7.34 -39.81
C ASN I 45 3.37 -8.25 -39.86
N GLY I 46 3.12 -9.54 -40.10
CA GLY I 46 4.21 -10.50 -40.17
C GLY I 46 4.82 -10.83 -38.82
N MET I 47 4.15 -10.43 -37.76
CA MET I 47 4.66 -10.71 -36.42
C MET I 47 3.75 -11.66 -35.65
N PHE I 48 4.35 -12.46 -34.79
CA PHE I 48 3.61 -13.41 -33.97
C PHE I 48 3.67 -13.01 -32.50
N LEU I 49 2.54 -13.13 -31.81
CA LEU I 49 2.48 -12.85 -30.38
C LEU I 49 1.56 -13.91 -29.79
N GLN I 50 2.14 -14.86 -29.07
CA GLN I 50 1.37 -15.94 -28.48
C GLN I 50 1.55 -16.06 -26.97
N THR I 51 0.49 -16.51 -26.31
CA THR I 51 0.54 -16.71 -24.88
C THR I 51 0.06 -18.13 -24.61
N LEU I 52 0.76 -18.82 -23.72
CA LEU I 52 0.43 -20.19 -23.34
C LEU I 52 0.35 -20.28 -21.82
N GLU I 53 -0.71 -20.92 -21.34
CA GLU I 53 -0.91 -21.10 -19.91
C GLU I 53 -0.92 -22.59 -19.62
N GLY I 54 -0.37 -22.96 -18.48
CA GLY I 54 -0.35 -24.36 -18.10
C GLY I 54 0.80 -24.69 -17.16
N ASP I 55 1.12 -25.97 -17.12
CA ASP I 55 2.19 -26.50 -16.27
C ASP I 55 3.56 -25.93 -16.65
N ARG I 56 4.41 -25.72 -15.66
CA ARG I 56 5.74 -25.16 -15.92
C ARG I 56 6.55 -25.97 -16.92
N GLN I 57 6.65 -27.26 -16.68
CA GLN I 57 7.40 -28.13 -17.56
C GLN I 57 6.74 -28.21 -18.94
N LYS I 58 5.43 -28.47 -18.97
CA LYS I 58 4.70 -28.59 -20.24
C LYS I 58 4.82 -27.34 -21.12
N VAL I 59 4.60 -26.17 -20.51
CA VAL I 59 4.68 -24.92 -21.26
C VAL I 59 6.09 -24.74 -21.78
N SER I 60 7.07 -25.10 -20.95
CA SER I 60 8.46 -24.97 -21.33
C SER I 60 8.81 -25.89 -22.49
N GLU I 61 8.29 -27.12 -22.43
CA GLU I 61 8.56 -28.08 -23.48
C GLU I 61 7.87 -27.66 -24.77
N THR I 62 6.65 -27.15 -24.66
CA THR I 62 5.93 -26.72 -25.84
C THR I 62 6.70 -25.58 -26.51
N TYR I 63 7.27 -24.68 -25.70
CA TYR I 63 8.04 -23.56 -26.25
C TYR I 63 9.31 -24.05 -26.92
N ALA I 64 9.94 -25.07 -26.34
CA ALA I 64 11.17 -25.60 -26.94
C ALA I 64 10.86 -26.23 -28.29
N ARG I 65 9.65 -26.77 -28.40
CA ARG I 65 9.22 -27.41 -29.64
C ARG I 65 8.87 -26.34 -30.68
N ILE I 66 8.28 -25.24 -30.21
CA ILE I 66 7.92 -24.15 -31.11
C ILE I 66 9.16 -23.55 -31.76
N LEU I 67 10.23 -23.43 -30.98
CA LEU I 67 11.49 -22.87 -31.47
C LEU I 67 12.08 -23.64 -32.65
N LYS I 68 11.70 -24.90 -32.80
CA LYS I 68 12.24 -25.71 -33.90
C LYS I 68 11.42 -25.53 -35.18
N ASP I 69 10.24 -24.94 -35.06
CA ASP I 69 9.38 -24.72 -36.22
C ASP I 69 9.98 -23.71 -37.18
N PRO I 70 10.25 -24.13 -38.42
CA PRO I 70 10.85 -23.22 -39.41
C PRO I 70 9.88 -22.14 -39.93
N ARG I 71 8.62 -22.20 -39.52
CA ARG I 71 7.61 -21.24 -39.97
C ARG I 71 7.79 -19.85 -39.36
N HIS I 72 8.65 -19.73 -38.35
CA HIS I 72 8.93 -18.45 -37.75
C HIS I 72 10.37 -18.45 -37.26
N HIS I 73 10.82 -17.30 -36.77
CA HIS I 73 12.19 -17.15 -36.29
C HIS I 73 12.33 -15.89 -35.46
N SER I 74 13.52 -15.70 -34.91
CA SER I 74 13.82 -14.53 -34.09
C SER I 74 12.83 -14.44 -32.94
N ALA I 75 12.62 -15.55 -32.25
CA ALA I 75 11.69 -15.56 -31.13
C ALA I 75 12.26 -14.80 -29.94
N GLU I 76 11.38 -14.22 -29.14
CA GLU I 76 11.75 -13.48 -27.96
C GLU I 76 10.74 -13.74 -26.87
N ILE I 77 11.23 -14.12 -25.70
CA ILE I 77 10.36 -14.36 -24.58
C ILE I 77 9.96 -12.99 -24.05
N VAL I 78 8.67 -12.81 -23.78
CA VAL I 78 8.17 -11.56 -23.25
C VAL I 78 8.02 -11.70 -21.75
N GLU I 79 7.51 -12.83 -21.31
CA GLU I 79 7.36 -13.07 -19.88
C GLU I 79 7.05 -14.52 -19.56
N PHE I 80 7.35 -14.91 -18.33
CA PHE I 80 7.08 -16.25 -17.85
C PHE I 80 6.97 -16.11 -16.34
N LYS I 81 5.78 -16.38 -15.82
CA LYS I 81 5.55 -16.25 -14.41
C LYS I 81 4.41 -17.15 -13.98
N ALA I 82 4.32 -17.35 -12.68
CA ALA I 82 3.26 -18.17 -12.11
C ALA I 82 1.99 -17.33 -12.06
N ILE I 83 0.84 -17.95 -12.31
CA ILE I 83 -0.42 -17.25 -12.27
C ILE I 83 -1.35 -18.00 -11.33
N GLU I 84 -2.26 -17.27 -10.68
CA GLU I 84 -3.19 -17.87 -9.75
C GLU I 84 -4.35 -18.55 -10.48
N GLU I 85 -4.71 -18.00 -11.64
CA GLU I 85 -5.77 -18.54 -12.49
C GLU I 85 -5.51 -18.21 -13.96
N ARG I 86 -6.15 -18.94 -14.86
CA ARG I 86 -5.98 -18.70 -16.29
C ARG I 86 -6.88 -17.56 -16.77
N THR I 87 -6.45 -16.92 -17.85
CA THR I 87 -7.21 -15.83 -18.45
C THR I 87 -7.81 -16.34 -19.75
N PHE I 88 -7.01 -17.09 -20.49
CA PHE I 88 -7.47 -17.62 -21.76
C PHE I 88 -7.98 -19.04 -21.53
N ILE I 89 -9.01 -19.13 -20.70
CA ILE I 89 -9.63 -20.40 -20.34
C ILE I 89 -10.33 -21.12 -21.46
N ASN I 90 -11.41 -20.52 -21.95
CA ASN I 90 -12.23 -21.11 -23.02
C ASN I 90 -11.50 -21.43 -24.31
N TRP I 91 -10.22 -21.11 -24.41
CA TRP I 91 -9.50 -21.39 -25.65
C TRP I 91 -8.21 -22.20 -25.48
N SER I 92 -8.15 -23.34 -26.16
CA SER I 92 -6.97 -24.19 -26.10
C SER I 92 -5.89 -23.49 -26.91
N MET I 93 -6.30 -22.89 -28.02
CA MET I 93 -5.39 -22.16 -28.88
C MET I 93 -6.12 -21.47 -30.04
N ARG I 94 -6.80 -20.38 -29.72
CA ARG I 94 -7.53 -19.63 -30.73
C ARG I 94 -6.57 -18.77 -31.55
N LEU I 95 -6.88 -18.61 -32.84
CA LEU I 95 -6.06 -17.80 -33.73
C LEU I 95 -6.71 -16.43 -33.90
N VAL I 96 -5.91 -15.40 -34.10
CA VAL I 96 -6.42 -14.05 -34.28
C VAL I 96 -5.51 -13.25 -35.21
N GLN I 97 -6.03 -12.87 -36.38
CA GLN I 97 -5.26 -12.10 -37.35
C GLN I 97 -5.73 -10.65 -37.33
N LEU I 98 -4.85 -9.73 -37.00
CA LEU I 98 -5.24 -8.32 -36.96
C LEU I 98 -5.87 -7.92 -38.28
N GLY I 99 -5.38 -8.54 -39.35
CA GLY I 99 -5.91 -8.25 -40.68
C GLY I 99 -7.20 -9.00 -40.92
N GLU I 100 -8.08 -8.97 -39.93
CA GLU I 100 -9.39 -9.64 -40.00
C GLU I 100 -10.52 -8.70 -39.57
N MET I 101 -10.64 -8.48 -38.26
CA MET I 101 -11.69 -7.60 -37.73
C MET I 101 -11.53 -6.15 -38.20
N ASP I 102 -12.29 -5.24 -37.59
CA ASP I 102 -12.22 -3.83 -37.98
C ASP I 102 -10.80 -3.30 -37.96
N SER I 103 -10.33 -2.87 -39.12
CA SER I 103 -8.99 -2.33 -39.24
C SER I 103 -8.94 -1.04 -38.44
N ASP I 104 -10.07 -0.71 -37.81
CA ASP I 104 -10.15 0.50 -37.00
C ASP I 104 -10.15 0.15 -35.52
N THR I 105 -10.70 -1.02 -35.22
CA THR I 105 -10.75 -1.51 -33.86
C THR I 105 -9.34 -1.91 -33.46
N ILE I 106 -8.80 -2.90 -34.16
CA ILE I 106 -7.45 -3.38 -33.88
C ILE I 106 -6.46 -2.21 -33.91
N ARG I 107 -6.76 -1.23 -34.75
CA ARG I 107 -5.91 -0.06 -34.88
C ARG I 107 -5.90 0.70 -33.54
N ARG I 108 -7.07 0.87 -32.93
CA ARG I 108 -7.15 1.57 -31.66
C ARG I 108 -6.51 0.77 -30.54
N LEU I 109 -6.82 -0.53 -30.52
CA LEU I 109 -6.28 -1.43 -29.51
C LEU I 109 -4.75 -1.44 -29.60
N ARG I 110 -4.24 -1.59 -30.81
CA ARG I 110 -2.80 -1.61 -31.05
C ARG I 110 -2.13 -0.37 -30.47
N LEU I 111 -2.64 0.80 -30.84
CA LEU I 111 -2.08 2.05 -30.36
C LEU I 111 -2.16 2.16 -28.85
N LYS I 112 -3.29 1.74 -28.28
CA LYS I 112 -3.50 1.80 -26.83
C LYS I 112 -2.34 1.18 -26.05
N TYR I 113 -1.89 0.02 -26.48
CA TYR I 113 -0.82 -0.69 -25.79
C TYR I 113 0.48 -0.74 -26.57
N SER I 114 0.75 0.27 -27.37
CA SER I 114 1.98 0.29 -28.16
C SER I 114 2.33 1.65 -28.76
N PRO I 115 3.64 1.92 -28.91
CA PRO I 115 4.11 3.19 -29.46
C PRO I 115 4.29 3.10 -30.98
N ALA I 116 4.19 1.89 -31.51
CA ALA I 116 4.36 1.64 -32.92
C ALA I 116 3.16 2.00 -33.79
N ALA I 117 3.44 2.44 -35.02
CA ALA I 117 2.38 2.82 -35.96
C ALA I 117 1.80 1.56 -36.59
N THR I 118 2.48 0.43 -36.40
CA THR I 118 2.05 -0.87 -36.91
C THR I 118 2.21 -1.89 -35.79
N PHE I 119 1.69 -3.10 -35.98
CA PHE I 119 1.82 -4.13 -34.95
C PHE I 119 3.29 -4.50 -34.81
N GLN I 120 3.85 -4.23 -33.62
CA GLN I 120 5.26 -4.51 -33.34
C GLN I 120 5.38 -4.87 -31.87
N PRO I 121 5.17 -6.15 -31.55
CA PRO I 121 5.26 -6.60 -30.15
C PRO I 121 6.63 -6.36 -29.52
N ARG I 122 7.66 -6.23 -30.35
CA ARG I 122 8.99 -5.98 -29.81
C ARG I 122 9.08 -4.62 -29.13
N SER I 123 8.19 -3.71 -29.47
CA SER I 123 8.21 -2.39 -28.84
C SER I 123 7.27 -2.35 -27.65
N MET I 124 6.65 -3.49 -27.34
CA MET I 124 5.70 -3.58 -26.24
C MET I 124 6.27 -4.24 -24.98
N THR I 125 5.72 -3.88 -23.82
CA THR I 125 6.17 -4.46 -22.56
C THR I 125 5.37 -5.72 -22.29
N ALA I 126 5.69 -6.41 -21.21
CA ALA I 126 4.99 -7.64 -20.84
C ALA I 126 3.53 -7.33 -20.50
N GLU I 127 3.31 -6.27 -19.73
CA GLU I 127 1.94 -5.94 -19.35
C GLU I 127 1.13 -5.46 -20.56
N GLN I 128 1.79 -4.81 -21.50
CA GLN I 128 1.12 -4.32 -22.70
C GLN I 128 0.70 -5.53 -23.55
N CYS I 129 1.60 -6.49 -23.71
CA CYS I 129 1.30 -7.68 -24.48
C CYS I 129 0.14 -8.45 -23.87
N PHE I 130 0.17 -8.59 -22.55
CA PHE I 130 -0.89 -9.30 -21.85
C PHE I 130 -2.24 -8.61 -22.01
N ARG I 131 -2.31 -7.33 -21.65
CA ARG I 131 -3.54 -6.58 -21.78
C ARG I 131 -4.04 -6.59 -23.22
N PHE I 132 -3.11 -6.43 -24.16
CA PHE I 132 -3.47 -6.43 -25.57
C PHE I 132 -4.15 -7.74 -25.93
N LEU I 133 -3.51 -8.86 -25.60
CA LEU I 133 -4.04 -10.19 -25.88
C LEU I 133 -5.36 -10.44 -25.16
N LYS I 134 -5.46 -10.01 -23.90
CA LYS I 134 -6.68 -10.23 -23.15
C LYS I 134 -7.87 -9.51 -23.79
N GLU I 135 -7.67 -8.25 -24.17
CA GLU I 135 -8.77 -7.52 -24.80
C GLU I 135 -9.22 -8.21 -26.08
N LEU I 136 -8.27 -8.73 -26.85
CA LEU I 136 -8.63 -9.45 -28.08
C LEU I 136 -9.44 -10.67 -27.68
N TYR I 137 -8.92 -11.42 -26.71
CA TYR I 137 -9.59 -12.61 -26.22
C TYR I 137 -11.06 -12.32 -25.94
N ASP I 138 -11.30 -11.35 -25.06
CA ASP I 138 -12.67 -10.98 -24.70
C ASP I 138 -13.49 -10.53 -25.92
N MET I 139 -12.85 -9.85 -26.88
CA MET I 139 -13.56 -9.39 -28.07
C MET I 139 -14.21 -10.53 -28.85
N SER I 140 -13.38 -11.36 -29.45
CA SER I 140 -13.83 -12.50 -30.24
C SER I 140 -14.26 -13.65 -29.33
N GLN I 141 -15.49 -13.59 -28.85
CA GLN I 141 -16.04 -14.62 -27.96
C GLN I 141 -17.29 -15.23 -28.58
N GLY I 142 -17.82 -14.60 -29.62
CA GLY I 142 -19.01 -15.09 -30.29
C GLY I 142 -19.21 -14.50 -31.68
N GLY J 2 10.06 2.36 -25.43
CA GLY J 2 8.74 2.10 -24.79
C GLY J 2 7.76 3.22 -25.05
N LEU J 3 6.53 3.04 -24.55
CA LEU J 3 5.51 4.07 -24.74
C LEU J 3 5.65 5.17 -23.68
N HIS J 4 5.60 6.42 -24.13
CA HIS J 4 5.74 7.58 -23.24
C HIS J 4 4.69 8.65 -23.57
N ARG J 5 4.58 9.65 -22.70
CA ARG J 5 3.68 10.78 -22.91
C ARG J 5 4.36 12.10 -22.54
N LEU J 6 4.30 13.05 -23.45
CA LEU J 6 4.87 14.38 -23.23
C LEU J 6 3.71 15.36 -23.11
N ILE J 7 3.84 16.32 -22.20
CA ILE J 7 2.84 17.37 -22.04
C ILE J 7 3.67 18.64 -21.91
N TYR J 8 3.35 19.64 -22.73
CA TYR J 8 4.09 20.91 -22.65
C TYR J 8 3.11 22.03 -22.95
N LEU J 9 3.51 23.25 -22.61
CA LEU J 9 2.69 24.43 -22.84
C LEU J 9 3.57 25.47 -23.53
N SER J 10 2.94 26.42 -24.23
CA SER J 10 3.69 27.46 -24.92
C SER J 10 2.84 28.71 -25.16
N CYS J 11 3.50 29.82 -25.46
CA CYS J 11 2.82 31.08 -25.72
C CYS J 11 2.74 31.27 -27.23
N ALA J 12 1.52 31.47 -27.74
CA ALA J 12 1.34 31.68 -29.17
C ALA J 12 2.00 33.01 -29.51
N THR J 13 2.72 33.06 -30.63
CA THR J 13 3.36 34.30 -31.02
C THR J 13 2.30 35.29 -31.49
N ASP J 14 2.41 36.55 -31.07
CA ASP J 14 1.44 37.57 -31.47
C ASP J 14 1.39 37.59 -32.99
N GLY J 15 0.18 37.50 -33.53
CA GLY J 15 0.02 37.51 -34.97
C GLY J 15 -0.45 36.14 -35.43
N LEU J 16 -0.56 35.20 -34.49
CA LEU J 16 -1.00 33.84 -34.80
C LEU J 16 -2.34 33.85 -35.52
N SER J 17 -2.30 33.60 -36.82
CA SER J 17 -3.50 33.59 -37.66
C SER J 17 -4.17 32.21 -37.73
N TYR J 18 -5.44 32.19 -38.14
CA TYR J 18 -6.16 30.93 -38.24
C TYR J 18 -5.50 29.98 -39.22
N PRO J 19 -5.02 30.49 -40.37
CA PRO J 19 -4.37 29.60 -41.34
C PRO J 19 -3.13 28.91 -40.77
N ASP J 20 -2.54 29.52 -39.73
CA ASP J 20 -1.38 28.94 -39.09
C ASP J 20 -1.80 27.66 -38.38
N LEU J 21 -2.91 27.74 -37.66
CA LEU J 21 -3.46 26.61 -36.94
C LEU J 21 -3.76 25.49 -37.92
N ARG J 22 -4.42 25.83 -39.02
CA ARG J 22 -4.77 24.84 -40.05
C ARG J 22 -3.52 24.20 -40.63
N ASP J 23 -2.44 24.97 -40.70
CA ASP J 23 -1.18 24.47 -41.22
C ASP J 23 -0.49 23.59 -40.18
N ILE J 24 -0.51 24.04 -38.93
CA ILE J 24 0.08 23.30 -37.84
C ILE J 24 -0.57 21.91 -37.75
N MET J 25 -1.90 21.90 -37.84
CA MET J 25 -2.65 20.65 -37.79
C MET J 25 -2.40 19.78 -39.02
N ALA J 26 -2.32 20.41 -40.19
CA ALA J 26 -2.08 19.69 -41.44
C ALA J 26 -0.81 18.85 -41.34
N LYS J 27 0.28 19.50 -40.96
CA LYS J 27 1.56 18.82 -40.80
C LYS J 27 1.51 17.81 -39.64
N SER J 28 0.89 18.20 -38.53
CA SER J 28 0.80 17.33 -37.37
C SER J 28 0.14 15.99 -37.67
N GLU J 29 -1.03 16.06 -38.30
CA GLU J 29 -1.79 14.87 -38.64
C GLU J 29 -0.97 13.91 -39.48
N VAL J 30 -0.17 14.44 -40.39
CA VAL J 30 0.65 13.62 -41.27
C VAL J 30 1.86 13.05 -40.54
N ASN J 31 2.66 13.92 -39.94
CA ASN J 31 3.86 13.46 -39.22
C ASN J 31 3.57 12.50 -38.08
N ASN J 32 2.62 12.84 -37.22
CA ASN J 32 2.31 11.97 -36.10
C ASN J 32 1.84 10.58 -36.56
N LEU J 33 0.96 10.55 -37.54
CA LEU J 33 0.45 9.28 -38.06
C LEU J 33 1.62 8.43 -38.54
N ARG J 34 2.57 9.08 -39.18
CA ARG J 34 3.78 8.44 -39.70
C ARG J 34 4.70 7.98 -38.57
N ASP J 35 4.71 8.73 -37.46
CA ASP J 35 5.58 8.41 -36.34
C ASP J 35 4.90 7.63 -35.21
N GLY J 36 3.66 7.23 -35.42
CA GLY J 36 2.95 6.49 -34.40
C GLY J 36 2.60 7.34 -33.19
N ILE J 37 2.51 8.65 -33.41
CA ILE J 37 2.20 9.60 -32.35
C ILE J 37 0.74 10.03 -32.37
N THR J 38 0.14 10.13 -31.18
CA THR J 38 -1.23 10.56 -31.04
C THR J 38 -1.21 11.64 -29.97
N GLY J 39 -2.32 12.35 -29.80
CA GLY J 39 -2.36 13.39 -28.79
C GLY J 39 -3.45 14.43 -29.01
N MET J 40 -3.41 15.48 -28.20
CA MET J 40 -4.36 16.57 -28.24
C MET J 40 -3.65 17.92 -28.22
N LEU J 41 -4.22 18.90 -28.91
CA LEU J 41 -3.65 20.25 -28.95
C LEU J 41 -4.73 21.22 -28.50
N CYS J 42 -4.46 21.95 -27.43
CA CYS J 42 -5.41 22.91 -26.88
C CYS J 42 -4.90 24.33 -27.08
N TYR J 43 -5.78 25.22 -27.55
CA TYR J 43 -5.40 26.60 -27.76
C TYR J 43 -6.42 27.51 -27.10
N GLY J 44 -5.95 28.48 -26.33
CA GLY J 44 -6.85 29.38 -25.65
C GLY J 44 -6.10 30.43 -24.86
N ASN J 45 -6.64 31.64 -24.84
CA ASN J 45 -6.04 32.74 -24.11
C ASN J 45 -4.61 32.96 -24.53
N GLY J 46 -4.36 32.81 -25.83
CA GLY J 46 -3.02 33.00 -26.38
C GLY J 46 -2.00 31.99 -25.88
N MET J 47 -2.48 30.89 -25.31
CA MET J 47 -1.60 29.85 -24.79
C MET J 47 -1.91 28.49 -25.43
N PHE J 48 -0.89 27.68 -25.62
CA PHE J 48 -1.04 26.34 -26.20
C PHE J 48 -0.79 25.31 -25.09
N LEU J 49 -1.49 24.18 -25.15
CA LEU J 49 -1.31 23.10 -24.17
C LEU J 49 -1.48 21.83 -25.00
N GLN J 50 -0.40 21.07 -25.18
CA GLN J 50 -0.46 19.86 -25.98
C GLN J 50 0.17 18.65 -25.29
N THR J 51 -0.31 17.47 -25.66
CA THR J 51 0.19 16.21 -25.14
C THR J 51 0.45 15.30 -26.34
N LEU J 52 1.58 14.59 -26.31
CA LEU J 52 1.94 13.67 -27.38
C LEU J 52 2.30 12.33 -26.76
N GLU J 53 1.71 11.25 -27.28
CA GLU J 53 2.00 9.91 -26.77
C GLU J 53 2.65 9.14 -27.90
N GLY J 54 3.62 8.31 -27.54
CA GLY J 54 4.31 7.51 -28.53
C GLY J 54 5.69 7.14 -28.04
N ASP J 55 6.51 6.69 -28.98
CA ASP J 55 7.88 6.28 -28.76
C ASP J 55 8.70 7.39 -28.08
N ARG J 56 9.67 7.00 -27.26
CA ARG J 56 10.50 8.00 -26.57
C ARG J 56 11.32 8.81 -27.55
N GLN J 57 11.91 8.14 -28.54
CA GLN J 57 12.74 8.83 -29.53
C GLN J 57 11.90 9.71 -30.45
N LYS J 58 10.78 9.18 -30.93
CA LYS J 58 9.90 9.91 -31.83
C LYS J 58 9.32 11.16 -31.17
N VAL J 59 8.72 10.99 -30.00
CA VAL J 59 8.14 12.10 -29.28
C VAL J 59 9.18 13.17 -28.99
N SER J 60 10.39 12.76 -28.63
CA SER J 60 11.45 13.74 -28.34
C SER J 60 11.83 14.54 -29.59
N GLU J 61 11.87 13.86 -30.74
CA GLU J 61 12.25 14.53 -31.99
C GLU J 61 11.15 15.50 -32.47
N THR J 62 9.89 15.11 -32.29
CA THR J 62 8.79 15.98 -32.69
C THR J 62 8.78 17.24 -31.82
N TYR J 63 9.13 17.08 -30.53
CA TYR J 63 9.17 18.22 -29.63
C TYR J 63 10.29 19.17 -30.06
N ALA J 64 11.41 18.60 -30.48
CA ALA J 64 12.55 19.41 -30.92
C ALA J 64 12.14 20.23 -32.15
N ARG J 65 11.31 19.63 -33.01
CA ARG J 65 10.86 20.34 -34.21
C ARG J 65 9.91 21.46 -33.81
N ILE J 66 9.00 21.15 -32.89
CA ILE J 66 8.04 22.12 -32.41
C ILE J 66 8.75 23.35 -31.84
N LEU J 67 9.85 23.12 -31.13
CA LEU J 67 10.60 24.20 -30.52
C LEU J 67 11.17 25.18 -31.57
N LYS J 68 11.31 24.71 -32.80
CA LYS J 68 11.84 25.57 -33.86
C LYS J 68 10.74 26.31 -34.64
N ASP J 69 9.50 26.11 -34.23
CA ASP J 69 8.37 26.77 -34.88
C ASP J 69 8.21 28.18 -34.33
N PRO J 70 8.53 29.20 -35.14
CA PRO J 70 8.40 30.60 -34.69
C PRO J 70 6.98 31.02 -34.36
N ARG J 71 5.99 30.20 -34.70
CA ARG J 71 4.61 30.56 -34.41
C ARG J 71 4.26 30.52 -32.92
N HIS J 72 5.21 30.09 -32.09
CA HIS J 72 4.96 30.10 -30.65
C HIS J 72 6.29 30.24 -29.95
N HIS J 73 6.26 30.48 -28.64
CA HIS J 73 7.50 30.66 -27.90
C HIS J 73 7.31 30.41 -26.42
N SER J 74 8.40 30.52 -25.67
CA SER J 74 8.39 30.30 -24.22
C SER J 74 7.83 28.93 -23.85
N ALA J 75 8.17 27.93 -24.66
CA ALA J 75 7.71 26.57 -24.41
C ALA J 75 8.15 26.10 -23.02
N GLU J 76 7.26 25.40 -22.34
CA GLU J 76 7.54 24.85 -21.02
C GLU J 76 7.09 23.40 -20.96
N ILE J 77 7.98 22.50 -20.58
CA ILE J 77 7.65 21.09 -20.46
C ILE J 77 6.87 20.90 -19.16
N VAL J 78 5.73 20.22 -19.24
CA VAL J 78 4.91 19.97 -18.05
C VAL J 78 5.24 18.59 -17.50
N GLU J 79 5.38 17.60 -18.38
CA GLU J 79 5.78 16.26 -17.96
C GLU J 79 6.22 15.37 -19.10
N PHE J 80 7.02 14.37 -18.74
CA PHE J 80 7.52 13.38 -19.69
C PHE J 80 7.78 12.13 -18.86
N LYS J 81 7.02 11.09 -19.13
CA LYS J 81 7.15 9.84 -18.40
C LYS J 81 6.71 8.65 -19.24
N ALA J 82 7.03 7.46 -18.76
CA ALA J 82 6.65 6.24 -19.44
C ALA J 82 5.21 5.94 -19.05
N ILE J 83 4.45 5.33 -19.95
CA ILE J 83 3.06 4.98 -19.67
C ILE J 83 2.78 3.54 -20.12
N GLU J 84 1.88 2.85 -19.44
CA GLU J 84 1.56 1.47 -19.82
C GLU J 84 0.58 1.44 -20.99
N GLU J 85 -0.25 2.49 -21.10
CA GLU J 85 -1.22 2.57 -22.18
C GLU J 85 -1.55 4.02 -22.50
N ARG J 86 -1.95 4.28 -23.73
CA ARG J 86 -2.29 5.63 -24.13
C ARG J 86 -3.68 6.02 -23.65
N THR J 87 -3.90 7.32 -23.52
CA THR J 87 -5.19 7.86 -23.13
C THR J 87 -5.78 8.52 -24.37
N PHE J 88 -4.96 9.29 -25.07
CA PHE J 88 -5.41 10.01 -26.27
C PHE J 88 -5.10 9.19 -27.52
N ILE J 89 -5.89 8.14 -27.72
CA ILE J 89 -5.70 7.20 -28.82
C ILE J 89 -6.34 7.52 -30.17
N ASN J 90 -7.56 8.05 -30.12
CA ASN J 90 -8.32 8.32 -31.33
C ASN J 90 -7.75 9.24 -32.40
N TRP J 91 -6.94 10.21 -32.01
CA TRP J 91 -6.41 11.12 -33.00
C TRP J 91 -4.89 11.28 -33.03
N SER J 92 -4.32 11.27 -34.23
CA SER J 92 -2.89 11.47 -34.39
C SER J 92 -2.61 12.86 -33.84
N MET J 93 -3.63 13.71 -33.90
CA MET J 93 -3.59 15.06 -33.38
C MET J 93 -4.94 15.75 -33.61
N ARG J 94 -5.52 16.25 -32.53
CA ARG J 94 -6.80 16.94 -32.58
C ARG J 94 -6.64 18.32 -31.99
N LEU J 95 -7.28 19.31 -32.61
CA LEU J 95 -7.19 20.68 -32.12
C LEU J 95 -8.48 21.03 -31.39
N VAL J 96 -8.35 21.69 -30.24
CA VAL J 96 -9.50 22.11 -29.46
C VAL J 96 -9.32 23.59 -29.11
N GLN J 97 -10.18 24.42 -29.68
CA GLN J 97 -10.12 25.86 -29.40
C GLN J 97 -11.12 26.22 -28.30
N LEU J 98 -10.60 26.48 -27.11
CA LEU J 98 -11.45 26.83 -25.97
C LEU J 98 -12.37 28.01 -26.26
N GLY J 99 -12.01 28.79 -27.27
CA GLY J 99 -12.81 29.96 -27.62
C GLY J 99 -14.03 29.63 -28.45
N GLU J 100 -14.13 28.38 -28.90
CA GLU J 100 -15.27 27.98 -29.72
C GLU J 100 -16.15 26.98 -28.98
N MET J 101 -15.90 26.81 -27.69
CA MET J 101 -16.68 25.85 -26.91
C MET J 101 -17.75 26.57 -26.10
N ASP J 102 -18.66 25.80 -25.52
CA ASP J 102 -19.71 26.37 -24.72
C ASP J 102 -19.12 27.03 -23.46
N SER J 103 -19.54 28.26 -23.21
CA SER J 103 -19.07 29.03 -22.05
C SER J 103 -19.01 28.24 -20.75
N ASP J 104 -20.16 28.02 -20.13
CA ASP J 104 -20.24 27.30 -18.87
C ASP J 104 -19.51 25.97 -18.87
N THR J 105 -19.60 25.24 -19.98
CA THR J 105 -18.94 23.94 -20.09
C THR J 105 -17.44 24.02 -19.81
N ILE J 106 -16.78 24.96 -20.46
CA ILE J 106 -15.34 25.13 -20.29
C ILE J 106 -15.01 25.89 -19.01
N ARG J 107 -15.87 26.82 -18.63
CA ARG J 107 -15.68 27.59 -17.41
C ARG J 107 -15.48 26.63 -16.24
N ARG J 108 -16.34 25.62 -16.18
CA ARG J 108 -16.27 24.63 -15.12
C ARG J 108 -14.98 23.82 -15.22
N LEU J 109 -14.70 23.30 -16.41
CA LEU J 109 -13.51 22.50 -16.63
C LEU J 109 -12.24 23.24 -16.24
N ARG J 110 -12.14 24.49 -16.69
CA ARG J 110 -11.00 25.34 -16.40
C ARG J 110 -10.80 25.47 -14.89
N LEU J 111 -11.87 25.85 -14.20
CA LEU J 111 -11.83 26.02 -12.76
C LEU J 111 -11.47 24.71 -12.04
N LYS J 112 -12.09 23.62 -12.47
CA LYS J 112 -11.88 22.30 -11.88
C LYS J 112 -10.42 21.87 -11.76
N TYR J 113 -9.60 22.22 -12.75
CA TYR J 113 -8.21 21.82 -12.72
C TYR J 113 -7.20 22.95 -12.60
N SER J 114 -7.65 24.13 -12.18
CA SER J 114 -6.73 25.24 -12.02
C SER J 114 -7.25 26.27 -11.04
N PRO J 115 -6.35 27.10 -10.50
CA PRO J 115 -6.75 28.13 -9.55
C PRO J 115 -7.02 29.43 -10.30
N ALA J 116 -6.89 29.37 -11.63
CA ALA J 116 -7.08 30.53 -12.50
C ALA J 116 -8.51 30.75 -12.99
N ALA J 117 -8.89 32.02 -13.11
CA ALA J 117 -10.21 32.38 -13.58
C ALA J 117 -10.22 32.32 -15.12
N THR J 118 -9.04 32.31 -15.71
CA THR J 118 -8.89 32.22 -17.16
C THR J 118 -7.90 31.08 -17.43
N PHE J 119 -7.86 30.60 -18.67
CA PHE J 119 -6.96 29.51 -19.03
C PHE J 119 -5.49 29.89 -18.88
N GLN J 120 -4.82 29.30 -17.90
CA GLN J 120 -3.40 29.57 -17.67
C GLN J 120 -2.69 28.28 -17.26
N PRO J 121 -2.22 27.51 -18.25
CA PRO J 121 -1.50 26.25 -18.03
C PRO J 121 -0.26 26.36 -17.14
N ARG J 122 0.37 27.52 -17.12
CA ARG J 122 1.56 27.68 -16.30
C ARG J 122 1.22 27.58 -14.81
N SER J 123 -0.06 27.75 -14.48
CA SER J 123 -0.47 27.68 -13.08
C SER J 123 -1.02 26.29 -12.75
N MET J 124 -0.90 25.36 -13.70
CA MET J 124 -1.42 24.01 -13.53
C MET J 124 -0.31 22.98 -13.38
N THR J 125 -0.60 21.94 -12.60
CA THR J 125 0.35 20.85 -12.37
C THR J 125 0.27 19.87 -13.54
N ALA J 126 1.17 18.88 -13.55
CA ALA J 126 1.16 17.89 -14.61
C ALA J 126 -0.15 17.11 -14.60
N GLU J 127 -0.54 16.65 -13.42
CA GLU J 127 -1.78 15.87 -13.26
C GLU J 127 -2.98 16.70 -13.67
N GLN J 128 -2.95 18.00 -13.35
CA GLN J 128 -4.04 18.89 -13.71
C GLN J 128 -4.14 19.02 -15.24
N CYS J 129 -3.02 19.23 -15.91
CA CYS J 129 -3.03 19.35 -17.37
C CYS J 129 -3.51 18.04 -17.99
N PHE J 130 -3.07 16.92 -17.43
CA PHE J 130 -3.46 15.62 -17.95
C PHE J 130 -4.98 15.43 -17.89
N ARG J 131 -5.55 15.57 -16.70
CA ARG J 131 -6.98 15.39 -16.54
C ARG J 131 -7.79 16.43 -17.34
N PHE J 132 -7.27 17.65 -17.43
CA PHE J 132 -7.93 18.71 -18.18
C PHE J 132 -8.01 18.29 -19.65
N LEU J 133 -6.86 17.90 -20.21
CA LEU J 133 -6.79 17.46 -21.60
C LEU J 133 -7.63 16.20 -21.85
N LYS J 134 -7.66 15.30 -20.86
CA LYS J 134 -8.43 14.06 -21.02
C LYS J 134 -9.92 14.34 -21.12
N GLU J 135 -10.42 15.27 -20.32
CA GLU J 135 -11.83 15.59 -20.39
C GLU J 135 -12.18 16.22 -21.73
N LEU J 136 -11.30 17.07 -22.25
CA LEU J 136 -11.55 17.68 -23.56
C LEU J 136 -11.57 16.56 -24.59
N TYR J 137 -10.64 15.62 -24.45
CA TYR J 137 -10.53 14.48 -25.35
C TYR J 137 -11.85 13.71 -25.39
N ASP J 138 -12.36 13.39 -24.20
CA ASP J 138 -13.59 12.64 -24.05
C ASP J 138 -14.82 13.34 -24.63
N MET J 139 -14.89 14.67 -24.47
CA MET J 139 -16.01 15.44 -24.98
C MET J 139 -16.06 15.42 -26.51
N SER J 140 -14.90 15.17 -27.10
CA SER J 140 -14.76 15.12 -28.54
C SER J 140 -14.79 13.69 -29.06
N1 FAD K . -15.91 37.65 1.10
C2 FAD K . -15.40 37.19 -0.11
O2 FAD K . -14.89 37.94 -0.93
N3 FAD K . -15.51 35.78 -0.30
C4 FAD K . -16.08 34.84 0.62
O4 FAD K . -16.15 33.65 0.32
C4X FAD K . -16.58 35.45 1.83
N5 FAD K . -17.15 34.55 2.76
C5X FAD K . -17.63 35.08 3.97
C6 FAD K . -18.18 34.18 4.88
C7 FAD K . -18.67 34.66 6.10
C7M FAD K . -19.27 33.69 7.10
C8 FAD K . -18.61 36.09 6.40
C8M FAD K . -19.15 36.63 7.73
C9 FAD K . -18.06 36.98 5.47
C9A FAD K . -17.56 36.50 4.25
N10 FAD K . -16.99 37.40 3.30
C10 FAD K . -16.50 36.88 2.11
C1' FAD K . -16.90 38.81 3.52
C2' FAD K . -15.73 39.54 3.85
O2' FAD K . -15.58 39.43 5.30
C3' FAD K . -15.76 40.88 3.20
O3' FAD K . -16.75 41.71 3.79
C4' FAD K . -15.52 41.11 1.62
O4' FAD K . -14.47 40.16 1.16
C5' FAD K . -14.94 42.51 1.24
O5' FAD K . -14.58 43.04 -0.11
N1 FAD L . -6.85 -2.67 40.02
C2 FAD L . -6.32 -3.79 39.37
O2 FAD L . -6.57 -4.92 39.75
N3 FAD L . -5.47 -3.49 38.27
C4 FAD L . -5.14 -2.18 37.77
O4 FAD L . -4.39 -2.08 36.81
C4X FAD L . -5.77 -1.09 38.54
N5 FAD L . -5.48 0.22 38.09
C5X FAD L . -6.06 1.31 38.78
C6 FAD L . -5.79 2.61 38.33
C7 FAD L . -6.36 3.71 38.98
C7M FAD L . -6.06 5.14 38.49
C8 FAD L . -7.23 3.50 40.13
C8M FAD L . -7.85 4.70 40.85
C9 FAD L . -7.50 2.21 40.58
C9A FAD L . -6.93 1.10 39.93
N10 FAD L . -7.21 -0.21 40.39
C10 FAD L . -6.65 -1.31 39.69
C1' FAD L . -8.07 -0.46 41.52
C2' FAD L . -9.35 -1.09 41.53
O2' FAD L . -10.36 -0.02 41.39
C3' FAD L . -9.47 -2.04 42.66
O3' FAD L . -9.44 -1.40 43.93
C4' FAD L . -8.86 -3.53 42.65
O4' FAD L . -8.93 -3.99 41.25
C5' FAD L . -9.74 -4.54 43.47
O5' FAD L . -9.56 -6.00 43.70
N1 FAD M . 8.18 -37.63 14.45
C2 FAD M . 8.83 -37.20 13.31
O2 FAD M . 9.21 -37.99 12.47
N3 FAD M . 9.00 -35.79 13.23
C4 FAD M . 8.57 -34.81 14.19
O4 FAD M . 8.79 -33.59 13.99
C4X FAD M . 7.89 -35.40 15.34
N5 FAD M . 7.44 -34.49 16.32
C5X FAD M . 6.76 -35.01 17.44
C6 FAD M . 6.30 -34.13 18.39
C7 FAD M . 5.61 -34.59 19.51
C7M FAD M . 5.09 -33.60 20.57
C8 FAD M . 5.39 -36.03 19.68
C8M FAD M . 4.63 -36.55 20.90
C9 FAD M . 5.86 -36.92 18.73
C9A FAD M . 6.55 -36.45 17.59
N10 FAD M . 7.03 -37.36 16.60
C10 FAD M . 7.69 -36.85 15.49
C1' FAD M . 6.86 -38.80 16.70
C2' FAD M . 5.97 -39.63 15.98
O2' FAD M . 4.69 -39.54 16.65
C3' FAD M . 6.60 -40.97 15.73
O3' FAD M . 6.66 -41.71 16.92
C4' FAD M . 7.87 -41.18 14.79
O4' FAD M . 7.66 -40.36 13.56
C5' FAD M . 8.09 -42.66 14.30
O5' FAD M . 9.17 -43.19 13.45
N1 FAD N . 26.21 -20.29 -23.91
C2 FAD N . 26.23 -18.87 -23.83
O2 FAD N . 26.59 -18.17 -24.78
N3 FAD N . 25.79 -18.35 -22.56
C4 FAD N . 25.36 -19.10 -21.44
O4 FAD N . 25.00 -18.53 -20.42
C4X FAD N . 25.38 -20.57 -21.66
N5 FAD N . 24.93 -21.35 -20.55
C5X FAD N . 24.89 -22.75 -20.69
C6 FAD N . 24.43 -23.52 -19.61
C7 FAD N . 24.37 -24.91 -19.71
C7M FAD N . 23.86 -25.76 -18.53
C8 FAD N . 24.79 -25.56 -20.94
C8M FAD N . 24.70 -27.09 -21.06
C9 FAD N . 25.25 -24.80 -22.02
C9A FAD N . 25.32 -23.39 -21.92
N10 FAD N . 25.79 -22.59 -23.04
C10 FAD N . 25.81 -21.18 -22.89
C1' FAD N . 26.22 -23.17 -24.27
C2' FAD N . 25.57 -23.16 -25.52
O2' FAD N . 24.62 -24.29 -25.47
C3' FAD N . 26.57 -23.10 -26.63
O3' FAD N . 27.25 -24.33 -26.77
C4' FAD N . 27.48 -21.83 -26.95
O4' FAD N . 26.65 -20.61 -26.76
C5' FAD N . 27.99 -21.77 -28.42
O5' FAD N . 28.87 -20.75 -29.06
N1 FAD O . 23.96 25.51 -21.01
C2 FAD O . 23.45 25.94 -19.77
O2 FAD O . 23.18 27.13 -19.55
N3 FAD O . 23.27 24.90 -18.81
C4 FAD O . 23.55 23.51 -19.00
O4 FAD O . 23.41 22.74 -18.06
C4X FAD O . 24.07 23.19 -20.35
N5 FAD O . 24.33 21.81 -20.59
C5X FAD O . 24.82 21.44 -21.87
C6 FAD O . 25.07 20.08 -22.11
C7 FAD O . 25.55 19.66 -23.35
C7M FAD O . 25.81 18.17 -23.62
C8 FAD O . 25.80 20.64 -24.40
C8M FAD O . 26.32 20.18 -25.78
C9 FAD O . 25.56 22.00 -24.16
C9A FAD O . 25.06 22.43 -22.90
N10 FAD O . 24.80 23.83 -22.64
C10 FAD O . 24.29 24.19 -21.38
C1' FAD O . 25.02 24.85 -23.63
C2' FAD O . 24.07 25.56 -24.40
O2' FAD O . 23.77 24.72 -25.57
C3' FAD O . 24.51 26.95 -24.64
O3' FAD O . 25.57 27.04 -25.59
C4' FAD O . 24.57 28.06 -23.46
O4' FAD O . 23.40 27.81 -22.57
C5' FAD O . 24.41 29.54 -23.96
O5' FAD O . 24.41 30.82 -23.20
N1 FAD P . 2.58 36.49 18.26
C2 FAD P . 2.33 35.32 19.00
O2 FAD P . 1.66 35.35 20.02
N3 FAD P . 2.92 34.13 18.46
C4 FAD P . 3.69 34.05 17.25
O4 FAD P . 4.16 32.97 16.89
C4X FAD P . 3.87 35.32 16.58
N5 FAD P . 4.63 35.26 15.41
C5X FAD P . 4.84 36.43 14.70
C6 FAD P . 5.59 36.34 13.52
C7 FAD P . 5.84 37.48 12.76
C7M FAD P . 6.67 37.38 11.46
C8 FAD P . 5.30 38.77 13.18
C8M FAD P . 5.56 40.01 12.31
C9 FAD P . 4.55 38.87 14.35
C9A FAD P . 4.30 37.70 15.15
N10 FAD P . 3.53 37.77 16.37
C10 FAD P . 3.31 36.59 17.07
C1' FAD P . 2.98 39.00 16.88
C2' FAD P . 1.66 39.40 16.88
O2' FAD P . 1.45 40.08 15.59
C3' FAD P . 1.30 40.11 18.15
O3' FAD P . 1.91 41.37 18.28
C4' FAD P . 1.03 39.38 19.56
O4' FAD P . 0.41 38.05 19.28
C5' FAD P . -0.02 40.14 20.45
O5' FAD P . -0.55 39.81 21.81
N1 FAD Q . -28.74 3.47 28.64
C2 FAD Q . -28.51 4.57 27.80
O2 FAD Q . -28.63 5.72 28.19
N3 FAD Q . -28.08 4.22 26.47
C4 FAD Q . -27.91 2.90 25.97
O4 FAD Q . -27.55 2.73 24.80
C4X FAD Q . -28.19 1.86 26.96
N5 FAD Q . -28.01 0.54 26.50
C5X FAD Q . -28.24 -0.51 27.40
C6 FAD Q . -28.03 -1.82 26.91
C7 FAD Q . -28.24 -2.89 27.75
C7M FAD Q . -27.99 -4.33 27.23
C8 FAD Q . -28.66 -2.69 29.14
C8M FAD Q . -28.87 -3.89 30.07
C9 FAD Q . -28.87 -1.38 29.61
C9A FAD Q . -28.67 -0.28 28.75
N10 FAD Q . -28.87 1.08 29.21
C10 FAD Q . -28.62 2.12 28.32
C1' FAD Q . -29.29 1.40 30.55
C2' FAD Q . -28.50 1.91 31.59
O2' FAD Q . -27.86 0.75 32.20
C3' FAD Q . -29.29 2.84 32.45
O3' FAD Q . -30.26 2.15 33.23
C4' FAD Q . -29.75 4.32 32.01
O4' FAD Q . -28.64 4.87 31.21
C5' FAD Q . -29.95 5.30 33.22
O5' FAD Q . -30.37 6.74 33.25
N1 FAD R . -16.77 -36.47 9.44
C2 FAD R . -17.26 -35.31 10.05
O2 FAD R . -17.73 -35.34 11.18
N3 FAD R . -17.17 -34.13 9.23
C4 FAD R . -16.63 -34.06 7.92
O4 FAD R . -16.63 -32.97 7.30
C4X FAD R . -16.14 -35.37 7.41
N5 FAD R . -15.58 -35.34 6.12
C5X FAD R . -15.07 -36.53 5.58
C6 FAD R . -14.51 -36.47 4.30
C7 FAD R . -13.97 -37.63 3.70
C7M FAD R . -13.35 -37.56 2.31
C8 FAD R . -14.00 -38.90 4.42
C8M FAD R . -13.40 -40.16 3.77
C9 FAD R . -14.57 -38.95 5.71
C9A FAD R . -15.12 -37.78 6.31
N10 FAD R . -15.71 -37.81 7.63
C10 FAD R . -16.20 -36.59 8.17
C1' FAD R . -15.80 -39.02 8.41
C2' FAD R . -15.04 -39.35 9.56
O2' FAD R . -13.78 -39.93 9.05
C3' FAD R . -15.84 -40.14 10.57
O3' FAD R . -16.07 -41.50 10.17
C4' FAD R . -17.05 -39.51 11.43
O4' FAD R . -16.73 -38.12 11.78
C5' FAD R . -17.30 -40.22 12.81
O5' FAD R . -18.31 -39.91 13.84
N1 FAD S . 2.54 -26.39 -31.18
C2 FAD S . 1.81 -26.77 -30.02
O2 FAD S . 1.76 -27.94 -29.65
N3 FAD S . 1.18 -25.68 -29.35
C4 FAD S . 1.22 -24.31 -29.73
O4 FAD S . 0.58 -23.48 -29.10
C4X FAD S . 2.00 -24.05 -30.93
N5 FAD S . 2.05 -22.69 -31.32
C5X FAD S . 2.79 -22.35 -32.45
C6 FAD S . 2.83 -20.99 -32.81
C7 FAD S . 3.56 -20.59 -33.95
C7M FAD S . 3.61 -19.11 -34.34
C8 FAD S . 4.26 -21.59 -34.75
C8M FAD S . 5.04 -21.16 -35.98
C9 FAD S . 4.21 -22.95 -34.39
C9A FAD S . 3.47 -23.36 -33.24
N10 FAD S . 3.41 -24.76 -32.84
C10 FAD S . 2.68 -25.09 -31.69
C1' FAD S . 4.07 -25.82 -33.60
C2' FAD S . 5.17 -26.60 -33.19
O2' FAD S . 6.35 -25.78 -33.48
C3' FAD S . 5.10 -27.99 -33.76
O3' FAD S . 5.50 -28.03 -35.14
C4' FAD S . 3.96 -29.06 -33.38
O4' FAD S . 3.66 -28.91 -31.93
C5' FAD S . 4.38 -30.56 -33.58
O5' FAD S . 3.60 -31.80 -33.34
N1 FAD T . 4.22 18.98 -35.78
C2 FAD T . 4.05 17.58 -35.72
O2 FAD T . 4.55 16.84 -36.56
N3 FAD T . 3.26 17.13 -34.63
C4 FAD T . 2.65 17.93 -33.62
O4 FAD T . 1.98 17.38 -32.74
C4X FAD T . 2.92 19.38 -33.78
N5 FAD T . 2.36 20.22 -32.80
C5X FAD T . 2.58 21.60 -32.90
C6 FAD T . 2.02 22.41 -31.90
C7 FAD T . 2.22 23.80 -31.93
C7M FAD T . 1.63 24.70 -30.84
C8 FAD T . 3.02 24.40 -33.00
C8M FAD T . 3.25 25.91 -33.03
C9 FAD T . 3.57 23.57 -34.01
C9A FAD T . 3.37 22.17 -33.97
N10 FAD T . 3.93 21.32 -34.98
C10 FAD T . 3.72 19.93 -34.88
C1' FAD T . 4.71 21.81 -36.09
C2' FAD T . 6.11 21.82 -36.21
O2' FAD T . 6.58 22.95 -35.41
C3' FAD T . 6.52 21.71 -37.64
O3' FAD T . 6.26 22.92 -38.37
C4' FAD T . 6.39 20.36 -38.53
O4' FAD T . 6.68 19.19 -37.63
C5' FAD T . 7.41 20.27 -39.71
O5' FAD T . 7.61 19.21 -40.74
#